data_6CZX
#
_entry.id   6CZX
#
_cell.length_a   84.221
_cell.length_b   105.929
_cell.length_c   186.886
_cell.angle_alpha   90.00
_cell.angle_beta   90.00
_cell.angle_gamma   90.00
#
_symmetry.space_group_name_H-M   'P 21 21 21'
#
loop_
_entity.id
_entity.type
_entity.pdbx_description
1 polymer 'Phosphoserine aminotransferase 1, chloroplastic'
2 non-polymer 'SULFATE ION'
3 non-polymer DI(HYDROXYETHYL)ETHER
4 non-polymer (4R)-2-METHYLPENTANE-2,4-DIOL
5 water water
#
_entity_poly.entity_id   1
_entity_poly.type   'polypeptide(L)'
_entity_poly.pdbx_seq_one_letter_code
;SNARVFNFAAGPATLPENVLLKAQADLYNWRGSGMSVMEMSHRGKEFLSIIQKAESDLRQLLEIPQEYSVLFLQGGATTQ
FAALPLNLCKSDDTVDFVVTGSWGDKAVKEAKKYCKTNVIWSGKSEKYTKVPSFEELEQTPDAKYLHICANETIHGVEFK
DYPVPKNGFLVADMSSNFCSKPVDVSKFGVIYGGAQ(LLP)NVGPSGVTIVIIRKDLIGNAQDITPVMLDYKIHDENSSL
YNTPPCFGIYMCGLVFEDLLEQGGLKEVEKKNQRKADLLYNAIEESNGFFRCPVEKSVRSLMNVPFTLEKSELEAEFIKE
AAKEKMVQLKGHRSVGGMRASIYNAMPLAGVEKLVAFMKDFQAKHA
;
_entity_poly.pdbx_strand_id   A,B,C,D
#
loop_
_chem_comp.id
_chem_comp.type
_chem_comp.name
_chem_comp.formula
MRD non-polymer (4R)-2-METHYLPENTANE-2,4-DIOL 'C6 H14 O2'
PEG non-polymer DI(HYDROXYETHYL)ETHER 'C4 H10 O3'
SO4 non-polymer 'SULFATE ION' 'O4 S -2'
#
# COMPACT_ATOMS: atom_id res chain seq x y z
N SER A 1 -13.93 7.13 -8.50
CA SER A 1 -14.35 7.54 -7.12
C SER A 1 -13.45 6.92 -6.04
N ASN A 2 -13.73 7.21 -4.77
CA ASN A 2 -12.99 6.54 -3.69
C ASN A 2 -13.31 5.04 -3.62
N ALA A 3 -14.53 4.65 -3.99
CA ALA A 3 -14.89 3.25 -4.14
C ALA A 3 -14.56 2.85 -5.57
N ARG A 4 -14.33 1.57 -5.78
CA ARG A 4 -14.08 1.12 -7.15
C ARG A 4 -15.35 1.13 -7.97
N VAL A 5 -15.21 1.42 -9.26
CA VAL A 5 -16.34 1.49 -10.16
C VAL A 5 -16.59 0.18 -10.87
N PHE A 6 -17.74 0.09 -11.53
CA PHE A 6 -18.00 -0.99 -12.46
C PHE A 6 -17.40 -0.56 -13.81
N ASN A 7 -16.41 -1.33 -14.26
CA ASN A 7 -15.55 -0.92 -15.37
C ASN A 7 -15.84 -1.81 -16.59
N PHE A 8 -16.59 -1.25 -17.54
CA PHE A 8 -16.99 -1.99 -18.76
C PHE A 8 -16.02 -1.86 -19.95
N ALA A 9 -14.80 -1.43 -19.67
CA ALA A 9 -13.79 -1.27 -20.70
C ALA A 9 -13.49 -2.59 -21.43
N ALA A 10 -13.18 -2.47 -22.71
CA ALA A 10 -13.03 -3.62 -23.60
C ALA A 10 -11.61 -4.20 -23.65
N GLY A 11 -10.66 -3.53 -23.02
CA GLY A 11 -9.26 -3.97 -23.06
C GLY A 11 -8.30 -2.80 -23.11
N PRO A 12 -7.40 -2.66 -22.13
CA PRO A 12 -7.39 -3.44 -20.88
C PRO A 12 -8.74 -3.35 -20.15
N ALA A 13 -8.91 -4.19 -19.15
CA ALA A 13 -10.21 -4.39 -18.58
C ALA A 13 -10.17 -4.65 -17.09
N THR A 14 -11.35 -4.82 -16.51
CA THR A 14 -11.48 -5.11 -15.10
C THR A 14 -10.77 -6.40 -14.69
N LEU A 15 -10.20 -6.41 -13.50
CA LEU A 15 -9.53 -7.58 -12.91
C LEU A 15 -10.13 -7.92 -11.55
N PRO A 16 -9.93 -9.15 -11.07
CA PRO A 16 -10.55 -9.55 -9.79
C PRO A 16 -9.95 -8.74 -8.66
N GLU A 17 -10.81 -8.30 -7.75
CA GLU A 17 -10.31 -7.53 -6.60
C GLU A 17 -9.36 -8.31 -5.69
N ASN A 18 -9.60 -9.59 -5.52
CA ASN A 18 -8.73 -10.39 -4.70
C ASN A 18 -7.32 -10.55 -5.30
N VAL A 19 -7.25 -10.64 -6.63
CA VAL A 19 -5.98 -10.68 -7.33
C VAL A 19 -5.24 -9.35 -7.13
N LEU A 20 -5.97 -8.23 -7.28
CA LEU A 20 -5.32 -6.93 -7.11
C LEU A 20 -4.80 -6.75 -5.71
N LEU A 21 -5.60 -7.18 -4.71
CA LEU A 21 -5.19 -6.98 -3.32
C LEU A 21 -3.99 -7.89 -2.96
N LYS A 22 -3.94 -9.09 -3.56
CA LYS A 22 -2.79 -9.97 -3.35
C LYS A 22 -1.51 -9.33 -3.91
N ALA A 23 -1.64 -8.78 -5.13
CA ALA A 23 -0.52 -8.05 -5.73
C ALA A 23 -0.09 -6.86 -4.88
N GLN A 24 -1.04 -6.11 -4.34
CA GLN A 24 -0.70 -4.99 -3.46
C GLN A 24 0.09 -5.49 -2.26
N ALA A 25 -0.43 -6.51 -1.60
CA ALA A 25 0.17 -7.04 -0.37
C ALA A 25 1.62 -7.44 -0.55
N ASP A 26 1.91 -8.04 -1.70
CA ASP A 26 3.22 -8.63 -1.94
C ASP A 26 4.16 -7.73 -2.75
N LEU A 27 3.75 -6.50 -3.07
CA LEU A 27 4.47 -5.70 -4.08
C LEU A 27 5.89 -5.31 -3.65
N TYR A 28 6.07 -5.07 -2.36
CA TYR A 28 7.35 -4.57 -1.84
C TYR A 28 8.35 -5.67 -1.57
N ASN A 29 7.83 -6.84 -1.25
CA ASN A 29 8.65 -8.00 -0.83
C ASN A 29 7.81 -9.24 -1.00
N TRP A 30 8.03 -9.95 -2.09
CA TRP A 30 7.24 -11.15 -2.46
C TRP A 30 7.68 -12.34 -1.62
N ARG A 31 6.79 -12.85 -0.76
CA ARG A 31 7.07 -14.08 0.00
C ARG A 31 8.44 -14.13 0.70
N GLY A 32 8.81 -13.09 1.40
CA GLY A 32 10.15 -12.99 2.04
C GLY A 32 11.39 -13.24 1.17
N SER A 33 11.26 -13.12 -0.16
CA SER A 33 12.41 -13.19 -1.05
C SER A 33 13.30 -11.99 -0.92
N GLY A 34 12.77 -10.92 -0.36
CA GLY A 34 13.56 -9.72 -0.18
C GLY A 34 13.50 -8.71 -1.33
N MET A 35 12.55 -8.89 -2.23
CA MET A 35 12.36 -7.96 -3.36
C MET A 35 10.99 -8.10 -3.98
N SER A 36 10.63 -7.12 -4.82
CA SER A 36 9.39 -7.17 -5.58
C SER A 36 9.53 -8.12 -6.74
N VAL A 37 8.43 -8.70 -7.19
CA VAL A 37 8.43 -9.39 -8.50
C VAL A 37 9.01 -8.46 -9.59
N MET A 38 8.73 -7.16 -9.52
CA MET A 38 9.30 -6.20 -10.50
C MET A 38 10.84 -6.07 -10.56
N GLU A 39 11.51 -6.65 -9.55
CA GLU A 39 12.94 -6.54 -9.40
C GLU A 39 13.66 -7.90 -9.55
N MET A 40 12.90 -8.98 -9.76
CA MET A 40 13.47 -10.35 -9.79
C MET A 40 14.18 -10.61 -11.09
N SER A 41 15.31 -11.31 -11.00
CA SER A 41 15.94 -11.82 -12.20
C SER A 41 15.04 -12.85 -12.85
N HIS A 42 14.92 -12.80 -14.16
CA HIS A 42 14.10 -13.79 -14.86
C HIS A 42 14.73 -15.19 -14.91
N ARG A 43 16.00 -15.27 -14.55
CA ARG A 43 16.71 -16.57 -14.51
C ARG A 43 16.88 -17.08 -13.07
N GLY A 44 16.35 -16.32 -12.10
CA GLY A 44 16.42 -16.71 -10.68
C GLY A 44 15.32 -17.66 -10.27
N LYS A 45 15.49 -18.31 -9.11
CA LYS A 45 14.57 -19.39 -8.74
C LYS A 45 13.16 -18.88 -8.41
N GLU A 46 13.03 -17.66 -7.91
CA GLU A 46 11.70 -17.16 -7.60
C GLU A 46 10.90 -16.94 -8.86
N PHE A 47 11.45 -16.23 -9.82
CA PHE A 47 10.67 -16.02 -11.03
C PHE A 47 10.38 -17.32 -11.76
N LEU A 48 11.36 -18.22 -11.79
CA LEU A 48 11.10 -19.50 -12.41
C LEU A 48 9.89 -20.20 -11.81
N SER A 49 9.72 -20.13 -10.49
CA SER A 49 8.60 -20.78 -9.85
C SER A 49 7.30 -20.12 -10.30
N ILE A 50 7.30 -18.80 -10.44
CA ILE A 50 6.12 -18.05 -10.88
C ILE A 50 5.71 -18.43 -12.31
N ILE A 51 6.63 -18.35 -13.27
CA ILE A 51 6.29 -18.62 -14.64
C ILE A 51 5.88 -20.12 -14.81
N GLN A 52 6.56 -21.02 -14.10
CA GLN A 52 6.21 -22.44 -14.20
C GLN A 52 4.82 -22.71 -13.61
N LYS A 53 4.49 -22.04 -12.51
CA LYS A 53 3.18 -22.22 -11.90
C LYS A 53 2.08 -21.63 -12.80
N ALA A 54 2.37 -20.47 -13.41
CA ALA A 54 1.42 -19.87 -14.36
C ALA A 54 1.14 -20.82 -15.50
N GLU A 55 2.20 -21.43 -16.06
CA GLU A 55 1.99 -22.36 -17.18
C GLU A 55 1.20 -23.60 -16.72
N SER A 56 1.57 -24.14 -15.57
CA SER A 56 0.90 -25.32 -15.02
C SER A 56 -0.61 -25.09 -14.78
N ASP A 57 -0.91 -23.95 -14.15
CA ASP A 57 -2.30 -23.56 -13.88
C ASP A 57 -3.06 -23.34 -15.16
N LEU A 58 -2.44 -22.72 -16.15
CA LEU A 58 -3.13 -22.55 -17.43
C LEU A 58 -3.42 -23.89 -18.11
N ARG A 59 -2.44 -24.79 -18.09
CA ARG A 59 -2.60 -26.10 -18.68
C ARG A 59 -3.79 -26.83 -18.00
N GLN A 60 -3.91 -26.71 -16.68
CA GLN A 60 -5.06 -27.30 -15.97
C GLN A 60 -6.39 -26.67 -16.35
N LEU A 61 -6.45 -25.33 -16.42
CA LEU A 61 -7.70 -24.64 -16.70
C LEU A 61 -8.25 -25.04 -18.03
N LEU A 62 -7.39 -24.99 -19.05
CA LEU A 62 -7.83 -25.23 -20.45
C LEU A 62 -7.71 -26.67 -20.87
N GLU A 63 -7.18 -27.51 -19.98
CA GLU A 63 -6.94 -28.91 -20.29
C GLU A 63 -6.12 -29.00 -21.56
N ILE A 64 -4.99 -28.34 -21.53
CA ILE A 64 -4.07 -28.29 -22.67
C ILE A 64 -3.30 -29.60 -22.75
N PRO A 65 -3.34 -30.28 -23.91
CA PRO A 65 -2.62 -31.53 -24.08
C PRO A 65 -1.11 -31.36 -24.01
N GLN A 66 -0.44 -32.44 -23.63
CA GLN A 66 0.99 -32.43 -23.45
C GLN A 66 1.75 -32.06 -24.75
N GLU A 67 1.16 -32.33 -25.91
CA GLU A 67 1.85 -32.10 -27.17
C GLU A 67 1.75 -30.65 -27.67
N TYR A 68 1.26 -29.73 -26.81
CA TYR A 68 1.22 -28.26 -27.10
C TYR A 68 2.22 -27.56 -26.22
N SER A 69 2.83 -26.52 -26.77
CA SER A 69 3.64 -25.57 -25.97
C SER A 69 2.80 -24.38 -25.57
N VAL A 70 3.21 -23.78 -24.45
CA VAL A 70 2.62 -22.56 -23.90
C VAL A 70 3.72 -21.50 -23.83
N LEU A 71 3.54 -20.43 -24.59
CA LEU A 71 4.52 -19.33 -24.62
C LEU A 71 3.92 -18.07 -24.04
N PHE A 72 4.74 -17.35 -23.27
CA PHE A 72 4.37 -16.08 -22.68
C PHE A 72 5.27 -15.02 -23.32
N LEU A 73 4.68 -14.20 -24.17
CA LEU A 73 5.40 -13.27 -25.06
C LEU A 73 4.98 -11.81 -24.83
N GLN A 74 5.77 -10.90 -25.36
CA GLN A 74 5.41 -9.49 -25.46
C GLN A 74 4.92 -9.18 -26.86
N GLY A 75 4.40 -7.97 -27.04
CA GLY A 75 4.11 -7.43 -28.35
C GLY A 75 2.64 -7.43 -28.74
N GLY A 76 1.79 -7.97 -27.86
CA GLY A 76 0.33 -8.01 -28.09
C GLY A 76 -0.08 -9.01 -29.16
N ALA A 77 -1.39 -9.16 -29.33
CA ALA A 77 -1.88 -10.02 -30.36
C ALA A 77 -1.46 -9.47 -31.75
N THR A 78 -1.29 -8.16 -31.89
CA THR A 78 -0.93 -7.56 -33.20
C THR A 78 0.44 -8.04 -33.70
N THR A 79 1.37 -8.29 -32.76
CA THR A 79 2.66 -8.91 -33.13
C THR A 79 2.44 -10.33 -33.71
N GLN A 80 1.50 -11.08 -33.12
CA GLN A 80 1.16 -12.42 -33.62
C GLN A 80 0.57 -12.38 -35.04
N PHE A 81 -0.09 -11.29 -35.40
CA PHE A 81 -0.55 -11.16 -36.78
C PHE A 81 0.64 -11.34 -37.75
N ALA A 82 1.83 -10.86 -37.39
CA ALA A 82 3.03 -11.07 -38.21
C ALA A 82 3.70 -12.42 -37.89
N ALA A 83 3.83 -12.76 -36.61
CA ALA A 83 4.55 -13.97 -36.22
C ALA A 83 3.92 -15.25 -36.79
N LEU A 84 2.59 -15.28 -36.89
CA LEU A 84 1.94 -16.49 -37.34
C LEU A 84 2.41 -16.92 -38.76
N PRO A 85 2.24 -16.06 -39.77
CA PRO A 85 2.68 -16.48 -41.12
C PRO A 85 4.19 -16.54 -41.24
N LEU A 86 4.93 -15.72 -40.48
CA LEU A 86 6.37 -15.84 -40.51
C LEU A 86 6.84 -17.20 -40.04
N ASN A 87 6.19 -17.77 -39.02
CA ASN A 87 6.61 -19.07 -38.47
C ASN A 87 6.03 -20.23 -39.26
N LEU A 88 4.81 -20.08 -39.74
CA LEU A 88 4.03 -21.22 -40.21
C LEU A 88 3.94 -21.38 -41.73
N CYS A 89 4.36 -20.37 -42.49
CA CYS A 89 4.22 -20.34 -43.94
C CYS A 89 5.50 -20.01 -44.62
N LYS A 90 5.61 -20.43 -45.87
CA LYS A 90 6.58 -19.89 -46.80
C LYS A 90 5.90 -18.76 -47.53
N SER A 91 6.70 -17.94 -48.21
CA SER A 91 6.19 -16.74 -48.82
C SER A 91 5.11 -16.96 -49.87
N ASP A 92 5.08 -18.15 -50.49
CA ASP A 92 4.09 -18.43 -51.52
C ASP A 92 2.96 -19.35 -51.04
N ASP A 93 2.90 -19.63 -49.74
CA ASP A 93 1.80 -20.38 -49.19
C ASP A 93 0.58 -19.49 -49.08
N THR A 94 -0.58 -20.11 -48.94
CA THR A 94 -1.83 -19.40 -48.67
C THR A 94 -2.39 -19.67 -47.27
N VAL A 95 -2.91 -18.62 -46.62
CA VAL A 95 -3.70 -18.73 -45.40
C VAL A 95 -5.14 -18.35 -45.74
N ASP A 96 -6.05 -19.23 -45.36
CA ASP A 96 -7.47 -18.92 -45.42
C ASP A 96 -7.95 -18.18 -44.18
N PHE A 97 -8.88 -17.24 -44.37
CA PHE A 97 -9.49 -16.49 -43.29
C PHE A 97 -11.03 -16.53 -43.39
N VAL A 98 -11.68 -16.66 -42.23
CA VAL A 98 -13.09 -16.31 -42.12
C VAL A 98 -13.09 -15.00 -41.32
N VAL A 99 -13.66 -13.93 -41.87
CA VAL A 99 -13.59 -12.59 -41.27
C VAL A 99 -14.96 -12.19 -40.75
N THR A 100 -15.07 -12.21 -39.43
CA THR A 100 -16.34 -11.95 -38.74
C THR A 100 -16.36 -10.60 -38.00
N GLY A 101 -15.30 -9.83 -38.14
CA GLY A 101 -15.17 -8.51 -37.55
C GLY A 101 -13.84 -7.90 -37.93
N SER A 102 -13.54 -6.74 -37.36
CA SER A 102 -12.37 -5.95 -37.79
C SER A 102 -11.06 -6.49 -37.29
N TRP A 103 -11.05 -7.28 -36.20
CA TRP A 103 -9.81 -7.87 -35.75
C TRP A 103 -9.27 -8.90 -36.73
N GLY A 104 -10.15 -9.74 -37.26
CA GLY A 104 -9.74 -10.66 -38.33
C GLY A 104 -9.23 -9.93 -39.59
N ASP A 105 -9.86 -8.80 -39.93
CA ASP A 105 -9.45 -8.04 -41.08
C ASP A 105 -8.03 -7.49 -40.89
N LYS A 106 -7.71 -7.05 -39.67
CA LYS A 106 -6.34 -6.60 -39.43
C LYS A 106 -5.34 -7.74 -39.55
N ALA A 107 -5.72 -8.95 -39.14
CA ALA A 107 -4.85 -10.10 -39.26
C ALA A 107 -4.55 -10.42 -40.74
N VAL A 108 -5.58 -10.31 -41.57
CA VAL A 108 -5.42 -10.51 -43.04
C VAL A 108 -4.38 -9.56 -43.63
N LYS A 109 -4.56 -8.28 -43.32
CA LYS A 109 -3.72 -7.26 -43.91
C LYS A 109 -2.26 -7.44 -43.54
N GLU A 110 -2.01 -7.79 -42.27
CA GLU A 110 -0.61 -8.00 -41.83
C GLU A 110 -0.01 -9.25 -42.46
N ALA A 111 -0.83 -10.30 -42.59
CA ALA A 111 -0.33 -11.52 -43.15
C ALA A 111 0.11 -11.38 -44.59
N LYS A 112 -0.52 -10.45 -45.33
CA LYS A 112 -0.10 -10.22 -46.73
C LYS A 112 1.37 -9.84 -46.91
N LYS A 113 2.00 -9.33 -45.86
CA LYS A 113 3.42 -9.01 -45.99
C LYS A 113 4.27 -10.25 -46.16
N TYR A 114 3.74 -11.41 -45.72
CA TYR A 114 4.55 -12.61 -45.48
C TYR A 114 4.11 -13.85 -46.24
N CYS A 115 2.88 -13.87 -46.75
CA CYS A 115 2.36 -15.00 -47.54
C CYS A 115 1.14 -14.53 -48.32
N LYS A 116 0.45 -15.45 -48.99
CA LYS A 116 -0.77 -15.12 -49.70
C LYS A 116 -1.93 -15.32 -48.79
N THR A 117 -2.95 -14.48 -48.94
CA THR A 117 -4.15 -14.62 -48.11
C THR A 117 -5.36 -14.82 -48.97
N ASN A 118 -6.34 -15.54 -48.39
CA ASN A 118 -7.65 -15.71 -49.00
C ASN A 118 -8.78 -15.55 -47.97
N VAL A 119 -9.60 -14.53 -48.12
CA VAL A 119 -10.75 -14.32 -47.24
C VAL A 119 -11.89 -15.11 -47.91
N ILE A 120 -12.22 -16.25 -47.31
CA ILE A 120 -13.30 -17.11 -47.80
C ILE A 120 -14.66 -16.43 -47.72
N TRP A 121 -14.90 -15.79 -46.59
CA TRP A 121 -16.17 -15.20 -46.26
C TRP A 121 -15.91 -14.01 -45.36
N SER A 122 -16.61 -12.90 -45.60
CA SER A 122 -16.54 -11.72 -44.78
C SER A 122 -17.95 -11.30 -44.38
N GLY A 123 -18.10 -10.90 -43.11
CA GLY A 123 -19.39 -10.44 -42.59
C GLY A 123 -19.64 -8.98 -42.84
N LYS A 124 -18.70 -8.31 -43.47
CA LYS A 124 -18.74 -6.86 -43.61
C LYS A 124 -20.04 -6.32 -44.23
N SER A 125 -20.54 -7.02 -45.23
CA SER A 125 -21.74 -6.58 -45.98
C SER A 125 -22.97 -6.43 -45.09
N GLU A 126 -23.02 -7.14 -43.98
CA GLU A 126 -24.15 -7.00 -43.06
C GLU A 126 -23.69 -6.47 -41.72
N LYS A 127 -22.65 -5.65 -41.74
CA LYS A 127 -22.13 -4.95 -40.57
C LYS A 127 -21.61 -5.88 -39.46
N TYR A 128 -21.09 -7.03 -39.87
CA TYR A 128 -20.47 -8.00 -38.96
C TYR A 128 -21.43 -8.44 -37.86
N THR A 129 -22.47 -9.16 -38.28
CA THR A 129 -23.51 -9.59 -37.36
C THR A 129 -23.76 -11.07 -37.35
N LYS A 130 -22.99 -11.83 -38.14
CA LYS A 130 -23.22 -13.27 -38.29
C LYS A 130 -21.94 -14.07 -38.41
N VAL A 131 -22.08 -15.38 -38.24
CA VAL A 131 -21.02 -16.35 -38.55
C VAL A 131 -21.55 -17.22 -39.67
N PRO A 132 -20.73 -17.52 -40.69
CA PRO A 132 -21.28 -18.37 -41.75
C PRO A 132 -21.50 -19.82 -41.36
N SER A 133 -22.42 -20.47 -42.05
CA SER A 133 -22.47 -21.92 -42.03
C SER A 133 -21.15 -22.51 -42.56
N PHE A 134 -20.61 -23.50 -41.85
CA PHE A 134 -19.24 -23.96 -42.10
C PHE A 134 -19.10 -24.89 -43.30
N GLU A 135 -20.09 -25.72 -43.50
CA GLU A 135 -20.04 -26.73 -44.52
C GLU A 135 -19.82 -26.11 -45.89
N GLU A 136 -20.40 -24.93 -46.12
CA GLU A 136 -20.41 -24.30 -47.44
C GLU A 136 -19.25 -23.38 -47.69
N LEU A 137 -18.36 -23.22 -46.70
CA LEU A 137 -17.12 -22.49 -46.93
C LEU A 137 -16.17 -23.21 -47.87
N GLU A 138 -15.78 -22.53 -48.94
CA GLU A 138 -14.89 -23.08 -49.93
CA GLU A 138 -14.88 -23.09 -49.91
C GLU A 138 -13.45 -22.83 -49.47
N GLN A 139 -12.83 -23.84 -48.88
CA GLN A 139 -11.43 -23.69 -48.42
C GLN A 139 -10.43 -23.95 -49.55
N THR A 140 -9.30 -23.25 -49.51
CA THR A 140 -8.23 -23.37 -50.50
C THR A 140 -7.52 -24.73 -50.36
N PRO A 141 -7.50 -25.54 -51.45
CA PRO A 141 -7.02 -26.89 -51.33
C PRO A 141 -5.67 -27.08 -50.70
N ASP A 142 -4.75 -26.15 -50.88
CA ASP A 142 -3.44 -26.29 -50.23
C ASP A 142 -3.15 -25.27 -49.11
N ALA A 143 -4.20 -24.67 -48.53
CA ALA A 143 -3.98 -23.63 -47.50
C ALA A 143 -3.27 -24.22 -46.29
N LYS A 144 -2.31 -23.47 -45.74
CA LYS A 144 -1.54 -23.94 -44.59
C LYS A 144 -2.37 -24.01 -43.35
N TYR A 145 -3.22 -22.99 -43.19
CA TYR A 145 -4.14 -22.95 -42.06
C TYR A 145 -5.32 -22.07 -42.38
N LEU A 146 -6.32 -22.24 -41.53
CA LEU A 146 -7.53 -21.45 -41.51
C LEU A 146 -7.53 -20.56 -40.24
N HIS A 147 -7.71 -19.25 -40.39
CA HIS A 147 -7.66 -18.31 -39.28
C HIS A 147 -9.05 -17.75 -38.97
N ILE A 148 -9.40 -17.78 -37.70
CA ILE A 148 -10.60 -17.12 -37.22
C ILE A 148 -10.26 -16.22 -36.04
N CYS A 149 -11.10 -15.23 -35.83
CA CYS A 149 -11.10 -14.50 -34.56
C CYS A 149 -12.33 -15.05 -33.79
N ALA A 150 -12.08 -15.76 -32.70
CA ALA A 150 -13.18 -16.49 -32.02
C ALA A 150 -14.19 -15.54 -31.35
N ASN A 151 -13.74 -14.37 -30.91
CA ASN A 151 -14.59 -13.34 -30.35
C ASN A 151 -14.20 -12.01 -30.86
N GLU A 152 -15.07 -11.43 -31.70
CA GLU A 152 -14.80 -10.17 -32.36
C GLU A 152 -15.21 -9.08 -31.41
N THR A 153 -14.22 -8.46 -30.78
CA THR A 153 -14.42 -7.60 -29.61
C THR A 153 -15.26 -6.35 -29.84
N ILE A 154 -15.19 -5.79 -31.04
CA ILE A 154 -15.93 -4.60 -31.37
C ILE A 154 -17.36 -4.97 -31.78
N HIS A 155 -17.51 -6.08 -32.47
CA HIS A 155 -18.73 -6.41 -33.18
C HIS A 155 -19.64 -7.38 -32.43
N GLY A 156 -19.12 -7.97 -31.38
CA GLY A 156 -19.94 -8.82 -30.51
C GLY A 156 -20.33 -10.16 -31.10
N VAL A 157 -19.53 -10.68 -32.03
CA VAL A 157 -19.79 -11.93 -32.70
C VAL A 157 -18.83 -12.98 -32.20
N GLU A 158 -19.39 -14.07 -31.66
CA GLU A 158 -18.59 -15.14 -31.01
C GLU A 158 -18.84 -16.52 -31.61
N PHE A 159 -17.75 -17.24 -31.92
CA PHE A 159 -17.90 -18.63 -32.36
C PHE A 159 -18.30 -19.46 -31.15
N LYS A 160 -19.31 -20.31 -31.34
CA LYS A 160 -19.68 -21.29 -30.34
C LYS A 160 -19.11 -22.65 -30.73
N ASP A 161 -19.38 -23.10 -31.96
CA ASP A 161 -18.71 -24.26 -32.54
C ASP A 161 -17.65 -23.74 -33.48
N TYR A 162 -16.76 -24.63 -33.91
CA TYR A 162 -15.61 -24.24 -34.72
C TYR A 162 -15.63 -24.97 -36.06
N PRO A 163 -15.20 -24.27 -37.13
CA PRO A 163 -15.06 -24.94 -38.43
C PRO A 163 -13.96 -25.96 -38.44
N VAL A 164 -14.08 -26.97 -39.30
CA VAL A 164 -13.00 -27.95 -39.46
C VAL A 164 -12.11 -27.55 -40.67
N PRO A 165 -10.81 -27.35 -40.45
CA PRO A 165 -9.96 -26.99 -41.60
C PRO A 165 -9.82 -28.16 -42.56
N LYS A 166 -9.80 -27.87 -43.85
CA LYS A 166 -9.82 -28.92 -44.87
C LYS A 166 -8.39 -29.45 -45.04
N ASN A 167 -7.45 -28.61 -45.49
CA ASN A 167 -6.11 -29.09 -45.75
C ASN A 167 -5.17 -29.00 -44.53
N GLY A 168 -5.30 -27.92 -43.77
CA GLY A 168 -4.33 -27.59 -42.73
C GLY A 168 -4.90 -27.62 -41.34
N PHE A 169 -4.44 -26.68 -40.50
CA PHE A 169 -4.87 -26.62 -39.09
C PHE A 169 -5.63 -25.32 -38.83
N LEU A 170 -6.23 -25.22 -37.65
CA LEU A 170 -7.09 -24.09 -37.28
C LEU A 170 -6.31 -23.18 -36.36
N VAL A 171 -6.36 -21.88 -36.62
CA VAL A 171 -5.73 -20.85 -35.77
C VAL A 171 -6.81 -19.90 -35.31
N ALA A 172 -6.82 -19.61 -34.02
CA ALA A 172 -7.83 -18.72 -33.43
C ALA A 172 -7.24 -17.66 -32.53
N ASP A 173 -7.61 -16.43 -32.85
CA ASP A 173 -7.41 -15.27 -31.99
C ASP A 173 -8.52 -15.31 -30.95
N MET A 174 -8.15 -15.73 -29.75
CA MET A 174 -9.10 -15.76 -28.61
C MET A 174 -8.83 -14.67 -27.58
N SER A 175 -8.21 -13.58 -28.02
CA SER A 175 -7.88 -12.46 -27.09
C SER A 175 -9.03 -12.10 -26.17
N SER A 176 -10.21 -11.86 -26.72
CA SER A 176 -11.30 -11.31 -25.87
C SER A 176 -12.27 -12.36 -25.30
N ASN A 177 -12.00 -13.65 -25.52
CA ASN A 177 -12.72 -14.67 -24.75
C ASN A 177 -11.82 -15.75 -24.15
N PHE A 178 -10.54 -15.47 -23.99
CA PHE A 178 -9.56 -16.44 -23.52
C PHE A 178 -9.87 -16.81 -22.05
N CYS A 179 -9.97 -18.11 -21.77
CA CYS A 179 -10.34 -18.62 -20.42
C CYS A 179 -11.71 -18.13 -19.94
N SER A 180 -12.67 -17.97 -20.88
CA SER A 180 -14.07 -17.66 -20.54
C SER A 180 -14.90 -18.93 -20.50
N LYS A 181 -14.31 -20.03 -20.92
CA LYS A 181 -15.07 -21.29 -21.14
C LYS A 181 -14.14 -22.39 -21.59
N PRO A 182 -14.58 -23.63 -21.49
CA PRO A 182 -13.69 -24.69 -21.98
C PRO A 182 -13.51 -24.63 -23.50
N VAL A 183 -12.34 -25.09 -23.95
CA VAL A 183 -12.00 -25.16 -25.33
C VAL A 183 -11.32 -26.49 -25.54
N ASP A 184 -11.74 -27.24 -26.55
CA ASP A 184 -11.05 -28.45 -26.93
C ASP A 184 -9.79 -28.04 -27.76
N VAL A 185 -8.67 -27.90 -27.06
CA VAL A 185 -7.45 -27.36 -27.66
C VAL A 185 -6.97 -28.21 -28.81
N SER A 186 -7.24 -29.50 -28.75
CA SER A 186 -6.73 -30.42 -29.75
C SER A 186 -7.31 -30.13 -31.16
N LYS A 187 -8.44 -29.42 -31.24
CA LYS A 187 -8.98 -28.97 -32.51
C LYS A 187 -8.18 -27.89 -33.23
N PHE A 188 -7.19 -27.30 -32.55
CA PHE A 188 -6.45 -26.18 -33.07
C PHE A 188 -4.96 -26.50 -33.21
N GLY A 189 -4.33 -25.87 -34.18
CA GLY A 189 -2.91 -25.82 -34.22
C GLY A 189 -2.35 -24.69 -33.36
N VAL A 190 -3.00 -23.52 -33.38
CA VAL A 190 -2.59 -22.38 -32.54
C VAL A 190 -3.80 -21.65 -31.97
N ILE A 191 -3.72 -21.36 -30.68
CA ILE A 191 -4.65 -20.41 -30.02
C ILE A 191 -3.77 -19.31 -29.48
N TYR A 192 -4.15 -18.05 -29.68
CA TYR A 192 -3.38 -16.95 -29.15
C TYR A 192 -4.27 -15.86 -28.64
N GLY A 193 -3.70 -15.04 -27.76
CA GLY A 193 -4.48 -13.90 -27.23
C GLY A 193 -3.65 -12.97 -26.41
N GLY A 194 -3.93 -11.68 -26.53
CA GLY A 194 -3.45 -10.72 -25.52
C GLY A 194 -4.09 -11.05 -24.16
N ALA A 195 -3.32 -10.91 -23.09
CA ALA A 195 -3.83 -11.18 -21.76
C ALA A 195 -4.83 -10.13 -21.27
N GLN A 196 -4.75 -8.94 -21.84
CA GLN A 196 -5.31 -7.77 -21.17
C GLN A 196 -6.82 -7.78 -21.11
N1 LLP A 197 -7.54 -9.25 -31.35
C2 LLP A 197 -8.64 -9.00 -30.61
C2' LLP A 197 -9.81 -9.94 -30.65
C3 LLP A 197 -8.65 -7.87 -29.71
O3 LLP A 197 -9.73 -7.55 -28.97
C4 LLP A 197 -7.48 -7.00 -29.68
C4' LLP A 197 -7.48 -5.83 -28.74
C5 LLP A 197 -6.33 -7.39 -30.52
C6 LLP A 197 -6.44 -8.50 -31.31
C5' LLP A 197 -5.08 -6.52 -30.54
OP4 LLP A 197 -4.34 -6.85 -29.35
P LLP A 197 -3.05 -5.94 -28.94
OP1 LLP A 197 -2.51 -6.68 -27.77
OP2 LLP A 197 -2.10 -6.02 -30.12
OP3 LLP A 197 -3.63 -4.59 -28.67
N LLP A 197 -7.49 -8.55 -21.94
CA LLP A 197 -8.93 -8.51 -21.97
CB LLP A 197 -9.48 -9.01 -23.32
CG LLP A 197 -9.34 -8.00 -24.46
CD LLP A 197 -8.06 -7.98 -25.29
CE LLP A 197 -8.27 -7.42 -26.72
NZ LLP A 197 -7.44 -6.34 -27.34
C LLP A 197 -9.48 -9.32 -20.84
O LLP A 197 -10.23 -8.79 -20.03
N ASN A 198 -9.09 -10.59 -20.72
CA ASN A 198 -9.74 -11.52 -19.77
C ASN A 198 -8.87 -12.16 -18.67
N VAL A 199 -7.53 -12.13 -18.76
CA VAL A 199 -6.64 -12.86 -17.84
C VAL A 199 -5.40 -12.14 -17.23
N GLY A 200 -5.33 -10.83 -17.41
CA GLY A 200 -4.21 -10.08 -16.80
C GLY A 200 -4.15 -8.69 -17.35
N PRO A 201 -3.05 -7.99 -17.06
CA PRO A 201 -2.81 -6.67 -17.59
C PRO A 201 -2.19 -6.71 -18.97
N SER A 202 -2.15 -5.57 -19.66
CA SER A 202 -1.49 -5.50 -20.94
CA SER A 202 -1.48 -5.49 -20.95
C SER A 202 0.01 -5.69 -20.81
N GLY A 203 0.61 -6.22 -21.86
CA GLY A 203 2.05 -6.47 -21.90
C GLY A 203 2.44 -7.92 -22.03
N VAL A 204 1.45 -8.82 -21.91
CA VAL A 204 1.64 -10.26 -22.02
C VAL A 204 0.69 -10.76 -23.10
N THR A 205 1.22 -11.59 -23.98
CA THR A 205 0.42 -12.31 -24.97
C THR A 205 0.71 -13.81 -24.82
N ILE A 206 -0.33 -14.63 -24.91
CA ILE A 206 -0.19 -16.05 -24.74
C ILE A 206 -0.38 -16.75 -26.08
N VAL A 207 0.54 -17.67 -26.39
CA VAL A 207 0.46 -18.49 -27.57
C VAL A 207 0.50 -19.96 -27.16
N ILE A 208 -0.54 -20.70 -27.56
CA ILE A 208 -0.63 -22.12 -27.32
C ILE A 208 -0.49 -22.78 -28.69
N ILE A 209 0.58 -23.53 -28.91
CA ILE A 209 0.94 -24.00 -30.26
C ILE A 209 1.31 -25.49 -30.21
N ARG A 210 0.70 -26.25 -31.12
CA ARG A 210 1.03 -27.68 -31.23
C ARG A 210 2.56 -27.83 -31.52
N LYS A 211 3.25 -28.69 -30.78
CA LYS A 211 4.71 -28.79 -30.91
C LYS A 211 5.21 -29.17 -32.29
N ASP A 212 4.44 -29.94 -33.01
CA ASP A 212 4.87 -30.29 -34.34
C ASP A 212 4.82 -29.16 -35.38
N LEU A 213 4.29 -28.02 -34.99
CA LEU A 213 4.24 -26.85 -35.89
C LEU A 213 5.35 -25.83 -35.62
N ILE A 214 6.14 -26.07 -34.59
CA ILE A 214 7.23 -25.17 -34.18
C ILE A 214 8.47 -25.46 -35.03
N GLY A 215 9.10 -24.42 -35.55
CA GLY A 215 10.34 -24.55 -36.30
C GLY A 215 10.16 -24.10 -37.73
N ASN A 216 11.28 -23.97 -38.43
CA ASN A 216 11.27 -23.61 -39.84
C ASN A 216 10.54 -22.29 -40.15
N ALA A 217 10.71 -21.29 -39.29
CA ALA A 217 10.23 -19.94 -39.62
C ALA A 217 10.99 -19.38 -40.84
N GLN A 218 10.38 -18.40 -41.50
CA GLN A 218 11.06 -17.74 -42.59
C GLN A 218 12.35 -17.07 -42.14
N ASP A 219 13.35 -16.98 -43.03
CA ASP A 219 14.63 -16.41 -42.66
C ASP A 219 14.56 -14.97 -42.15
N ILE A 220 13.58 -14.22 -42.62
CA ILE A 220 13.43 -12.82 -42.23
C ILE A 220 12.70 -12.66 -40.88
N THR A 221 12.33 -13.77 -40.26
CA THR A 221 11.67 -13.67 -38.95
C THR A 221 12.60 -13.05 -37.90
N PRO A 222 12.16 -11.95 -37.25
CA PRO A 222 12.99 -11.47 -36.12
C PRO A 222 13.15 -12.57 -35.07
N VAL A 223 14.29 -12.62 -34.41
CA VAL A 223 14.48 -13.65 -33.39
C VAL A 223 13.36 -13.55 -32.34
N MET A 224 12.92 -12.32 -32.02
CA MET A 224 11.87 -12.13 -31.02
C MET A 224 10.46 -12.57 -31.48
N LEU A 225 10.29 -12.88 -32.76
CA LEU A 225 9.03 -13.42 -33.27
C LEU A 225 9.08 -14.92 -33.56
N ASP A 226 10.21 -15.56 -33.27
CA ASP A 226 10.48 -16.94 -33.67
C ASP A 226 10.00 -17.93 -32.60
N TYR A 227 9.01 -18.76 -32.95
CA TYR A 227 8.42 -19.67 -31.98
C TYR A 227 9.40 -20.68 -31.42
N LYS A 228 10.28 -21.21 -32.27
CA LYS A 228 11.28 -22.18 -31.82
C LYS A 228 12.21 -21.60 -30.79
N ILE A 229 12.62 -20.35 -30.98
CA ILE A 229 13.47 -19.64 -30.01
C ILE A 229 12.76 -19.53 -28.68
N HIS A 230 11.51 -19.11 -28.72
CA HIS A 230 10.75 -18.95 -27.49
C HIS A 230 10.53 -20.31 -26.79
N ASP A 231 10.19 -21.33 -27.56
CA ASP A 231 9.85 -22.62 -27.00
C ASP A 231 11.10 -23.27 -26.39
N GLU A 232 12.20 -23.27 -27.14
CA GLU A 232 13.39 -23.95 -26.62
C GLU A 232 14.01 -23.21 -25.40
N ASN A 233 13.66 -21.93 -25.23
CA ASN A 233 14.12 -21.16 -24.09
C ASN A 233 13.02 -20.97 -23.03
N SER A 234 11.88 -21.68 -23.18
CA SER A 234 10.78 -21.61 -22.22
C SER A 234 10.33 -20.17 -21.91
N SER A 235 10.26 -19.33 -22.94
CA SER A 235 9.80 -17.94 -22.84
C SER A 235 10.82 -17.03 -22.12
N LEU A 236 12.07 -17.50 -21.99
CA LEU A 236 13.09 -16.74 -21.32
C LEU A 236 14.31 -16.49 -22.25
N TYR A 237 14.08 -16.37 -23.57
CA TYR A 237 15.19 -16.09 -24.47
C TYR A 237 15.78 -14.72 -24.16
N ASN A 238 14.90 -13.74 -24.06
CA ASN A 238 15.27 -12.40 -23.59
C ASN A 238 14.52 -12.15 -22.30
N THR A 239 14.52 -10.90 -21.83
CA THR A 239 13.84 -10.59 -20.58
C THR A 239 12.33 -10.59 -20.79
N PRO A 240 11.60 -11.52 -20.14
CA PRO A 240 10.15 -11.54 -20.33
C PRO A 240 9.42 -10.43 -19.58
N PRO A 241 8.10 -10.27 -19.80
CA PRO A 241 7.29 -9.32 -19.03
C PRO A 241 6.97 -9.95 -17.63
N CYS A 242 7.93 -9.92 -16.72
CA CYS A 242 7.87 -10.68 -15.48
C CYS A 242 6.60 -10.37 -14.69
N PHE A 243 6.37 -9.09 -14.47
CA PHE A 243 5.26 -8.70 -13.62
C PHE A 243 3.91 -9.05 -14.22
N GLY A 244 3.78 -8.84 -15.53
CA GLY A 244 2.61 -9.25 -16.25
C GLY A 244 2.35 -10.73 -16.14
N ILE A 245 3.40 -11.54 -16.27
CA ILE A 245 3.22 -13.00 -16.17
C ILE A 245 2.78 -13.40 -14.75
N TYR A 246 3.43 -12.80 -13.76
CA TYR A 246 3.01 -12.97 -12.34
C TYR A 246 1.50 -12.65 -12.19
N MET A 247 1.05 -11.52 -12.73
CA MET A 247 -0.34 -11.14 -12.62
C MET A 247 -1.25 -12.17 -13.31
N CYS A 248 -0.90 -12.61 -14.51
CA CYS A 248 -1.65 -13.66 -15.18
C CYS A 248 -1.73 -14.93 -14.28
N GLY A 249 -0.60 -15.29 -13.67
CA GLY A 249 -0.55 -16.43 -12.78
C GLY A 249 -1.55 -16.31 -11.65
N LEU A 250 -1.66 -15.12 -11.06
CA LEU A 250 -2.67 -14.91 -9.98
C LEU A 250 -4.08 -15.15 -10.51
N VAL A 251 -4.36 -14.64 -11.69
CA VAL A 251 -5.69 -14.81 -12.28
C VAL A 251 -6.00 -16.27 -12.56
N PHE A 252 -5.03 -17.02 -13.08
CA PHE A 252 -5.27 -18.44 -13.37
C PHE A 252 -5.53 -19.20 -12.08
N GLU A 253 -4.74 -18.93 -11.06
CA GLU A 253 -4.88 -19.61 -9.76
C GLU A 253 -6.30 -19.33 -9.25
N ASP A 254 -6.77 -18.10 -9.39
CA ASP A 254 -8.10 -17.74 -8.90
C ASP A 254 -9.21 -18.38 -9.73
N LEU A 255 -9.04 -18.48 -11.03
CA LEU A 255 -10.05 -19.18 -11.83
C LEU A 255 -10.16 -20.66 -11.46
N LEU A 256 -9.05 -21.27 -11.12
CA LEU A 256 -9.13 -22.62 -10.61
C LEU A 256 -9.88 -22.69 -9.28
N GLU A 257 -9.65 -21.72 -8.42
CA GLU A 257 -10.37 -21.65 -7.13
C GLU A 257 -11.86 -21.48 -7.32
N GLN A 258 -12.26 -20.79 -8.38
CA GLN A 258 -13.67 -20.60 -8.67
C GLN A 258 -14.35 -21.88 -9.16
N GLY A 259 -13.59 -22.94 -9.39
CA GLY A 259 -14.13 -24.16 -9.92
C GLY A 259 -13.77 -24.45 -11.36
N GLY A 260 -12.84 -23.69 -11.96
CA GLY A 260 -12.45 -23.95 -13.36
C GLY A 260 -13.42 -23.41 -14.40
N LEU A 261 -13.10 -23.67 -15.66
CA LEU A 261 -13.77 -23.00 -16.74
C LEU A 261 -15.21 -23.42 -16.99
N LYS A 262 -15.64 -24.61 -16.54
CA LYS A 262 -17.07 -24.90 -16.64
C LYS A 262 -17.89 -23.94 -15.78
N GLU A 263 -17.38 -23.64 -14.60
CA GLU A 263 -18.06 -22.74 -13.68
C GLU A 263 -17.99 -21.32 -14.18
N VAL A 264 -16.82 -20.93 -14.67
CA VAL A 264 -16.65 -19.62 -15.27
C VAL A 264 -17.64 -19.41 -16.40
N GLU A 265 -17.80 -20.40 -17.29
CA GLU A 265 -18.76 -20.30 -18.39
C GLU A 265 -20.20 -20.12 -17.86
N LYS A 266 -20.59 -20.87 -16.82
CA LYS A 266 -21.94 -20.74 -16.27
C LYS A 266 -22.22 -19.34 -15.77
N LYS A 267 -21.27 -18.76 -15.05
CA LYS A 267 -21.45 -17.39 -14.58
C LYS A 267 -21.50 -16.37 -15.72
N ASN A 268 -20.67 -16.58 -16.74
CA ASN A 268 -20.65 -15.69 -17.88
C ASN A 268 -21.95 -15.77 -18.65
N GLN A 269 -22.48 -16.98 -18.80
CA GLN A 269 -23.76 -17.13 -19.51
C GLN A 269 -24.88 -16.44 -18.75
N ARG A 270 -24.90 -16.63 -17.45
CA ARG A 270 -25.93 -16.09 -16.58
C ARG A 270 -25.97 -14.56 -16.70
N LYS A 271 -24.82 -13.92 -16.56
CA LYS A 271 -24.81 -12.45 -16.55
C LYS A 271 -25.05 -11.85 -17.93
N ALA A 272 -24.52 -12.51 -18.98
CA ALA A 272 -24.80 -12.06 -20.34
C ALA A 272 -26.32 -12.13 -20.65
N ASP A 273 -26.94 -13.21 -20.25
CA ASP A 273 -28.37 -13.37 -20.45
C ASP A 273 -29.21 -12.26 -19.82
N LEU A 274 -28.83 -11.76 -18.66
CA LEU A 274 -29.60 -10.67 -18.06
C LEU A 274 -29.62 -9.46 -18.98
N LEU A 275 -28.47 -9.16 -19.59
CA LEU A 275 -28.32 -7.97 -20.43
C LEU A 275 -29.01 -8.18 -21.76
N TYR A 276 -28.80 -9.32 -22.42
CA TYR A 276 -29.44 -9.56 -23.72
C TYR A 276 -30.98 -9.61 -23.57
N ASN A 277 -31.46 -10.19 -22.47
CA ASN A 277 -32.91 -10.22 -22.19
C ASN A 277 -33.49 -8.83 -21.92
N ALA A 278 -32.75 -8.00 -21.19
CA ALA A 278 -33.18 -6.61 -21.00
C ALA A 278 -33.37 -5.92 -22.36
N ILE A 279 -32.41 -6.12 -23.26
CA ILE A 279 -32.44 -5.52 -24.58
C ILE A 279 -33.65 -6.05 -25.35
N GLU A 280 -33.79 -7.37 -25.38
CA GLU A 280 -34.81 -7.99 -26.22
C GLU A 280 -36.22 -7.68 -25.73
N GLU A 281 -36.36 -7.44 -24.45
CA GLU A 281 -37.68 -7.15 -23.87
C GLU A 281 -38.04 -5.66 -23.88
N SER A 282 -37.21 -4.83 -24.48
CA SER A 282 -37.36 -3.37 -24.37
C SER A 282 -38.25 -2.81 -25.45
N ASN A 283 -38.90 -3.68 -26.24
CA ASN A 283 -39.78 -3.26 -27.32
C ASN A 283 -39.08 -2.32 -28.29
N GLY A 284 -37.79 -2.59 -28.54
CA GLY A 284 -37.01 -1.83 -29.52
C GLY A 284 -36.35 -0.56 -29.02
N PHE A 285 -36.52 -0.25 -27.73
CA PHE A 285 -35.87 0.93 -27.13
C PHE A 285 -34.35 0.78 -27.22
N PHE A 286 -33.88 -0.40 -26.80
CA PHE A 286 -32.49 -0.81 -27.00
C PHE A 286 -32.42 -1.88 -28.09
N ARG A 287 -31.37 -1.85 -28.90
CA ARG A 287 -31.16 -2.85 -29.97
C ARG A 287 -29.75 -3.42 -30.01
N CYS A 288 -29.70 -4.73 -30.18
CA CYS A 288 -28.46 -5.46 -30.47
C CYS A 288 -28.54 -6.02 -31.88
N PRO A 289 -27.58 -5.67 -32.76
CA PRO A 289 -27.64 -6.06 -34.18
C PRO A 289 -27.16 -7.48 -34.48
N VAL A 290 -26.56 -8.14 -33.50
CA VAL A 290 -25.93 -9.45 -33.74
C VAL A 290 -26.96 -10.58 -33.76
N GLU A 291 -26.77 -11.51 -34.68
CA GLU A 291 -27.62 -12.68 -34.79
C GLU A 291 -27.60 -13.52 -33.49
N LYS A 292 -28.76 -13.98 -33.06
CA LYS A 292 -28.91 -14.49 -31.70
C LYS A 292 -27.90 -15.58 -31.33
N SER A 293 -27.69 -16.55 -32.22
CA SER A 293 -26.90 -17.75 -31.91
C SER A 293 -25.41 -17.49 -31.77
N VAL A 294 -24.95 -16.33 -32.23
CA VAL A 294 -23.54 -15.97 -32.12
C VAL A 294 -23.26 -14.72 -31.26
N ARG A 295 -24.21 -14.35 -30.41
CA ARG A 295 -24.02 -13.19 -29.50
C ARG A 295 -22.94 -13.48 -28.48
N SER A 296 -21.91 -12.61 -28.43
CA SER A 296 -20.79 -12.74 -27.52
C SER A 296 -21.23 -12.69 -26.06
N LEU A 297 -20.66 -13.59 -25.26
CA LEU A 297 -20.86 -13.49 -23.79
C LEU A 297 -19.93 -12.42 -23.16
N MET A 298 -18.96 -11.93 -23.94
CA MET A 298 -17.94 -11.01 -23.45
C MET A 298 -18.18 -9.55 -23.82
N ASN A 299 -18.60 -9.30 -25.06
CA ASN A 299 -18.79 -7.92 -25.52
C ASN A 299 -20.18 -7.77 -26.11
N VAL A 300 -20.97 -6.84 -25.55
CA VAL A 300 -22.36 -6.64 -25.92
C VAL A 300 -22.54 -5.24 -26.53
N PRO A 301 -22.54 -5.14 -27.86
CA PRO A 301 -22.91 -3.86 -28.48
C PRO A 301 -24.42 -3.67 -28.56
N PHE A 302 -24.86 -2.44 -28.28
CA PHE A 302 -26.25 -2.09 -28.41
C PHE A 302 -26.42 -0.58 -28.61
N THR A 303 -27.52 -0.23 -29.25
CA THR A 303 -27.81 1.15 -29.61
C THR A 303 -29.18 1.51 -29.05
N LEU A 304 -29.54 2.78 -29.14
CA LEU A 304 -30.90 3.21 -28.87
C LEU A 304 -31.61 3.54 -30.15
N GLU A 305 -32.91 3.26 -30.20
CA GLU A 305 -33.72 3.78 -31.28
C GLU A 305 -33.60 5.32 -31.30
N LYS A 306 -33.71 5.94 -30.12
CA LYS A 306 -33.49 7.39 -30.01
C LYS A 306 -32.00 7.65 -29.79
N SER A 307 -31.24 7.56 -30.85
CA SER A 307 -29.78 7.66 -30.78
CA SER A 307 -29.78 7.65 -30.74
C SER A 307 -29.30 9.00 -30.20
N GLU A 308 -30.12 10.04 -30.32
CA GLU A 308 -29.78 11.35 -29.73
C GLU A 308 -29.61 11.27 -28.21
N LEU A 309 -30.15 10.22 -27.57
CA LEU A 309 -30.05 10.05 -26.11
C LEU A 309 -28.81 9.23 -25.69
N GLU A 310 -28.07 8.70 -26.65
CA GLU A 310 -26.93 7.82 -26.30
C GLU A 310 -25.88 8.52 -25.45
N ALA A 311 -25.50 9.74 -25.83
CA ALA A 311 -24.52 10.47 -25.03
C ALA A 311 -25.00 10.66 -23.58
N GLU A 312 -26.27 11.00 -23.42
CA GLU A 312 -26.86 11.12 -22.08
C GLU A 312 -26.85 9.79 -21.31
N PHE A 313 -27.25 8.70 -21.98
CA PHE A 313 -27.18 7.36 -21.36
C PHE A 313 -25.78 7.07 -20.80
N ILE A 314 -24.77 7.29 -21.63
CA ILE A 314 -23.39 7.04 -21.25
C ILE A 314 -22.92 7.94 -20.09
N LYS A 315 -23.21 9.23 -20.18
CA LYS A 315 -22.80 10.19 -19.14
C LYS A 315 -23.48 9.90 -17.80
N GLU A 316 -24.78 9.60 -17.83
CA GLU A 316 -25.52 9.31 -16.62
C GLU A 316 -25.09 7.98 -16.04
N ALA A 317 -24.72 7.01 -16.88
CA ALA A 317 -24.29 5.70 -16.33
C ALA A 317 -22.98 5.86 -15.59
N ALA A 318 -22.09 6.68 -16.16
CA ALA A 318 -20.81 7.01 -15.52
C ALA A 318 -21.02 7.72 -14.18
N LYS A 319 -22.02 8.60 -14.10
CA LYS A 319 -22.34 9.22 -12.82
C LYS A 319 -22.74 8.18 -11.80
N GLU A 320 -23.38 7.11 -12.24
CA GLU A 320 -23.70 5.97 -11.36
C GLU A 320 -22.65 4.83 -11.34
N LYS A 321 -21.40 5.19 -11.61
CA LYS A 321 -20.23 4.33 -11.46
C LYS A 321 -20.19 3.15 -12.43
N MET A 322 -20.79 3.33 -13.61
CA MET A 322 -20.71 2.33 -14.68
C MET A 322 -20.03 3.03 -15.83
N VAL A 323 -18.73 2.75 -16.00
CA VAL A 323 -17.90 3.51 -16.92
C VAL A 323 -17.45 2.74 -18.17
N GLN A 324 -17.00 3.50 -19.15
CA GLN A 324 -16.46 2.96 -20.41
C GLN A 324 -17.48 2.13 -21.18
N LEU A 325 -18.73 2.63 -21.20
CA LEU A 325 -19.83 2.01 -21.95
C LEU A 325 -19.95 2.52 -23.40
N LYS A 326 -19.18 3.52 -23.80
CA LYS A 326 -19.33 4.09 -25.16
C LYS A 326 -18.97 3.06 -26.22
N GLY A 327 -19.78 2.97 -27.27
CA GLY A 327 -19.52 2.03 -28.35
C GLY A 327 -18.58 2.58 -29.40
N HIS A 328 -18.30 1.75 -30.40
CA HIS A 328 -17.39 2.08 -31.49
C HIS A 328 -17.96 3.14 -32.42
N ARG A 329 -17.04 3.97 -32.90
CA ARG A 329 -17.40 5.14 -33.68
C ARG A 329 -18.19 4.79 -34.96
N SER A 330 -18.01 3.57 -35.46
CA SER A 330 -18.71 3.08 -36.66
C SER A 330 -20.24 2.93 -36.44
N VAL A 331 -20.64 2.59 -35.21
CA VAL A 331 -22.05 2.27 -34.91
C VAL A 331 -22.69 3.20 -33.87
N GLY A 332 -21.82 3.83 -33.08
CA GLY A 332 -22.26 4.61 -31.96
C GLY A 332 -22.86 3.68 -30.94
N GLY A 333 -23.85 4.18 -30.23
CA GLY A 333 -24.43 3.45 -29.14
C GLY A 333 -23.36 3.08 -28.13
N MET A 334 -23.56 1.90 -27.57
CA MET A 334 -22.86 1.48 -26.40
C MET A 334 -22.18 0.14 -26.62
N ARG A 335 -21.21 -0.17 -25.79
CA ARG A 335 -20.63 -1.54 -25.77
C ARG A 335 -20.36 -1.86 -24.30
N ALA A 336 -21.07 -2.85 -23.78
CA ALA A 336 -20.83 -3.32 -22.43
C ALA A 336 -19.94 -4.55 -22.49
N SER A 337 -18.69 -4.39 -22.08
CA SER A 337 -17.75 -5.52 -22.01
C SER A 337 -17.91 -6.09 -20.63
N ILE A 338 -18.21 -7.38 -20.58
CA ILE A 338 -18.60 -8.09 -19.38
C ILE A 338 -17.76 -9.36 -19.21
N TYR A 339 -16.47 -9.14 -19.04
CA TYR A 339 -15.48 -10.20 -18.98
C TYR A 339 -15.64 -11.02 -17.68
N ASN A 340 -14.81 -12.07 -17.54
CA ASN A 340 -14.88 -12.94 -16.38
C ASN A 340 -15.00 -12.14 -15.07
N ALA A 341 -14.15 -11.12 -14.92
CA ALA A 341 -14.05 -10.42 -13.65
C ALA A 341 -15.10 -9.30 -13.40
N MET A 342 -15.98 -9.05 -14.37
CA MET A 342 -17.10 -8.13 -14.16
C MET A 342 -18.04 -8.75 -13.14
N PRO A 343 -18.23 -8.10 -11.99
CA PRO A 343 -19.15 -8.70 -11.04
C PRO A 343 -20.56 -8.82 -11.58
N LEU A 344 -21.25 -9.88 -11.20
CA LEU A 344 -22.69 -9.99 -11.50
C LEU A 344 -23.45 -8.71 -11.11
N ALA A 345 -23.08 -8.12 -9.97
CA ALA A 345 -23.76 -6.93 -9.50
C ALA A 345 -23.62 -5.75 -10.46
N GLY A 346 -22.53 -5.70 -11.24
CA GLY A 346 -22.37 -4.63 -12.18
C GLY A 346 -23.33 -4.80 -13.33
N VAL A 347 -23.53 -6.04 -13.76
CA VAL A 347 -24.46 -6.30 -14.85
C VAL A 347 -25.89 -5.99 -14.36
N GLU A 348 -26.20 -6.39 -13.14
CA GLU A 348 -27.51 -6.07 -12.54
C GLU A 348 -27.73 -4.57 -12.41
N LYS A 349 -26.70 -3.82 -12.05
CA LYS A 349 -26.86 -2.38 -11.96
C LYS A 349 -27.15 -1.76 -13.35
N LEU A 350 -26.45 -2.23 -14.37
CA LEU A 350 -26.66 -1.72 -15.73
C LEU A 350 -28.08 -2.01 -16.22
N VAL A 351 -28.51 -3.24 -15.99
CA VAL A 351 -29.87 -3.64 -16.37
C VAL A 351 -30.91 -2.75 -15.65
N ALA A 352 -30.70 -2.49 -14.36
CA ALA A 352 -31.69 -1.67 -13.62
C ALA A 352 -31.69 -0.21 -14.13
N PHE A 353 -30.50 0.26 -14.51
CA PHE A 353 -30.30 1.60 -15.05
C PHE A 353 -31.00 1.71 -16.40
N MET A 354 -30.84 0.68 -17.22
CA MET A 354 -31.53 0.63 -18.51
C MET A 354 -33.05 0.74 -18.34
N LYS A 355 -33.59 -0.04 -17.41
CA LYS A 355 -35.03 0.02 -17.05
C LYS A 355 -35.49 1.43 -16.76
N ASP A 356 -34.78 2.04 -15.82
CA ASP A 356 -35.09 3.40 -15.36
CA ASP A 356 -35.12 3.39 -15.37
C ASP A 356 -35.00 4.38 -16.52
N PHE A 357 -33.96 4.23 -17.34
CA PHE A 357 -33.74 5.10 -18.49
C PHE A 357 -34.91 5.00 -19.46
N GLN A 358 -35.28 3.76 -19.76
CA GLN A 358 -36.37 3.52 -20.69
C GLN A 358 -37.68 4.13 -20.22
N ALA A 359 -37.96 3.96 -18.93
CA ALA A 359 -39.17 4.53 -18.31
C ALA A 359 -39.18 6.06 -18.41
N LYS A 360 -38.04 6.67 -18.10
CA LYS A 360 -37.91 8.11 -18.17
C LYS A 360 -38.04 8.68 -19.60
N HIS A 361 -37.58 7.93 -20.60
CA HIS A 361 -37.45 8.49 -21.95
C HIS A 361 -38.35 7.84 -23.00
N ALA A 362 -39.26 6.96 -22.58
CA ALA A 362 -40.12 6.30 -23.55
C ALA A 362 -41.01 7.34 -24.25
N ASN B 2 12.84 -11.28 7.06
CA ASN B 2 12.13 -10.85 5.80
C ASN B 2 12.34 -9.35 5.46
N ALA B 3 13.55 -8.86 5.65
CA ALA B 3 13.91 -7.52 5.23
C ALA B 3 14.25 -7.58 3.73
N ARG B 4 14.23 -6.42 3.09
CA ARG B 4 14.66 -6.37 1.70
C ARG B 4 16.16 -6.58 1.62
N VAL B 5 16.57 -7.28 0.59
CA VAL B 5 17.98 -7.53 0.35
C VAL B 5 18.64 -6.47 -0.54
N PHE B 6 19.96 -6.47 -0.55
CA PHE B 6 20.70 -5.73 -1.55
C PHE B 6 20.79 -6.57 -2.80
N ASN B 7 20.20 -6.06 -3.88
CA ASN B 7 19.92 -6.86 -5.06
C ASN B 7 20.81 -6.39 -6.20
N PHE B 8 21.89 -7.13 -6.44
CA PHE B 8 22.89 -6.77 -7.44
C PHE B 8 22.56 -7.33 -8.83
N ALA B 9 21.29 -7.77 -9.07
CA ALA B 9 20.98 -8.35 -10.39
C ALA B 9 21.15 -7.34 -11.54
N ALA B 10 21.52 -7.88 -12.71
CA ALA B 10 21.89 -7.10 -13.89
C ALA B 10 20.70 -6.71 -14.77
N GLY B 11 19.50 -7.23 -14.48
CA GLY B 11 18.31 -6.90 -15.26
C GLY B 11 17.37 -8.09 -15.39
N PRO B 12 16.10 -7.95 -14.98
CA PRO B 12 15.60 -6.87 -14.16
C PRO B 12 16.42 -6.63 -12.92
N ALA B 13 16.12 -5.51 -12.28
CA ALA B 13 17.01 -4.98 -11.28
C ALA B 13 16.28 -4.23 -10.16
N THR B 14 17.08 -3.77 -9.22
CA THR B 14 16.53 -3.09 -8.03
C THR B 14 15.85 -1.75 -8.44
N LEU B 15 14.76 -1.43 -7.74
CA LEU B 15 14.00 -0.21 -7.98
C LEU B 15 13.95 0.64 -6.69
N PRO B 16 13.71 1.94 -6.82
CA PRO B 16 13.65 2.77 -5.61
C PRO B 16 12.51 2.34 -4.69
N GLU B 17 12.78 2.21 -3.40
CA GLU B 17 11.75 1.80 -2.45
C GLU B 17 10.58 2.78 -2.40
N ASN B 18 10.83 4.08 -2.45
CA ASN B 18 9.71 5.05 -2.47
C ASN B 18 8.78 4.85 -3.68
N VAL B 19 9.36 4.52 -4.85
CA VAL B 19 8.62 4.23 -6.05
C VAL B 19 7.79 2.96 -5.89
N LEU B 20 8.38 1.91 -5.35
CA LEU B 20 7.62 0.68 -5.12
C LEU B 20 6.41 0.92 -4.17
N LEU B 21 6.65 1.69 -3.12
CA LEU B 21 5.61 1.99 -2.14
C LEU B 21 4.50 2.87 -2.73
N LYS B 22 4.85 3.82 -3.61
CA LYS B 22 3.85 4.61 -4.30
C LYS B 22 2.98 3.70 -5.16
N ALA B 23 3.63 2.83 -5.89
CA ALA B 23 2.92 1.88 -6.75
C ALA B 23 1.99 1.00 -5.89
N GLN B 24 2.46 0.56 -4.72
CA GLN B 24 1.64 -0.26 -3.87
C GLN B 24 0.38 0.52 -3.45
N ALA B 25 0.57 1.75 -3.05
CA ALA B 25 -0.51 2.58 -2.58
C ALA B 25 -1.53 2.92 -3.65
N ASP B 26 -1.09 2.99 -4.90
CA ASP B 26 -1.96 3.34 -6.04
C ASP B 26 -2.63 2.10 -6.69
N LEU B 27 -2.18 0.89 -6.33
CA LEU B 27 -2.41 -0.30 -7.13
CA LEU B 27 -2.41 -0.28 -7.15
C LEU B 27 -3.88 -0.64 -7.29
N TYR B 28 -4.62 -0.58 -6.20
CA TYR B 28 -6.05 -1.02 -6.21
C TYR B 28 -6.98 0.03 -6.83
N ASN B 29 -6.63 1.30 -6.65
CA ASN B 29 -7.46 2.41 -7.07
C ASN B 29 -6.54 3.62 -7.25
N TRP B 30 -6.17 3.92 -8.49
CA TRP B 30 -5.23 5.01 -8.80
C TRP B 30 -5.92 6.34 -8.66
N ARG B 31 -5.49 7.13 -7.69
CA ARG B 31 -6.04 8.47 -7.47
C ARG B 31 -7.54 8.61 -7.49
N GLY B 32 -8.27 7.71 -6.84
CA GLY B 32 -9.72 7.80 -6.84
C GLY B 32 -10.40 7.77 -8.20
N SER B 33 -9.69 7.27 -9.23
CA SER B 33 -10.27 7.02 -10.51
C SER B 33 -11.24 5.86 -10.47
N GLY B 34 -11.14 5.02 -9.45
CA GLY B 34 -12.01 3.89 -9.32
C GLY B 34 -11.51 2.58 -9.91
N MET B 35 -10.24 2.56 -10.31
CA MET B 35 -9.62 1.34 -10.87
C MET B 35 -8.11 1.42 -10.79
N SER B 36 -7.47 0.28 -11.01
CA SER B 36 -6.04 0.19 -11.10
C SER B 36 -5.55 0.74 -12.43
N VAL B 37 -4.30 1.20 -12.47
CA VAL B 37 -3.63 1.42 -13.75
C VAL B 37 -3.71 0.17 -14.64
N MET B 38 -3.62 -1.02 -14.04
CA MET B 38 -3.69 -2.29 -14.78
C MET B 38 -5.03 -2.55 -15.44
N GLU B 39 -6.08 -1.75 -15.11
CA GLU B 39 -7.43 -1.91 -15.65
C GLU B 39 -7.90 -0.75 -16.55
N MET B 40 -7.05 0.28 -16.72
CA MET B 40 -7.39 1.47 -17.48
C MET B 40 -7.41 1.21 -18.97
N SER B 41 -8.34 1.86 -19.64
CA SER B 41 -8.28 1.97 -21.09
C SER B 41 -7.06 2.81 -21.49
N HIS B 42 -6.32 2.30 -22.48
CA HIS B 42 -5.15 3.06 -22.98
C HIS B 42 -5.57 4.28 -23.80
N ARG B 43 -6.84 4.37 -24.13
CA ARG B 43 -7.34 5.56 -24.81
C ARG B 43 -8.17 6.47 -23.89
N GLY B 44 -8.20 6.17 -22.60
CA GLY B 44 -8.91 6.94 -21.62
C GLY B 44 -8.11 8.10 -21.10
N LYS B 45 -8.78 9.04 -20.45
CA LYS B 45 -8.07 10.23 -20.07
C LYS B 45 -7.02 9.99 -18.98
N GLU B 46 -7.25 9.05 -18.08
CA GLU B 46 -6.30 8.82 -16.99
C GLU B 46 -4.99 8.27 -17.58
N PHE B 47 -5.08 7.25 -18.40
CA PHE B 47 -3.85 6.71 -19.00
C PHE B 47 -3.14 7.71 -19.89
N LEU B 48 -3.91 8.52 -20.61
CA LEU B 48 -3.30 9.51 -21.47
C LEU B 48 -2.47 10.49 -20.62
N SER B 49 -2.99 10.88 -19.45
CA SER B 49 -2.23 11.76 -18.58
C SER B 49 -0.92 11.12 -18.11
N ILE B 50 -0.96 9.83 -17.81
CA ILE B 50 0.21 9.08 -17.33
C ILE B 50 1.30 9.00 -18.42
N ILE B 51 0.92 8.61 -19.62
CA ILE B 51 1.93 8.46 -20.69
C ILE B 51 2.49 9.83 -21.12
N GLN B 52 1.62 10.85 -21.15
CA GLN B 52 2.09 12.15 -21.52
C GLN B 52 3.05 12.71 -20.48
N LYS B 53 2.74 12.49 -19.19
CA LYS B 53 3.64 12.95 -18.13
C LYS B 53 4.95 12.18 -18.15
N ALA B 54 4.87 10.88 -18.37
CA ALA B 54 6.10 10.08 -18.51
C ALA B 54 7.05 10.62 -19.64
N GLU B 55 6.45 10.97 -20.78
CA GLU B 55 7.22 11.48 -21.90
C GLU B 55 7.84 12.82 -21.50
N SER B 56 7.03 13.70 -20.89
CA SER B 56 7.53 15.03 -20.56
C SER B 56 8.66 14.91 -19.58
N ASP B 57 8.44 14.10 -18.55
CA ASP B 57 9.45 13.94 -17.51
C ASP B 57 10.76 13.38 -18.10
N LEU B 58 10.67 12.37 -18.93
CA LEU B 58 11.86 11.84 -19.58
C LEU B 58 12.53 12.90 -20.49
N ARG B 59 11.74 13.65 -21.27
CA ARG B 59 12.35 14.72 -22.06
C ARG B 59 13.10 15.73 -21.19
N GLN B 60 12.52 16.11 -20.06
CA GLN B 60 13.23 17.01 -19.13
C GLN B 60 14.52 16.39 -18.56
N LEU B 61 14.44 15.12 -18.23
CA LEU B 61 15.55 14.47 -17.54
C LEU B 61 16.76 14.29 -18.45
N LEU B 62 16.55 13.78 -19.65
CA LEU B 62 17.64 13.56 -20.60
C LEU B 62 17.88 14.76 -21.56
N GLU B 63 17.03 15.80 -21.46
CA GLU B 63 17.08 16.94 -22.34
C GLU B 63 16.92 16.53 -23.80
N ILE B 64 15.76 15.94 -24.07
CA ILE B 64 15.43 15.43 -25.38
C ILE B 64 14.60 16.49 -26.14
N PRO B 65 15.20 17.11 -27.16
CA PRO B 65 14.49 18.22 -27.85
C PRO B 65 13.38 17.74 -28.77
N GLN B 66 12.55 18.68 -29.22
CA GLN B 66 11.38 18.31 -30.00
C GLN B 66 11.70 17.75 -31.39
N GLU B 67 12.94 17.84 -31.85
CA GLU B 67 13.32 17.23 -33.12
CA GLU B 67 13.45 17.22 -33.09
C GLU B 67 13.41 15.69 -33.00
N TYR B 68 13.24 15.16 -31.78
CA TYR B 68 13.24 13.74 -31.50
C TYR B 68 11.87 13.27 -31.00
N SER B 69 11.45 12.10 -31.48
CA SER B 69 10.32 11.38 -30.91
C SER B 69 10.74 10.45 -29.79
N VAL B 70 9.85 10.24 -28.85
CA VAL B 70 10.07 9.31 -27.74
C VAL B 70 8.96 8.25 -27.80
N LEU B 71 9.38 7.01 -27.98
CA LEU B 71 8.45 5.89 -28.14
C LEU B 71 8.55 4.94 -26.96
N PHE B 72 7.40 4.48 -26.46
CA PHE B 72 7.32 3.51 -25.36
C PHE B 72 6.78 2.22 -25.99
N LEU B 73 7.62 1.21 -26.10
CA LEU B 73 7.29 0.00 -26.88
C LEU B 73 7.43 -1.27 -26.05
N GLN B 74 6.92 -2.39 -26.57
CA GLN B 74 7.19 -3.71 -26.05
C GLN B 74 8.26 -4.41 -26.87
N GLY B 75 8.68 -5.56 -26.38
CA GLY B 75 9.52 -6.48 -27.13
C GLY B 75 10.95 -6.56 -26.69
N GLY B 76 11.36 -5.69 -25.77
CA GLY B 76 12.73 -5.68 -25.33
C GLY B 76 13.67 -4.99 -26.30
N ALA B 77 14.89 -4.72 -25.83
CA ALA B 77 15.91 -4.26 -26.72
C ALA B 77 16.17 -5.24 -27.86
N THR B 78 15.98 -6.53 -27.62
CA THR B 78 16.25 -7.52 -28.64
C THR B 78 15.31 -7.32 -29.88
N THR B 79 14.09 -6.83 -29.65
CA THR B 79 13.22 -6.54 -30.78
C THR B 79 13.82 -5.38 -31.58
N GLN B 80 14.42 -4.40 -30.89
CA GLN B 80 15.05 -3.27 -31.59
C GLN B 80 16.26 -3.69 -32.45
N PHE B 81 16.94 -4.76 -32.07
CA PHE B 81 17.99 -5.29 -32.95
C PHE B 81 17.47 -5.59 -34.37
N ALA B 82 16.20 -6.01 -34.49
CA ALA B 82 15.60 -6.14 -35.80
C ALA B 82 14.97 -4.86 -36.31
N ALA B 83 14.25 -4.13 -35.45
CA ALA B 83 13.55 -2.92 -35.88
C ALA B 83 14.49 -1.88 -36.46
N LEU B 84 15.70 -1.73 -35.90
CA LEU B 84 16.60 -0.66 -36.35
C LEU B 84 16.88 -0.81 -37.83
N PRO B 85 17.47 -1.94 -38.26
CA PRO B 85 17.75 -2.02 -39.72
C PRO B 85 16.51 -2.14 -40.59
N LEU B 86 15.44 -2.76 -40.08
CA LEU B 86 14.18 -2.82 -40.82
C LEU B 86 13.64 -1.40 -41.13
N ASN B 87 13.75 -0.51 -40.17
CA ASN B 87 13.27 0.86 -40.36
C ASN B 87 14.22 1.78 -41.11
N LEU B 88 15.51 1.60 -40.87
CA LEU B 88 16.51 2.62 -41.22
C LEU B 88 17.32 2.30 -42.46
N CYS B 89 17.21 1.07 -42.91
CA CYS B 89 18.00 0.55 -43.99
C CYS B 89 17.14 -0.09 -45.08
N LYS B 90 17.67 -0.01 -46.30
CA LYS B 90 17.32 -0.91 -47.40
C LYS B 90 18.14 -2.18 -47.22
N SER B 91 17.68 -3.27 -47.85
CA SER B 91 18.34 -4.54 -47.75
C SER B 91 19.79 -4.57 -48.23
N ASP B 92 20.18 -3.64 -49.09
CA ASP B 92 21.57 -3.58 -49.56
C ASP B 92 22.34 -2.39 -49.01
N ASP B 93 21.79 -1.69 -48.01
CA ASP B 93 22.56 -0.70 -47.24
C ASP B 93 23.55 -1.38 -46.32
N THR B 94 24.50 -0.62 -45.81
CA THR B 94 25.52 -1.14 -44.88
C THR B 94 25.42 -0.35 -43.55
N VAL B 95 25.50 -1.06 -42.46
CA VAL B 95 25.60 -0.53 -41.11
C VAL B 95 26.96 -0.88 -40.50
N ASP B 96 27.66 0.10 -39.92
CA ASP B 96 28.88 -0.18 -39.21
C ASP B 96 28.58 -0.49 -37.74
N PHE B 97 29.33 -1.44 -37.19
CA PHE B 97 29.27 -1.79 -35.79
C PHE B 97 30.63 -1.64 -35.10
N VAL B 98 30.66 -1.02 -33.93
CA VAL B 98 31.80 -1.10 -33.00
C VAL B 98 31.36 -2.06 -31.92
N VAL B 99 32.03 -3.20 -31.81
CA VAL B 99 31.57 -4.24 -30.88
C VAL B 99 32.51 -4.28 -29.67
N THR B 100 32.00 -3.87 -28.52
CA THR B 100 32.75 -3.79 -27.29
C THR B 100 32.33 -4.86 -26.25
N GLY B 101 31.37 -5.72 -26.61
CA GLY B 101 30.93 -6.79 -25.78
C GLY B 101 29.86 -7.61 -26.46
N SER B 102 29.27 -8.52 -25.71
CA SER B 102 28.39 -9.53 -26.32
C SER B 102 27.02 -9.00 -26.73
N TRP B 103 26.57 -7.89 -26.15
CA TRP B 103 25.30 -7.32 -26.59
C TRP B 103 25.42 -6.75 -28.01
N GLY B 104 26.52 -6.05 -28.28
CA GLY B 104 26.77 -5.55 -29.64
C GLY B 104 26.87 -6.69 -30.66
N ASP B 105 27.48 -7.80 -30.26
CA ASP B 105 27.59 -8.97 -31.09
C ASP B 105 26.19 -9.55 -31.42
N LYS B 106 25.28 -9.53 -30.46
CA LYS B 106 23.91 -9.99 -30.75
C LYS B 106 23.21 -9.05 -31.73
N ALA B 107 23.45 -7.75 -31.59
CA ALA B 107 22.89 -6.75 -32.53
C ALA B 107 23.38 -6.94 -33.95
N VAL B 108 24.68 -7.24 -34.11
CA VAL B 108 25.24 -7.56 -35.41
C VAL B 108 24.50 -8.77 -36.03
N LYS B 109 24.40 -9.86 -35.29
CA LYS B 109 23.82 -11.10 -35.81
C LYS B 109 22.40 -10.92 -36.33
N GLU B 110 21.60 -10.16 -35.59
CA GLU B 110 20.21 -9.94 -35.99
C GLU B 110 20.18 -8.99 -37.20
N ALA B 111 21.03 -7.95 -37.22
CA ALA B 111 21.01 -7.00 -38.37
C ALA B 111 21.35 -7.68 -39.69
N LYS B 112 22.18 -8.72 -39.66
CA LYS B 112 22.57 -9.46 -40.90
C LYS B 112 21.37 -9.99 -41.63
N LYS B 113 20.27 -10.19 -40.94
CA LYS B 113 19.06 -10.68 -41.62
C LYS B 113 18.47 -9.65 -42.55
N TYR B 114 18.78 -8.38 -42.31
CA TYR B 114 18.02 -7.28 -42.91
C TYR B 114 18.82 -6.32 -43.77
N CYS B 115 20.14 -6.30 -43.60
CA CYS B 115 20.98 -5.45 -44.39
C CYS B 115 22.40 -5.98 -44.29
N LYS B 116 23.34 -5.27 -44.90
CA LYS B 116 24.75 -5.60 -44.77
C LYS B 116 25.39 -5.02 -43.52
N THR B 117 26.34 -5.74 -42.94
CA THR B 117 27.00 -5.32 -41.73
C THR B 117 28.49 -5.29 -41.92
N ASN B 118 29.13 -4.27 -41.37
CA ASN B 118 30.59 -4.22 -41.25
C ASN B 118 30.97 -3.99 -39.77
N VAL B 119 31.63 -4.97 -39.15
CA VAL B 119 32.17 -4.81 -37.82
C VAL B 119 33.53 -4.14 -38.00
N ILE B 120 33.56 -2.85 -37.80
CA ILE B 120 34.77 -2.09 -38.05
C ILE B 120 35.77 -2.18 -36.91
N TRP B 121 35.33 -2.60 -35.72
CA TRP B 121 36.22 -2.83 -34.58
C TRP B 121 35.54 -3.79 -33.66
N SER B 122 36.32 -4.75 -33.14
CA SER B 122 35.83 -5.68 -32.10
C SER B 122 36.82 -5.84 -30.97
N GLY B 123 36.31 -5.87 -29.75
CA GLY B 123 37.13 -5.98 -28.56
C GLY B 123 37.39 -7.42 -28.21
N LYS B 124 36.86 -8.36 -28.98
CA LYS B 124 36.86 -9.76 -28.57
C LYS B 124 38.27 -10.34 -28.31
N SER B 125 39.23 -9.95 -29.12
CA SER B 125 40.56 -10.53 -29.00
C SER B 125 41.24 -10.18 -27.67
N GLU B 126 40.77 -9.17 -26.97
CA GLU B 126 41.28 -8.90 -25.63
C GLU B 126 40.20 -9.03 -24.59
N LYS B 127 39.26 -9.91 -24.88
CA LYS B 127 38.22 -10.33 -23.96
C LYS B 127 37.32 -9.17 -23.56
N TYR B 128 37.12 -8.27 -24.54
CA TYR B 128 36.17 -7.15 -24.38
C TYR B 128 36.50 -6.30 -23.15
N THR B 129 37.65 -5.64 -23.21
CA THR B 129 38.11 -4.84 -22.10
C THR B 129 38.39 -3.37 -22.44
N LYS B 130 38.17 -2.98 -23.70
CA LYS B 130 38.55 -1.65 -24.16
C LYS B 130 37.53 -1.06 -25.12
N VAL B 131 37.64 0.23 -25.28
CA VAL B 131 36.92 0.96 -26.31
C VAL B 131 37.99 1.45 -27.29
N PRO B 132 37.71 1.36 -28.61
CA PRO B 132 38.70 1.81 -29.59
C PRO B 132 39.00 3.31 -29.55
N SER B 133 40.19 3.66 -30.01
CA SER B 133 40.48 5.04 -30.35
C SER B 133 39.63 5.43 -31.57
N PHE B 134 38.83 6.49 -31.44
CA PHE B 134 37.86 6.82 -32.47
C PHE B 134 38.51 7.28 -33.80
N GLU B 135 39.58 8.06 -33.66
CA GLU B 135 40.28 8.65 -34.79
C GLU B 135 40.81 7.57 -35.73
N GLU B 136 41.16 6.42 -35.18
CA GLU B 136 41.68 5.31 -35.97
C GLU B 136 40.64 4.35 -36.57
N LEU B 137 39.35 4.51 -36.23
CA LEU B 137 38.31 3.66 -36.83
C LEU B 137 38.25 3.91 -38.32
N GLU B 138 38.13 2.84 -39.09
CA GLU B 138 37.99 2.91 -40.54
C GLU B 138 36.51 2.71 -40.84
N GLN B 139 35.80 3.83 -40.90
CA GLN B 139 34.35 3.81 -41.09
C GLN B 139 33.98 3.67 -42.54
N THR B 140 32.89 2.95 -42.81
CA THR B 140 32.44 2.76 -44.16
C THR B 140 31.89 4.08 -44.70
N PRO B 141 32.40 4.55 -45.86
CA PRO B 141 32.03 5.89 -46.32
C PRO B 141 30.58 6.14 -46.62
N ASP B 142 29.79 5.10 -46.95
CA ASP B 142 28.38 5.29 -47.20
C ASP B 142 27.51 4.53 -46.18
N ALA B 143 28.06 4.28 -44.99
CA ALA B 143 27.28 3.59 -43.95
C ALA B 143 26.01 4.39 -43.66
N LYS B 144 24.90 3.68 -43.47
CA LYS B 144 23.66 4.30 -43.08
C LYS B 144 23.72 4.81 -41.63
N TYR B 145 24.30 3.98 -40.75
CA TYR B 145 24.49 4.34 -39.33
C TYR B 145 25.59 3.52 -38.69
N LEU B 146 26.04 3.97 -37.52
CA LEU B 146 27.10 3.38 -36.72
C LEU B 146 26.47 2.98 -35.41
N HIS B 147 26.54 1.70 -35.08
CA HIS B 147 25.91 1.16 -33.86
C HIS B 147 26.96 0.86 -32.81
N ILE B 148 26.69 1.39 -31.62
CA ILE B 148 27.43 1.05 -30.42
C ILE B 148 26.50 0.55 -29.34
N CYS B 149 27.07 -0.22 -28.43
CA CYS B 149 26.41 -0.52 -27.14
C CYS B 149 27.13 0.34 -26.11
N ALA B 150 26.42 1.31 -25.55
CA ALA B 150 27.08 2.34 -24.75
C ALA B 150 27.61 1.76 -23.46
N ASN B 151 26.96 0.74 -22.94
CA ASN B 151 27.37 0.09 -21.69
C ASN B 151 27.14 -1.39 -21.88
N GLU B 152 28.25 -2.13 -21.99
CA GLU B 152 28.20 -3.57 -22.22
C GLU B 152 28.02 -4.28 -20.89
N THR B 153 26.80 -4.74 -20.65
CA THR B 153 26.31 -5.10 -19.32
C THR B 153 27.06 -6.29 -18.72
N ILE B 154 27.51 -7.23 -19.56
CA ILE B 154 28.24 -8.41 -19.07
C ILE B 154 29.72 -8.09 -18.85
N HIS B 155 30.28 -7.29 -19.75
CA HIS B 155 31.73 -7.04 -19.79
C HIS B 155 32.22 -5.79 -19.07
N GLY B 156 31.29 -4.93 -18.67
CA GLY B 156 31.64 -3.76 -17.89
C GLY B 156 32.41 -2.65 -18.59
N VAL B 157 32.17 -2.53 -19.89
CA VAL B 157 32.83 -1.55 -20.72
C VAL B 157 31.82 -0.49 -21.10
N GLU B 158 32.13 0.74 -20.77
CA GLU B 158 31.22 1.87 -20.98
C GLU B 158 31.88 2.99 -21.76
N PHE B 159 31.17 3.49 -22.77
CA PHE B 159 31.59 4.71 -23.45
C PHE B 159 31.41 5.93 -22.59
N LYS B 160 32.45 6.75 -22.51
CA LYS B 160 32.40 7.99 -21.81
C LYS B 160 32.22 9.14 -22.81
N ASP B 161 32.99 9.12 -23.88
CA ASP B 161 32.85 10.00 -25.05
CA ASP B 161 32.69 10.00 -25.00
C ASP B 161 32.26 9.14 -26.19
N TYR B 162 31.69 9.78 -27.20
CA TYR B 162 31.09 9.05 -28.33
C TYR B 162 31.77 9.35 -29.67
N PRO B 163 31.85 8.34 -30.56
CA PRO B 163 32.44 8.56 -31.86
C PRO B 163 31.53 9.39 -32.75
N VAL B 164 32.13 10.07 -33.72
CA VAL B 164 31.39 10.84 -34.69
C VAL B 164 31.27 10.01 -35.96
N PRO B 165 30.04 9.65 -36.33
CA PRO B 165 29.86 8.89 -37.58
C PRO B 165 30.43 9.67 -38.80
N LYS B 166 31.26 9.04 -39.58
CA LYS B 166 31.81 9.67 -40.78
C LYS B 166 30.71 10.02 -41.80
N ASN B 167 29.80 9.06 -42.01
CA ASN B 167 28.53 9.26 -42.70
C ASN B 167 27.38 8.81 -41.81
N GLY B 168 26.16 9.18 -42.17
CA GLY B 168 24.97 8.70 -41.40
C GLY B 168 24.93 9.24 -39.97
N PHE B 169 24.44 8.42 -39.04
CA PHE B 169 24.11 8.86 -37.69
C PHE B 169 24.50 7.76 -36.70
N LEU B 170 24.50 8.13 -35.41
CA LEU B 170 24.94 7.23 -34.35
C LEU B 170 23.72 6.60 -33.70
N VAL B 171 23.77 5.29 -33.52
CA VAL B 171 22.75 4.57 -32.77
C VAL B 171 23.41 3.92 -31.57
N ALA B 172 22.84 4.14 -30.38
CA ALA B 172 23.35 3.52 -29.17
C ALA B 172 22.30 2.73 -28.39
N ASP B 173 22.64 1.49 -28.06
CA ASP B 173 21.96 0.67 -27.09
C ASP B 173 22.43 1.16 -25.72
N MET B 174 21.56 1.92 -25.04
CA MET B 174 21.85 2.45 -23.70
C MET B 174 21.05 1.69 -22.62
N SER B 175 20.62 0.46 -22.92
CA SER B 175 19.82 -0.31 -21.96
C SER B 175 20.34 -0.24 -20.52
N SER B 176 21.60 -0.56 -20.34
CA SER B 176 22.10 -0.72 -18.96
C SER B 176 22.76 0.54 -18.37
N ASN B 177 22.72 1.68 -19.08
CA ASN B 177 23.13 2.98 -18.48
C ASN B 177 22.13 4.09 -18.74
N PHE B 178 20.93 3.74 -19.14
CA PHE B 178 19.89 4.72 -19.53
C PHE B 178 19.51 5.59 -18.31
N CYS B 179 19.55 6.90 -18.47
CA CYS B 179 19.27 7.84 -17.42
C CYS B 179 20.17 7.64 -16.20
N SER B 180 21.42 7.26 -16.45
CA SER B 180 22.47 7.26 -15.39
C SER B 180 23.30 8.53 -15.38
N LYS B 181 23.18 9.36 -16.44
CA LYS B 181 24.04 10.54 -16.58
C LYS B 181 23.52 11.37 -17.79
N PRO B 182 23.94 12.63 -17.86
CA PRO B 182 23.50 13.43 -18.99
C PRO B 182 24.05 12.83 -20.28
N VAL B 183 23.31 13.01 -21.37
CA VAL B 183 23.69 12.57 -22.72
C VAL B 183 23.25 13.68 -23.63
N ASP B 184 24.16 14.11 -24.51
CA ASP B 184 23.81 15.09 -25.52
C ASP B 184 23.10 14.36 -26.67
N VAL B 185 21.79 14.37 -26.59
CA VAL B 185 20.96 13.61 -27.49
C VAL B 185 21.14 14.00 -28.97
N SER B 186 21.48 15.26 -29.21
CA SER B 186 21.64 15.75 -30.57
C SER B 186 22.82 15.08 -31.32
N LYS B 187 23.72 14.40 -30.62
CA LYS B 187 24.81 13.66 -31.23
C LYS B 187 24.33 12.38 -31.89
N PHE B 188 23.11 11.96 -31.57
CA PHE B 188 22.61 10.62 -31.93
C PHE B 188 21.48 10.70 -32.94
N GLY B 189 21.34 9.65 -33.74
CA GLY B 189 20.10 9.43 -34.49
C GLY B 189 19.07 8.64 -33.69
N VAL B 190 19.50 7.62 -32.99
CA VAL B 190 18.65 6.81 -32.15
C VAL B 190 19.37 6.42 -30.88
N ILE B 191 18.67 6.56 -29.76
CA ILE B 191 19.06 5.97 -28.49
C ILE B 191 17.94 5.02 -28.13
N TYR B 192 18.28 3.78 -27.74
CA TYR B 192 17.26 2.84 -27.29
C TYR B 192 17.70 2.05 -26.06
N GLY B 193 16.73 1.50 -25.35
CA GLY B 193 17.05 0.61 -24.23
C GLY B 193 15.85 0.01 -23.57
N GLY B 194 16.00 -1.24 -23.11
CA GLY B 194 15.00 -1.84 -22.24
C GLY B 194 14.94 -1.05 -20.94
N ALA B 195 13.74 -0.88 -20.40
CA ALA B 195 13.57 -0.15 -19.13
C ALA B 195 14.13 -0.87 -17.90
N GLN B 196 14.23 -2.19 -18.00
CA GLN B 196 14.37 -3.02 -16.83
C GLN B 196 15.66 -2.92 -16.08
N1 LLP B 197 21.34 -4.69 -24.52
C2 LLP B 197 21.86 -4.61 -23.33
C2' LLP B 197 22.99 -3.65 -23.13
C3 LLP B 197 21.38 -5.41 -22.20
O3 LLP B 197 21.93 -5.32 -20.99
C4 LLP B 197 20.24 -6.32 -22.43
C4' LLP B 197 19.67 -7.14 -21.27
C5 LLP B 197 19.75 -6.32 -23.80
C6 LLP B 197 20.33 -5.51 -24.77
C5' LLP B 197 18.58 -7.23 -24.17
OP4 LLP B 197 17.39 -6.64 -23.61
P LLP B 197 15.96 -7.44 -23.67
OP1 LLP B 197 14.98 -6.41 -23.20
OP2 LLP B 197 15.71 -7.85 -25.09
OP3 LLP B 197 16.13 -8.62 -22.73
N LLP B 197 16.69 -2.40 -16.69
CA LLP B 197 17.94 -2.21 -15.93
CB LLP B 197 19.10 -2.24 -16.92
CG LLP B 197 19.30 -3.66 -17.48
CD LLP B 197 19.15 -3.92 -18.98
CE LLP B 197 19.68 -5.35 -19.28
NZ LLP B 197 19.05 -6.18 -20.35
C LLP B 197 17.89 -1.03 -15.01
O LLP B 197 18.12 -1.17 -13.81
N ASN B 198 17.59 0.16 -15.53
CA ASN B 198 17.80 1.36 -14.78
C ASN B 198 16.57 2.23 -14.55
N VAL B 199 15.44 2.03 -15.27
CA VAL B 199 14.30 2.96 -15.17
C VAL B 199 12.90 2.36 -14.96
N GLY B 200 12.82 1.06 -14.76
CA GLY B 200 11.50 0.46 -14.58
C GLY B 200 11.55 -1.05 -14.57
N PRO B 201 10.39 -1.69 -14.67
CA PRO B 201 10.31 -3.14 -14.79
C PRO B 201 10.46 -3.57 -16.20
N SER B 202 10.65 -4.86 -16.39
CA SER B 202 10.67 -5.41 -17.74
CA SER B 202 10.67 -5.42 -17.74
C SER B 202 9.30 -5.31 -18.41
N GLY B 203 9.32 -5.19 -19.74
CA GLY B 203 8.09 -5.16 -20.56
C GLY B 203 7.94 -3.84 -21.29
N VAL B 204 8.78 -2.85 -20.98
CA VAL B 204 8.84 -1.59 -21.74
C VAL B 204 10.25 -1.40 -22.31
N THR B 205 10.31 -0.91 -23.54
CA THR B 205 11.53 -0.49 -24.22
C THR B 205 11.37 0.94 -24.72
N ILE B 206 12.33 1.81 -24.48
CA ILE B 206 12.23 3.21 -24.89
C ILE B 206 13.07 3.39 -26.17
N VAL B 207 12.52 4.10 -27.15
CA VAL B 207 13.24 4.45 -28.37
C VAL B 207 13.14 5.96 -28.59
N ILE B 208 14.28 6.62 -28.62
CA ILE B 208 14.39 8.06 -28.84
C ILE B 208 14.99 8.21 -30.25
N ILE B 209 14.24 8.80 -31.17
CA ILE B 209 14.60 8.73 -32.59
C ILE B 209 14.40 10.07 -33.25
N ARG B 210 15.39 10.49 -34.02
CA ARG B 210 15.34 11.78 -34.68
C ARG B 210 14.21 11.72 -35.69
N LYS B 211 13.33 12.73 -35.70
CA LYS B 211 12.13 12.70 -36.49
CA LYS B 211 12.13 12.68 -36.49
C LYS B 211 12.37 12.58 -37.98
N ASP B 212 13.45 13.15 -38.47
CA ASP B 212 13.80 13.05 -39.90
C ASP B 212 14.20 11.64 -40.32
N LEU B 213 14.38 10.71 -39.36
CA LEU B 213 14.79 9.34 -39.64
C LEU B 213 13.60 8.39 -39.65
N ILE B 214 12.44 8.92 -39.28
CA ILE B 214 11.23 8.09 -39.21
C ILE B 214 10.57 7.93 -40.56
N GLY B 215 10.21 6.70 -40.88
CA GLY B 215 9.50 6.34 -42.09
C GLY B 215 10.33 5.50 -43.06
N ASN B 216 9.71 5.12 -44.16
CA ASN B 216 10.41 4.36 -45.18
C ASN B 216 10.96 2.99 -44.68
N ALA B 217 10.25 2.31 -43.76
CA ALA B 217 10.68 0.98 -43.32
C ALA B 217 10.58 0.02 -44.48
N GLN B 218 11.39 -1.05 -44.42
CA GLN B 218 11.28 -2.13 -45.38
C GLN B 218 9.85 -2.71 -45.41
N ASP B 219 9.41 -3.19 -46.57
CA ASP B 219 8.04 -3.68 -46.72
C ASP B 219 7.72 -4.85 -45.81
N ILE B 220 8.73 -5.64 -45.47
CA ILE B 220 8.59 -6.78 -44.55
C ILE B 220 8.53 -6.43 -43.06
N THR B 221 8.64 -5.14 -42.75
CA THR B 221 8.63 -4.73 -41.35
C THR B 221 7.26 -5.03 -40.74
N PRO B 222 7.19 -5.80 -39.61
CA PRO B 222 5.91 -5.99 -38.94
C PRO B 222 5.35 -4.65 -38.50
N VAL B 223 4.05 -4.48 -38.56
CA VAL B 223 3.44 -3.22 -38.11
C VAL B 223 3.90 -2.83 -36.70
N MET B 224 4.07 -3.82 -35.83
CA MET B 224 4.49 -3.56 -34.44
C MET B 224 5.97 -3.19 -34.32
N LEU B 225 6.74 -3.32 -35.40
CA LEU B 225 8.14 -2.89 -35.38
C LEU B 225 8.34 -1.57 -36.17
N ASP B 226 7.27 -0.96 -36.66
CA ASP B 226 7.38 0.19 -37.57
C ASP B 226 7.36 1.53 -36.79
N TYR B 227 8.46 2.25 -36.84
CA TYR B 227 8.58 3.49 -36.08
C TYR B 227 7.57 4.55 -36.52
N LYS B 228 7.23 4.61 -37.80
CA LYS B 228 6.27 5.62 -38.23
C LYS B 228 4.90 5.37 -37.63
N ILE B 229 4.47 4.10 -37.57
CA ILE B 229 3.20 3.73 -36.97
C ILE B 229 3.19 4.10 -35.48
N HIS B 230 4.26 3.76 -34.78
CA HIS B 230 4.33 4.11 -33.36
C HIS B 230 4.35 5.61 -33.11
N ASP B 231 5.09 6.35 -33.94
CA ASP B 231 5.20 7.79 -33.76
C ASP B 231 3.85 8.46 -34.08
N GLU B 232 3.23 8.10 -35.19
CA GLU B 232 1.98 8.80 -35.57
C GLU B 232 0.82 8.50 -34.61
N ASN B 233 0.92 7.39 -33.88
CA ASN B 233 -0.08 7.00 -32.91
C ASN B 233 0.37 7.24 -31.45
N SER B 234 1.49 7.94 -31.27
CA SER B 234 2.03 8.31 -29.94
C SER B 234 2.14 7.09 -29.01
N SER B 235 2.59 5.97 -29.57
CA SER B 235 2.81 4.70 -28.82
C SER B 235 1.50 4.00 -28.43
N LEU B 236 0.39 4.39 -29.03
CA LEU B 236 -0.91 3.79 -28.76
C LEU B 236 -1.52 3.18 -29.99
N TYR B 237 -0.69 2.67 -30.90
CA TYR B 237 -1.25 2.01 -32.05
C TYR B 237 -2.04 0.76 -31.65
N ASN B 238 -1.39 -0.11 -30.85
CA ASN B 238 -2.07 -1.22 -30.21
C ASN B 238 -2.10 -0.97 -28.71
N THR B 239 -2.37 -1.99 -27.92
CA THR B 239 -2.44 -1.83 -26.45
C THR B 239 -1.05 -1.78 -25.89
N PRO B 240 -0.65 -0.65 -25.28
CA PRO B 240 0.72 -0.53 -24.82
C PRO B 240 0.88 -1.25 -23.50
N PRO B 241 2.13 -1.33 -23.00
CA PRO B 241 2.38 -1.91 -21.66
C PRO B 241 2.04 -0.86 -20.57
N CYS B 242 0.74 -0.66 -20.30
CA CYS B 242 0.29 0.51 -19.52
C CYS B 242 0.96 0.56 -18.14
N PHE B 243 0.96 -0.57 -17.42
CA PHE B 243 1.48 -0.55 -16.05
C PHE B 243 2.99 -0.31 -16.07
N GLY B 244 3.68 -0.89 -17.04
CA GLY B 244 5.12 -0.63 -17.16
C GLY B 244 5.44 0.82 -17.43
N ILE B 245 4.67 1.46 -18.31
CA ILE B 245 4.86 2.87 -18.64
C ILE B 245 4.64 3.74 -17.38
N TYR B 246 3.59 3.42 -16.65
CA TYR B 246 3.27 4.07 -15.38
C TYR B 246 4.45 3.96 -14.42
N MET B 247 5.02 2.77 -14.29
CA MET B 247 6.18 2.57 -13.42
C MET B 247 7.40 3.38 -13.87
N CYS B 248 7.69 3.38 -15.20
CA CYS B 248 8.76 4.21 -15.73
C CYS B 248 8.49 5.68 -15.35
N GLY B 249 7.23 6.09 -15.49
CA GLY B 249 6.86 7.46 -15.12
C GLY B 249 7.19 7.78 -13.68
N LEU B 250 6.89 6.87 -12.77
CA LEU B 250 7.21 7.06 -11.37
C LEU B 250 8.74 7.21 -11.19
N VAL B 251 9.52 6.36 -11.87
CA VAL B 251 10.95 6.49 -11.81
C VAL B 251 11.48 7.82 -12.34
N PHE B 252 10.95 8.25 -13.50
CA PHE B 252 11.43 9.53 -14.07
C PHE B 252 11.12 10.71 -13.17
N GLU B 253 9.94 10.70 -12.59
CA GLU B 253 9.53 11.73 -11.63
C GLU B 253 10.46 11.78 -10.45
N ASP B 254 10.83 10.61 -9.95
CA ASP B 254 11.70 10.53 -8.80
C ASP B 254 13.16 10.95 -9.14
N LEU B 255 13.63 10.61 -10.34
CA LEU B 255 14.95 11.10 -10.74
C LEU B 255 15.01 12.64 -10.87
N LEU B 256 13.93 13.25 -11.36
CA LEU B 256 13.83 14.73 -11.34
C LEU B 256 13.88 15.26 -9.91
N GLU B 257 13.16 14.61 -9.01
CA GLU B 257 13.11 15.02 -7.59
C GLU B 257 14.49 14.91 -6.92
N GLN B 258 15.30 13.98 -7.39
CA GLN B 258 16.68 13.82 -6.92
C GLN B 258 17.63 14.93 -7.38
N GLY B 259 17.22 15.77 -8.30
CA GLY B 259 18.09 16.79 -8.82
C GLY B 259 18.43 16.61 -10.27
N GLY B 260 17.89 15.58 -10.94
CA GLY B 260 18.21 15.41 -12.34
C GLY B 260 19.52 14.65 -12.55
N LEU B 261 19.88 14.45 -13.82
CA LEU B 261 20.94 13.49 -14.14
C LEU B 261 22.36 13.93 -13.80
N LYS B 262 22.62 15.23 -13.65
CA LYS B 262 23.93 15.64 -13.13
C LYS B 262 24.13 15.12 -11.71
N GLU B 263 23.06 15.13 -10.92
CA GLU B 263 23.14 14.61 -9.54
C GLU B 263 23.17 13.08 -9.48
N VAL B 264 22.37 12.47 -10.34
CA VAL B 264 22.36 11.02 -10.44
C VAL B 264 23.76 10.51 -10.83
N GLU B 265 24.40 11.20 -11.78
CA GLU B 265 25.76 10.81 -12.20
C GLU B 265 26.76 10.94 -11.05
N LYS B 266 26.65 12.00 -10.27
CA LYS B 266 27.58 12.16 -9.12
C LYS B 266 27.48 11.00 -8.11
N LYS B 267 26.25 10.62 -7.81
CA LYS B 267 26.02 9.52 -6.89
C LYS B 267 26.54 8.22 -7.47
N ASN B 268 26.31 7.99 -8.76
CA ASN B 268 26.80 6.79 -9.44
C ASN B 268 28.34 6.71 -9.46
N GLN B 269 28.97 7.86 -9.73
CA GLN B 269 30.41 7.89 -9.74
C GLN B 269 30.98 7.61 -8.36
N ARG B 270 30.36 8.16 -7.34
CA ARG B 270 30.85 8.01 -5.98
CA ARG B 270 30.85 7.99 -5.98
C ARG B 270 30.80 6.53 -5.56
N LYS B 271 29.66 5.88 -5.78
CA LYS B 271 29.55 4.50 -5.30
C LYS B 271 30.36 3.53 -6.16
N ALA B 272 30.49 3.77 -7.45
CA ALA B 272 31.34 2.92 -8.27
C ALA B 272 32.80 3.05 -7.83
N ASP B 273 33.23 4.27 -7.56
CA ASP B 273 34.63 4.51 -7.12
C ASP B 273 34.96 3.71 -5.86
N LEU B 274 34.01 3.63 -4.92
CA LEU B 274 34.23 2.82 -3.70
C LEU B 274 34.58 1.37 -4.05
N LEU B 275 33.84 0.79 -4.98
CA LEU B 275 34.08 -0.60 -5.37
C LEU B 275 35.38 -0.77 -6.18
N TYR B 276 35.60 0.09 -7.19
CA TYR B 276 36.81 -0.04 -7.99
C TYR B 276 38.06 0.21 -7.14
N ASN B 277 37.99 1.17 -6.22
CA ASN B 277 39.14 1.44 -5.36
C ASN B 277 39.44 0.23 -4.48
N ALA B 278 38.40 -0.40 -3.95
CA ALA B 278 38.57 -1.62 -3.15
C ALA B 278 39.23 -2.73 -3.97
N ILE B 279 38.81 -2.89 -5.23
CA ILE B 279 39.45 -3.88 -6.12
C ILE B 279 40.93 -3.56 -6.38
N GLU B 280 41.23 -2.32 -6.73
CA GLU B 280 42.62 -1.94 -7.08
C GLU B 280 43.56 -1.90 -5.87
N GLU B 281 43.02 -1.65 -4.70
CA GLU B 281 43.83 -1.65 -3.50
C GLU B 281 44.04 -3.04 -2.92
N SER B 282 43.49 -4.08 -3.55
CA SER B 282 43.46 -5.42 -2.96
C SER B 282 44.74 -6.23 -3.19
N ASN B 283 45.75 -5.58 -3.77
CA ASN B 283 47.00 -6.21 -4.12
C ASN B 283 46.82 -7.49 -4.94
N GLY B 284 45.84 -7.42 -5.86
CA GLY B 284 45.55 -8.49 -6.78
C GLY B 284 44.59 -9.56 -6.29
N PHE B 285 44.11 -9.46 -5.05
CA PHE B 285 43.24 -10.51 -4.53
C PHE B 285 41.97 -10.52 -5.39
N PHE B 286 41.45 -9.32 -5.68
CA PHE B 286 40.33 -9.11 -6.60
C PHE B 286 40.89 -8.47 -7.86
N ARG B 287 40.32 -8.79 -9.02
CA ARG B 287 40.81 -8.20 -10.28
C ARG B 287 39.67 -7.79 -11.21
N CYS B 288 39.77 -6.58 -11.73
CA CYS B 288 38.85 -6.10 -12.80
C CYS B 288 39.62 -6.05 -14.11
N PRO B 289 39.17 -6.78 -15.14
CA PRO B 289 39.92 -6.85 -16.41
C PRO B 289 39.83 -5.61 -17.32
N VAL B 290 38.85 -4.77 -17.06
CA VAL B 290 38.50 -3.67 -17.98
C VAL B 290 39.50 -2.52 -17.87
N GLU B 291 39.87 -1.96 -19.00
CA GLU B 291 40.75 -0.81 -19.08
C GLU B 291 40.18 0.36 -18.25
N LYS B 292 41.02 1.00 -17.42
CA LYS B 292 40.52 1.94 -16.42
C LYS B 292 39.60 3.06 -16.92
N SER B 293 39.91 3.65 -18.06
CA SER B 293 39.17 4.82 -18.55
C SER B 293 37.77 4.50 -19.04
N VAL B 294 37.50 3.25 -19.28
CA VAL B 294 36.18 2.80 -19.76
C VAL B 294 35.43 1.89 -18.80
N ARG B 295 35.84 1.84 -17.53
CA ARG B 295 35.14 1.04 -16.52
C ARG B 295 33.72 1.58 -16.29
N SER B 296 32.75 0.68 -16.47
CA SER B 296 31.34 1.03 -16.27
C SER B 296 30.97 1.49 -14.86
N LEU B 297 30.11 2.51 -14.76
CA LEU B 297 29.59 2.88 -13.46
C LEU B 297 28.43 1.98 -13.02
N MET B 298 27.94 1.17 -13.94
CA MET B 298 26.71 0.41 -13.77
C MET B 298 26.96 -1.10 -13.52
N ASN B 299 27.94 -1.69 -14.20
CA ASN B 299 28.16 -3.11 -14.10
C ASN B 299 29.66 -3.35 -13.88
N VAL B 300 30.00 -3.97 -12.75
CA VAL B 300 31.40 -4.14 -12.34
C VAL B 300 31.77 -5.63 -12.28
N PRO B 301 32.44 -6.12 -13.33
CA PRO B 301 32.88 -7.51 -13.34
C PRO B 301 34.21 -7.65 -12.63
N PHE B 302 34.34 -8.67 -11.79
CA PHE B 302 35.61 -8.89 -11.11
C PHE B 302 35.79 -10.38 -10.76
N THR B 303 37.03 -10.77 -10.70
CA THR B 303 37.41 -12.14 -10.34
C THR B 303 38.30 -12.16 -9.13
N LEU B 304 38.49 -13.36 -8.57
CA LEU B 304 39.49 -13.59 -7.53
C LEU B 304 40.72 -14.26 -8.14
N GLU B 305 41.89 -13.85 -7.66
CA GLU B 305 43.11 -14.55 -8.00
C GLU B 305 42.98 -16.05 -7.65
N LYS B 306 42.37 -16.30 -6.50
CA LYS B 306 42.05 -17.67 -6.08
C LYS B 306 40.63 -18.03 -6.54
N SER B 307 40.57 -18.52 -7.77
CA SER B 307 39.31 -18.72 -8.46
C SER B 307 38.42 -19.73 -7.76
N GLU B 308 39.04 -20.71 -7.11
CA GLU B 308 38.29 -21.69 -6.32
C GLU B 308 37.44 -21.14 -5.18
N LEU B 309 37.71 -19.91 -4.75
CA LEU B 309 36.97 -19.27 -3.69
C LEU B 309 35.73 -18.48 -4.17
N GLU B 310 35.54 -18.40 -5.48
CA GLU B 310 34.46 -17.57 -6.05
C GLU B 310 33.09 -18.06 -5.60
N ALA B 311 32.88 -19.37 -5.59
CA ALA B 311 31.60 -19.89 -5.13
C ALA B 311 31.32 -19.56 -3.66
N GLU B 312 32.34 -19.69 -2.80
CA GLU B 312 32.23 -19.31 -1.39
C GLU B 312 31.92 -17.83 -1.22
N PHE B 313 32.60 -16.98 -2.00
CA PHE B 313 32.34 -15.52 -1.96
C PHE B 313 30.86 -15.24 -2.19
N ILE B 314 30.32 -15.82 -3.27
CA ILE B 314 28.96 -15.52 -3.70
C ILE B 314 27.97 -16.04 -2.66
N LYS B 315 28.21 -17.25 -2.16
CA LYS B 315 27.31 -17.87 -1.20
C LYS B 315 27.31 -17.13 0.12
N GLU B 316 28.48 -16.75 0.62
CA GLU B 316 28.56 -16.01 1.86
C GLU B 316 27.98 -14.59 1.70
N ALA B 317 28.14 -13.98 0.53
CA ALA B 317 27.59 -12.65 0.36
C ALA B 317 26.06 -12.71 0.44
N ALA B 318 25.48 -13.74 -0.18
CA ALA B 318 24.03 -13.94 -0.17
C ALA B 318 23.51 -14.14 1.26
N LYS B 319 24.28 -14.82 2.09
CA LYS B 319 23.90 -14.95 3.51
C LYS B 319 23.90 -13.63 4.22
N GLU B 320 24.73 -12.70 3.75
CA GLU B 320 24.75 -11.34 4.25
C GLU B 320 23.83 -10.37 3.43
N LYS B 321 22.84 -10.93 2.74
CA LYS B 321 21.77 -10.16 2.09
C LYS B 321 22.29 -9.39 0.87
N MET B 322 23.34 -9.91 0.26
CA MET B 322 23.85 -9.34 -1.01
C MET B 322 23.76 -10.42 -2.08
N VAL B 323 22.75 -10.30 -2.94
CA VAL B 323 22.36 -11.40 -3.83
C VAL B 323 22.60 -11.06 -5.30
N GLN B 324 22.71 -12.12 -6.10
CA GLN B 324 22.86 -12.00 -7.57
CA GLN B 324 22.84 -12.01 -7.56
C GLN B 324 24.19 -11.39 -7.97
N LEU B 325 25.26 -11.74 -7.25
CA LEU B 325 26.62 -11.32 -7.58
C LEU B 325 27.36 -12.29 -8.49
N LYS B 326 26.79 -13.46 -8.81
CA LYS B 326 27.53 -14.36 -9.72
C LYS B 326 27.79 -13.73 -11.11
N GLY B 327 29.04 -13.88 -11.58
N GLY B 327 29.01 -13.88 -11.64
CA GLY B 327 29.50 -13.37 -12.87
CA GLY B 327 29.34 -13.40 -12.99
C GLY B 327 29.05 -14.25 -14.01
C GLY B 327 28.60 -14.20 -14.07
N HIS B 328 29.56 -13.97 -15.20
N HIS B 328 27.99 -13.49 -15.03
CA HIS B 328 29.15 -14.67 -16.41
CA HIS B 328 27.22 -14.09 -16.13
C HIS B 328 29.89 -15.99 -16.58
C HIS B 328 27.94 -15.34 -16.58
N ARG B 329 29.15 -17.00 -17.01
N ARG B 329 27.19 -16.37 -16.94
CA ARG B 329 29.66 -18.35 -17.17
CA ARG B 329 27.77 -17.65 -17.24
C ARG B 329 31.03 -18.43 -17.84
C ARG B 329 29.04 -17.49 -18.08
N SER B 330 31.24 -17.54 -18.82
N SER B 330 29.00 -16.53 -18.98
CA SER B 330 32.48 -17.47 -19.59
CA SER B 330 30.07 -16.35 -19.96
C SER B 330 33.75 -17.12 -18.83
C SER B 330 31.47 -16.12 -19.39
N VAL B 331 33.64 -16.16 -17.90
N VAL B 331 31.61 -15.32 -18.34
CA VAL B 331 34.80 -15.76 -17.12
CA VAL B 331 32.95 -15.04 -17.83
C VAL B 331 34.64 -16.03 -15.63
C VAL B 331 33.44 -15.54 -16.45
N GLY B 332 33.55 -16.71 -15.27
N GLY B 332 32.56 -16.01 -15.58
CA GLY B 332 33.21 -16.90 -13.89
CA GLY B 332 33.06 -16.43 -14.23
C GLY B 332 33.13 -15.57 -13.15
C GLY B 332 33.29 -15.31 -13.21
N GLY B 333 33.71 -15.63 -11.98
CA GLY B 333 33.83 -14.59 -10.99
C GLY B 333 32.48 -13.99 -10.64
N MET B 334 32.51 -12.68 -10.48
CA MET B 334 31.42 -11.91 -9.90
C MET B 334 31.07 -10.78 -10.86
N ARG B 335 29.83 -10.32 -10.76
CA ARG B 335 29.43 -9.08 -11.41
C ARG B 335 28.53 -8.35 -10.43
N ALA B 336 28.97 -7.19 -10.00
CA ALA B 336 28.14 -6.34 -9.13
C ALA B 336 27.49 -5.31 -10.03
N SER B 337 26.18 -5.44 -10.21
CA SER B 337 25.44 -4.42 -10.92
C SER B 337 24.93 -3.41 -9.88
N ILE B 338 25.28 -2.15 -10.10
CA ILE B 338 25.13 -1.04 -9.17
C ILE B 338 24.43 0.10 -9.87
N TYR B 339 23.19 -0.16 -10.27
CA TYR B 339 22.37 0.80 -11.02
C TYR B 339 21.93 2.01 -10.16
N ASN B 340 21.18 2.95 -10.74
CA ASN B 340 20.81 4.18 -10.04
C ASN B 340 20.25 3.85 -8.67
N ALA B 341 19.34 2.87 -8.63
CA ALA B 341 18.57 2.60 -7.40
C ALA B 341 19.29 1.74 -6.36
N MET B 342 20.50 1.23 -6.64
CA MET B 342 21.27 0.48 -5.64
C MET B 342 21.67 1.48 -4.55
N PRO B 343 21.22 1.25 -3.29
CA PRO B 343 21.65 2.20 -2.27
C PRO B 343 23.16 2.24 -2.09
N LEU B 344 23.67 3.42 -1.79
CA LEU B 344 25.07 3.58 -1.42
C LEU B 344 25.44 2.56 -0.31
N ALA B 345 24.54 2.33 0.65
CA ALA B 345 24.78 1.40 1.75
C ALA B 345 25.02 -0.03 1.27
N GLY B 346 24.44 -0.36 0.12
CA GLY B 346 24.64 -1.66 -0.45
C GLY B 346 26.05 -1.84 -0.97
N VAL B 347 26.56 -0.82 -1.67
CA VAL B 347 27.93 -0.86 -2.14
C VAL B 347 28.90 -0.86 -0.96
N GLU B 348 28.58 -0.09 0.07
CA GLU B 348 29.43 -0.05 1.27
C GLU B 348 29.51 -1.40 1.95
N LYS B 349 28.38 -2.08 2.03
CA LYS B 349 28.36 -3.41 2.62
C LYS B 349 29.18 -4.41 1.82
N LEU B 350 29.09 -4.35 0.50
CA LEU B 350 29.87 -5.25 -0.35
C LEU B 350 31.38 -4.97 -0.19
N VAL B 351 31.74 -3.69 -0.14
CA VAL B 351 33.13 -3.29 0.05
C VAL B 351 33.67 -3.79 1.41
N ALA B 352 32.84 -3.66 2.44
CA ALA B 352 33.24 -4.16 3.75
C ALA B 352 33.39 -5.70 3.69
N PHE B 353 32.44 -6.36 3.02
CA PHE B 353 32.46 -7.81 2.89
C PHE B 353 33.74 -8.24 2.17
N MET B 354 34.13 -7.50 1.15
CA MET B 354 35.35 -7.82 0.38
C MET B 354 36.62 -7.70 1.20
N LYS B 355 36.72 -6.61 1.96
CA LYS B 355 37.82 -6.40 2.88
C LYS B 355 37.94 -7.53 3.90
N ASP B 356 36.83 -7.94 4.52
CA ASP B 356 36.85 -9.05 5.48
CA ASP B 356 36.83 -9.06 5.48
C ASP B 356 37.20 -10.38 4.80
N PHE B 357 36.61 -10.63 3.64
CA PHE B 357 36.88 -11.86 2.89
C PHE B 357 38.36 -11.98 2.52
N GLN B 358 38.96 -10.89 2.09
CA GLN B 358 40.36 -10.88 1.73
C GLN B 358 41.27 -11.16 2.93
N ALA B 359 40.98 -10.49 4.04
CA ALA B 359 41.76 -10.71 5.27
C ALA B 359 41.70 -12.17 5.68
N LYS B 360 40.52 -12.77 5.54
CA LYS B 360 40.30 -14.15 5.95
C LYS B 360 41.02 -15.16 5.03
N HIS B 361 41.05 -14.89 3.74
CA HIS B 361 41.55 -15.86 2.75
C HIS B 361 42.83 -15.44 2.07
N ALA B 362 43.44 -14.33 2.44
CA ALA B 362 44.66 -13.96 1.72
C ALA B 362 45.75 -14.74 2.38
N ASN C 2 -1.99 15.44 -5.22
CA ASN C 2 -1.31 14.09 -5.23
C ASN C 2 0.12 14.09 -4.65
N ALA C 3 0.82 15.23 -4.66
CA ALA C 3 2.07 15.33 -3.92
C ALA C 3 1.70 15.70 -2.47
N ARG C 4 2.55 15.32 -1.56
CA ARG C 4 2.36 15.78 -0.17
C ARG C 4 2.55 17.28 -0.05
N VAL C 5 1.80 17.86 0.85
CA VAL C 5 1.87 19.31 1.09
C VAL C 5 2.82 19.65 2.21
N PHE C 6 3.12 20.94 2.35
CA PHE C 6 3.78 21.41 3.56
C PHE C 6 2.71 21.73 4.58
N ASN C 7 2.75 20.96 5.66
CA ASN C 7 1.67 20.92 6.67
C ASN C 7 2.10 21.64 7.94
N PHE C 8 1.59 22.85 8.13
CA PHE C 8 1.93 23.70 9.27
C PHE C 8 0.98 23.53 10.47
N ALA C 9 0.23 22.43 10.51
CA ALA C 9 -0.70 22.17 11.60
C ALA C 9 0.02 22.10 12.96
N ALA C 10 -0.70 22.53 13.99
CA ALA C 10 -0.13 22.68 15.33
C ALA C 10 -0.27 21.42 16.18
N GLY C 11 -1.00 20.40 15.69
CA GLY C 11 -1.22 19.17 16.43
C GLY C 11 -2.60 18.61 16.22
N PRO C 12 -2.71 17.37 15.74
CA PRO C 12 -1.59 16.59 15.23
C PRO C 12 -0.87 17.32 14.09
N ALA C 13 0.26 16.77 13.68
CA ALA C 13 1.21 17.51 12.91
C ALA C 13 1.99 16.60 11.97
N THR C 14 2.79 17.26 11.14
CA THR C 14 3.60 16.58 10.15
C THR C 14 4.53 15.52 10.81
N LEU C 15 4.77 14.43 10.09
CA LEU C 15 5.64 13.35 10.52
C LEU C 15 6.71 13.09 9.43
N PRO C 16 7.83 12.45 9.78
CA PRO C 16 8.92 12.19 8.81
C PRO C 16 8.40 11.25 7.75
N GLU C 17 8.70 11.58 6.49
CA GLU C 17 8.26 10.72 5.39
C GLU C 17 8.85 9.32 5.49
N ASN C 18 10.08 9.18 5.97
CA ASN C 18 10.69 7.85 6.08
C ASN C 18 10.03 6.95 7.10
N VAL C 19 9.53 7.58 8.15
CA VAL C 19 8.76 6.90 9.19
C VAL C 19 7.44 6.42 8.61
N LEU C 20 6.73 7.30 7.91
CA LEU C 20 5.45 6.90 7.33
C LEU C 20 5.63 5.79 6.34
N LEU C 21 6.67 5.86 5.51
CA LEU C 21 6.90 4.82 4.49
C LEU C 21 7.31 3.46 5.13
N LYS C 22 8.03 3.52 6.24
CA LYS C 22 8.34 2.32 6.99
C LYS C 22 7.06 1.69 7.53
N ALA C 23 6.17 2.52 8.06
CA ALA C 23 4.93 2.02 8.62
C ALA C 23 4.07 1.45 7.50
N GLN C 24 4.03 2.11 6.35
CA GLN C 24 3.31 1.55 5.21
C GLN C 24 3.82 0.16 4.85
N ALA C 25 5.13 0.06 4.66
CA ALA C 25 5.75 -1.19 4.19
C ALA C 25 5.42 -2.38 5.10
N ASP C 26 5.39 -2.12 6.43
CA ASP C 26 5.22 -3.18 7.40
CA ASP C 26 5.22 -3.16 7.43
C ASP C 26 3.79 -3.35 7.90
N LEU C 27 2.84 -2.55 7.39
CA LEU C 27 1.47 -2.52 7.95
C LEU C 27 0.69 -3.82 7.92
N TYR C 28 0.85 -4.60 6.87
CA TYR C 28 0.14 -5.86 6.71
C TYR C 28 0.70 -7.06 7.43
N ASN C 29 2.01 -7.00 7.64
CA ASN C 29 2.74 -8.13 8.23
C ASN C 29 4.07 -7.62 8.74
N TRP C 30 4.15 -7.35 10.03
CA TRP C 30 5.33 -6.70 10.59
C TRP C 30 6.50 -7.68 10.75
N ARG C 31 7.60 -7.39 10.02
CA ARG C 31 8.81 -8.19 10.07
C ARG C 31 8.49 -9.65 9.92
N GLY C 32 7.67 -9.96 8.91
CA GLY C 32 7.16 -11.31 8.73
C GLY C 32 6.74 -12.07 9.99
N SER C 33 6.27 -11.35 11.01
CA SER C 33 5.78 -11.97 12.23
C SER C 33 4.46 -12.68 12.01
N GLY C 34 3.75 -12.35 10.93
CA GLY C 34 2.51 -13.00 10.61
C GLY C 34 1.28 -12.12 10.87
N MET C 35 1.51 -10.89 11.34
CA MET C 35 0.36 -9.99 11.54
C MET C 35 0.81 -8.52 11.59
N SER C 36 -0.16 -7.59 11.61
CA SER C 36 0.13 -6.17 11.73
C SER C 36 0.42 -5.85 13.16
N VAL C 37 1.15 -4.76 13.38
CA VAL C 37 1.23 -4.21 14.72
C VAL C 37 -0.18 -3.93 15.29
N MET C 38 -1.13 -3.58 14.42
CA MET C 38 -2.52 -3.30 14.89
C MET C 38 -3.28 -4.51 15.37
N GLU C 39 -2.71 -5.71 15.14
CA GLU C 39 -3.31 -6.98 15.54
C GLU C 39 -2.56 -7.72 16.67
N MET C 40 -1.43 -7.19 17.10
CA MET C 40 -0.53 -7.90 18.05
C MET C 40 -1.09 -7.87 19.44
N SER C 41 -0.90 -8.94 20.17
CA SER C 41 -1.20 -8.95 21.60
C SER C 41 -0.20 -8.05 22.32
N HIS C 42 -0.69 -7.18 23.20
CA HIS C 42 0.20 -6.41 24.08
C HIS C 42 1.00 -7.23 25.09
N ARG C 43 0.63 -8.50 25.25
CA ARG C 43 1.32 -9.41 26.14
C ARG C 43 2.31 -10.31 25.37
N GLY C 44 2.32 -10.19 24.06
CA GLY C 44 3.22 -11.02 23.22
C GLY C 44 4.63 -10.48 23.03
N LYS C 45 5.55 -11.34 22.58
CA LYS C 45 6.95 -10.94 22.50
C LYS C 45 7.24 -9.85 21.47
N GLU C 46 6.51 -9.83 20.36
CA GLU C 46 6.72 -8.82 19.33
C GLU C 46 6.41 -7.42 19.90
N PHE C 47 5.19 -7.24 20.44
CA PHE C 47 4.86 -5.92 20.99
C PHE C 47 5.74 -5.55 22.16
N LEU C 48 6.05 -6.53 23.02
CA LEU C 48 7.00 -6.21 24.09
C LEU C 48 8.34 -5.68 23.55
N SER C 49 8.85 -6.23 22.45
CA SER C 49 10.09 -5.70 21.89
C SER C 49 9.94 -4.26 21.43
N ILE C 50 8.77 -3.95 20.88
CA ILE C 50 8.48 -2.60 20.37
C ILE C 50 8.45 -1.55 21.49
N ILE C 51 7.65 -1.81 22.52
CA ILE C 51 7.50 -0.84 23.60
C ILE C 51 8.83 -0.71 24.36
N GLN C 52 9.53 -1.82 24.58
CA GLN C 52 10.79 -1.74 25.30
C GLN C 52 11.86 -0.96 24.53
N LYS C 53 11.91 -1.16 23.21
CA LYS C 53 12.79 -0.38 22.37
C LYS C 53 12.42 1.12 22.31
N ALA C 54 11.12 1.41 22.25
CA ALA C 54 10.70 2.82 22.31
C ALA C 54 11.17 3.46 23.59
N GLU C 55 11.02 2.76 24.72
CA GLU C 55 11.44 3.36 26.00
C GLU C 55 12.95 3.53 26.04
N SER C 56 13.71 2.53 25.60
CA SER C 56 15.17 2.59 25.63
CA SER C 56 15.18 2.62 25.69
C SER C 56 15.72 3.69 24.73
N ASP C 57 15.11 3.82 23.56
CA ASP C 57 15.54 4.86 22.61
C ASP C 57 15.25 6.25 23.16
N LEU C 58 14.07 6.44 23.75
CA LEU C 58 13.73 7.72 24.35
C LEU C 58 14.69 8.05 25.51
N ARG C 59 14.99 7.06 26.35
CA ARG C 59 15.92 7.30 27.44
C ARG C 59 17.25 7.77 26.92
N GLN C 60 17.74 7.17 25.83
CA GLN C 60 19.03 7.63 25.27
C GLN C 60 18.91 9.04 24.62
N LEU C 61 17.82 9.29 23.91
CA LEU C 61 17.62 10.60 23.25
C LEU C 61 17.65 11.76 24.25
N LEU C 62 16.89 11.63 25.34
CA LEU C 62 16.77 12.67 26.32
C LEU C 62 17.73 12.53 27.46
N GLU C 63 18.54 11.48 27.47
CA GLU C 63 19.48 11.23 28.56
C GLU C 63 18.75 11.18 29.87
N ILE C 64 17.72 10.34 29.91
CA ILE C 64 16.85 10.23 31.07
C ILE C 64 17.60 9.44 32.15
N PRO C 65 17.75 9.98 33.35
CA PRO C 65 18.42 9.22 34.42
C PRO C 65 17.66 7.97 34.83
N GLN C 66 18.38 7.00 35.34
CA GLN C 66 17.78 5.74 35.73
C GLN C 66 16.69 5.87 36.81
N GLU C 67 16.75 6.94 37.59
CA GLU C 67 15.80 7.13 38.67
C GLU C 67 14.43 7.72 38.24
N TYR C 68 14.19 7.81 36.93
CA TYR C 68 12.92 8.22 36.33
C TYR C 68 12.26 7.03 35.67
N SER C 69 10.95 6.97 35.82
CA SER C 69 10.13 6.08 35.01
C SER C 69 9.65 6.77 33.76
N VAL C 70 9.38 5.97 32.73
CA VAL C 70 8.88 6.43 31.45
C VAL C 70 7.56 5.65 31.18
N LEU C 71 6.45 6.40 31.17
CA LEU C 71 5.10 5.85 30.94
C LEU C 71 4.54 6.26 29.58
N PHE C 72 3.95 5.29 28.89
CA PHE C 72 3.23 5.52 27.64
C PHE C 72 1.74 5.30 27.89
N LEU C 73 0.98 6.39 27.90
CA LEU C 73 -0.44 6.40 28.35
C LEU C 73 -1.40 6.89 27.28
N GLN C 74 -2.69 6.63 27.50
CA GLN C 74 -3.75 7.26 26.74
C GLN C 74 -4.31 8.49 27.43
N GLY C 75 -5.11 9.24 26.68
CA GLY C 75 -5.98 10.27 27.27
C GLY C 75 -5.51 11.69 27.02
N GLY C 76 -4.34 11.81 26.37
CA GLY C 76 -3.77 13.11 26.02
C GLY C 76 -3.14 13.82 27.19
N ALA C 77 -2.54 14.98 26.91
CA ALA C 77 -2.04 15.77 27.97
C ALA C 77 -3.20 16.27 28.87
N THR C 78 -4.42 16.42 28.32
CA THR C 78 -5.53 16.95 29.11
C THR C 78 -5.89 15.97 30.23
N THR C 79 -5.70 14.66 30.02
CA THR C 79 -5.89 13.70 31.10
C THR C 79 -4.86 13.94 32.23
N GLN C 80 -3.66 14.32 31.84
CA GLN C 80 -2.60 14.60 32.82
C GLN C 80 -2.88 15.83 33.66
N PHE C 81 -3.65 16.77 33.11
CA PHE C 81 -4.08 17.90 33.90
C PHE C 81 -4.79 17.45 35.19
N ALA C 82 -5.51 16.31 35.12
CA ALA C 82 -6.14 15.70 36.30
C ALA C 82 -5.21 14.75 37.03
N ALA C 83 -4.52 13.89 36.30
CA ALA C 83 -3.67 12.88 36.89
C ALA C 83 -2.54 13.46 37.76
N LEU C 84 -1.98 14.59 37.36
CA LEU C 84 -0.90 15.18 38.14
C LEU C 84 -1.31 15.49 39.60
N PRO C 85 -2.30 16.37 39.81
CA PRO C 85 -2.68 16.62 41.22
C PRO C 85 -3.33 15.42 41.89
N LEU C 86 -3.97 14.56 41.13
CA LEU C 86 -4.52 13.37 41.76
C LEU C 86 -3.46 12.48 42.36
N ASN C 87 -2.33 12.36 41.66
CA ASN C 87 -1.23 11.48 42.09
C ASN C 87 -0.34 12.18 43.09
N LEU C 88 -0.14 13.48 42.92
CA LEU C 88 0.97 14.14 43.56
C LEU C 88 0.56 15.01 44.75
N CYS C 89 -0.73 15.27 44.90
CA CYS C 89 -1.22 16.19 45.95
C CYS C 89 -2.27 15.53 46.75
N LYS C 90 -2.44 16.06 47.94
CA LYS C 90 -3.69 15.89 48.69
C LYS C 90 -4.60 17.08 48.46
N SER C 91 -5.85 16.96 48.86
CA SER C 91 -6.82 17.98 48.53
C SER C 91 -6.51 19.34 49.14
N ASP C 92 -5.72 19.40 50.21
CA ASP C 92 -5.43 20.66 50.86
C ASP C 92 -4.03 21.16 50.53
N ASP C 93 -3.38 20.52 49.56
CA ASP C 93 -2.10 20.99 49.06
C ASP C 93 -2.28 22.14 48.08
N THR C 94 -1.23 22.92 47.89
CA THR C 94 -1.18 23.94 46.83
C THR C 94 -0.21 23.60 45.72
N VAL C 95 -0.62 23.84 44.47
CA VAL C 95 0.28 23.83 43.31
C VAL C 95 0.44 25.27 42.86
N ASP C 96 1.70 25.66 42.69
CA ASP C 96 2.03 26.94 42.05
C ASP C 96 2.11 26.79 40.50
N PHE C 97 1.67 27.81 39.79
CA PHE C 97 1.72 27.88 38.35
C PHE C 97 2.35 29.20 37.90
N VAL C 98 3.17 29.13 36.83
CA VAL C 98 3.52 30.30 36.04
C VAL C 98 2.78 30.08 34.70
N VAL C 99 1.88 30.99 34.36
CA VAL C 99 1.02 30.82 33.18
C VAL C 99 1.47 31.75 32.08
N THR C 100 2.06 31.14 31.04
CA THR C 100 2.61 31.91 29.92
C THR C 100 1.76 31.75 28.65
N GLY C 101 0.62 31.08 28.76
CA GLY C 101 -0.29 30.93 27.62
C GLY C 101 -1.55 30.14 28.01
N SER C 102 -2.41 29.81 27.06
CA SER C 102 -3.70 29.22 27.42
C SER C 102 -3.63 27.72 27.83
N TRP C 103 -2.59 26.99 27.43
CA TRP C 103 -2.44 25.61 27.90
C TRP C 103 -2.16 25.52 29.39
N GLY C 104 -1.34 26.42 29.92
CA GLY C 104 -1.15 26.45 31.35
C GLY C 104 -2.44 26.82 32.07
N ASP C 105 -3.18 27.75 31.52
CA ASP C 105 -4.45 28.14 32.08
C ASP C 105 -5.45 26.96 32.22
N LYS C 106 -5.48 26.08 31.22
CA LYS C 106 -6.36 24.93 31.29
C LYS C 106 -5.88 23.96 32.35
N ALA C 107 -4.55 23.88 32.57
CA ALA C 107 -4.00 23.01 33.61
C ALA C 107 -4.46 23.51 35.01
N VAL C 108 -4.49 24.81 35.16
CA VAL C 108 -4.92 25.42 36.45
C VAL C 108 -6.36 25.02 36.76
N LYS C 109 -7.22 25.18 35.76
CA LYS C 109 -8.65 25.05 35.97
C LYS C 109 -8.98 23.61 36.34
N GLU C 110 -8.31 22.66 35.67
CA GLU C 110 -8.53 21.26 36.02
C GLU C 110 -8.00 20.93 37.41
N ALA C 111 -6.84 21.45 37.77
CA ALA C 111 -6.25 21.10 39.03
C ALA C 111 -7.09 21.57 40.20
N LYS C 112 -7.84 22.67 40.02
CA LYS C 112 -8.75 23.14 41.09
C LYS C 112 -9.73 22.09 41.59
N LYS C 113 -10.07 21.09 40.75
CA LYS C 113 -10.92 20.01 41.21
C LYS C 113 -10.32 19.19 42.36
N TYR C 114 -9.00 19.16 42.44
CA TYR C 114 -8.26 18.13 43.16
C TYR C 114 -7.36 18.68 44.27
N CYS C 115 -6.98 19.96 44.16
CA CYS C 115 -6.19 20.63 45.18
C CYS C 115 -6.37 22.15 45.05
N LYS C 116 -5.58 22.93 45.79
CA LYS C 116 -5.62 24.39 45.68
C LYS C 116 -4.59 24.82 44.67
N THR C 117 -4.89 25.88 43.95
CA THR C 117 -3.95 26.39 42.93
C THR C 117 -3.59 27.83 43.26
N ASN C 118 -2.36 28.19 42.87
CA ASN C 118 -1.89 29.57 42.89
C ASN C 118 -1.15 29.93 41.63
N VAL C 119 -1.70 30.88 40.88
CA VAL C 119 -1.04 31.41 39.71
C VAL C 119 -0.17 32.57 40.21
N ILE C 120 1.15 32.35 40.22
CA ILE C 120 2.08 33.36 40.69
C ILE C 120 2.11 34.55 39.74
N TRP C 121 2.11 34.23 38.45
CA TRP C 121 2.32 35.18 37.37
C TRP C 121 1.59 34.66 36.17
N SER C 122 0.84 35.56 35.50
CA SER C 122 0.19 35.23 34.24
C SER C 122 0.62 36.25 33.22
N GLY C 123 0.83 35.79 31.98
CA GLY C 123 1.16 36.68 30.88
C GLY C 123 -0.02 37.34 30.21
N LYS C 124 -1.24 37.05 30.67
CA LYS C 124 -2.43 37.41 29.93
C LYS C 124 -2.52 38.91 29.65
N SER C 125 -2.14 39.71 30.64
CA SER C 125 -2.37 41.16 30.53
C SER C 125 -1.63 41.75 29.34
N GLU C 126 -0.54 41.09 28.92
CA GLU C 126 0.23 41.51 27.75
C GLU C 126 0.15 40.52 26.59
N LYS C 127 -0.97 39.80 26.52
CA LYS C 127 -1.33 38.89 25.41
C LYS C 127 -0.36 37.73 25.25
N TYR C 128 0.19 37.28 26.38
CA TYR C 128 1.06 36.09 26.45
C TYR C 128 2.24 36.19 25.48
N THR C 129 3.12 37.14 25.82
CA THR C 129 4.24 37.49 24.99
C THR C 129 5.58 37.41 25.71
N LYS C 130 5.60 37.06 27.00
CA LYS C 130 6.83 37.07 27.79
C LYS C 130 6.88 35.91 28.79
N VAL C 131 8.06 35.72 29.36
CA VAL C 131 8.28 34.82 30.48
C VAL C 131 8.83 35.71 31.61
N PRO C 132 8.31 35.55 32.84
CA PRO C 132 8.82 36.41 33.93
C PRO C 132 10.24 36.12 34.30
N SER C 133 10.88 37.12 34.87
CA SER C 133 12.11 36.86 35.59
C SER C 133 11.85 35.92 36.79
N PHE C 134 12.70 34.90 36.96
CA PHE C 134 12.39 33.84 37.91
C PHE C 134 12.66 34.18 39.39
N GLU C 135 13.68 34.97 39.63
CA GLU C 135 14.11 35.20 40.99
C GLU C 135 13.02 35.90 41.78
N GLU C 136 12.29 36.78 41.10
CA GLU C 136 11.28 37.59 41.76
C GLU C 136 9.90 36.92 41.90
N LEU C 137 9.76 35.69 41.39
CA LEU C 137 8.52 34.95 41.56
C LEU C 137 8.30 34.58 43.01
N GLU C 138 7.15 34.98 43.56
CA GLU C 138 6.81 34.67 44.94
C GLU C 138 6.17 33.28 45.01
N GLN C 139 6.97 32.27 45.31
CA GLN C 139 6.45 30.92 45.40
C GLN C 139 5.82 30.63 46.75
N THR C 140 4.83 29.74 46.80
CA THR C 140 4.08 29.41 48.02
C THR C 140 4.98 28.52 48.87
N PRO C 141 5.21 28.88 50.15
CA PRO C 141 6.26 28.18 50.91
C PRO C 141 6.12 26.68 51.09
N ASP C 142 4.90 26.17 51.02
CA ASP C 142 4.68 24.74 51.13
C ASP C 142 4.07 24.11 49.86
N ALA C 143 4.18 24.81 48.72
CA ALA C 143 3.66 24.24 47.45
C ALA C 143 4.26 22.88 47.15
N LYS C 144 3.43 21.93 46.70
CA LYS C 144 3.92 20.60 46.33
C LYS C 144 4.80 20.64 45.09
N TYR C 145 4.37 21.43 44.10
CA TYR C 145 5.13 21.59 42.89
C TYR C 145 4.79 22.89 42.20
N LEU C 146 5.66 23.24 41.24
CA LEU C 146 5.56 24.38 40.40
C LEU C 146 5.34 23.83 38.97
N HIS C 147 4.29 24.31 38.32
CA HIS C 147 3.92 23.87 36.99
C HIS C 147 4.17 24.97 35.98
N ILE C 148 4.79 24.55 34.89
CA ILE C 148 4.92 25.38 33.71
C ILE C 148 4.50 24.64 32.44
N CYS C 149 4.15 25.42 31.42
CA CYS C 149 4.01 24.91 30.08
C CYS C 149 5.24 25.38 29.34
N ALA C 150 6.12 24.45 28.99
CA ALA C 150 7.47 24.80 28.49
C ALA C 150 7.39 25.50 27.13
N ASN C 151 6.40 25.11 26.31
CA ASN C 151 6.16 25.71 25.00
C ASN C 151 4.70 25.90 24.80
N GLU C 152 4.26 27.17 24.81
CA GLU C 152 2.86 27.50 24.73
C GLU C 152 2.51 27.56 23.24
N THR C 153 1.79 26.54 22.80
CA THR C 153 1.67 26.22 21.41
C THR C 153 0.89 27.28 20.61
N ILE C 154 -0.08 27.93 21.21
CA ILE C 154 -0.86 29.00 20.52
C ILE C 154 -0.12 30.32 20.50
N HIS C 155 0.58 30.58 21.59
CA HIS C 155 1.14 31.92 21.88
C HIS C 155 2.60 32.08 21.50
N GLY C 156 3.26 30.98 21.20
CA GLY C 156 4.65 31.02 20.73
C GLY C 156 5.69 31.44 21.75
N VAL C 157 5.44 31.16 23.02
CA VAL C 157 6.30 31.50 24.11
C VAL C 157 6.93 30.21 24.65
N GLU C 158 8.26 30.17 24.62
CA GLU C 158 9.04 28.96 24.98
C GLU C 158 10.08 29.27 26.06
N PHE C 159 10.10 28.48 27.11
CA PHE C 159 11.15 28.54 28.09
C PHE C 159 12.48 28.07 27.49
N LYS C 160 13.53 28.84 27.73
CA LYS C 160 14.86 28.42 27.36
C LYS C 160 15.60 27.95 28.59
N ASP C 161 15.51 28.70 29.67
CA ASP C 161 16.02 28.30 30.99
C ASP C 161 14.79 28.03 31.83
N TYR C 162 15.00 27.34 32.96
CA TYR C 162 13.87 26.91 33.82
C TYR C 162 13.96 27.49 35.23
N PRO C 163 12.81 27.79 35.83
CA PRO C 163 12.79 28.25 37.19
C PRO C 163 13.15 27.13 38.13
N VAL C 164 13.72 27.50 39.28
CA VAL C 164 13.99 26.56 40.35
C VAL C 164 12.86 26.58 41.39
N PRO C 165 12.19 25.43 41.58
CA PRO C 165 11.12 25.39 42.58
C PRO C 165 11.67 25.58 43.99
N LYS C 166 10.93 26.31 44.83
CA LYS C 166 11.40 26.65 46.13
C LYS C 166 11.19 25.48 47.08
N ASN C 167 9.94 25.12 47.32
CA ASN C 167 9.66 24.05 48.25
C ASN C 167 9.67 22.66 47.60
N GLY C 168 9.12 22.54 46.40
CA GLY C 168 8.80 21.21 45.84
C GLY C 168 9.58 20.92 44.57
N PHE C 169 8.93 20.33 43.58
CA PHE C 169 9.60 19.98 42.35
C PHE C 169 8.95 20.69 41.18
N LEU C 170 9.57 20.56 40.01
CA LEU C 170 9.15 21.24 38.79
C LEU C 170 8.43 20.27 37.89
N VAL C 171 7.28 20.70 37.36
CA VAL C 171 6.48 19.90 36.41
C VAL C 171 6.33 20.70 35.14
N ALA C 172 6.61 20.12 33.99
CA ALA C 172 6.52 20.80 32.71
C ALA C 172 5.71 20.04 31.67
N ASP C 173 4.75 20.74 31.09
CA ASP C 173 4.05 20.30 29.91
C ASP C 173 4.94 20.64 28.72
N MET C 174 5.58 19.63 28.16
CA MET C 174 6.47 19.79 27.01
C MET C 174 5.80 19.23 25.74
N SER C 175 4.48 19.13 25.72
CA SER C 175 3.77 18.56 24.56
C SER C 175 4.30 19.09 23.22
N SER C 176 4.41 20.40 23.06
CA SER C 176 4.70 20.93 21.74
C SER C 176 6.19 21.22 21.51
N ASN C 177 7.09 20.89 22.45
CA ASN C 177 8.52 20.93 22.15
C ASN C 177 9.27 19.66 22.58
N PHE C 178 8.54 18.58 22.78
CA PHE C 178 9.11 17.34 23.31
C PHE C 178 10.10 16.76 22.31
N CYS C 179 11.31 16.45 22.75
CA CYS C 179 12.36 15.92 21.83
C CYS C 179 12.69 16.88 20.69
N SER C 180 12.64 18.19 20.97
CA SER C 180 13.09 19.22 20.03
C SER C 180 14.53 19.66 20.37
N LYS C 181 15.01 19.24 21.54
CA LYS C 181 16.29 19.74 22.07
C LYS C 181 16.64 19.00 23.37
N PRO C 182 17.92 19.01 23.75
CA PRO C 182 18.25 18.35 25.02
C PRO C 182 17.57 19.03 26.18
N VAL C 183 17.32 18.26 27.22
CA VAL C 183 16.66 18.75 28.43
C VAL C 183 17.37 18.11 29.59
N ASP C 184 17.79 18.87 30.58
CA ASP C 184 18.34 18.30 31.81
C ASP C 184 17.21 17.77 32.68
N VAL C 185 16.88 16.50 32.50
CA VAL C 185 15.68 15.88 33.09
C VAL C 185 15.74 15.90 34.62
N SER C 186 16.94 15.86 35.18
CA SER C 186 17.10 15.87 36.64
C SER C 186 16.54 17.14 37.28
N LYS C 187 16.42 18.23 36.53
CA LYS C 187 15.82 19.48 37.07
C LYS C 187 14.31 19.35 37.34
N PHE C 188 13.66 18.30 36.83
CA PHE C 188 12.21 18.15 36.87
C PHE C 188 11.78 16.98 37.72
N GLY C 189 10.62 17.08 38.36
CA GLY C 189 9.99 15.91 38.92
C GLY C 189 9.15 15.16 37.89
N VAL C 190 8.46 15.91 37.01
CA VAL C 190 7.68 15.33 35.92
C VAL C 190 7.78 16.19 34.66
N ILE C 191 7.98 15.49 33.55
CA ILE C 191 7.85 16.01 32.19
C ILE C 191 6.75 15.21 31.53
N TYR C 192 5.80 15.88 30.90
CA TYR C 192 4.76 15.15 30.18
C TYR C 192 4.44 15.82 28.89
N GLY C 193 3.84 15.04 27.98
CA GLY C 193 3.43 15.63 26.70
C GLY C 193 2.64 14.66 25.86
N GLY C 194 1.64 15.17 25.15
CA GLY C 194 1.04 14.39 24.07
C GLY C 194 2.05 14.14 22.97
N ALA C 195 2.01 12.96 22.38
CA ALA C 195 2.94 12.60 21.30
C ALA C 195 2.70 13.36 20.01
N GLN C 196 1.49 13.84 19.83
CA GLN C 196 1.04 14.18 18.53
C GLN C 196 1.71 15.36 17.88
N1 LLP C 197 -0.57 21.13 26.19
C2 LLP C 197 -0.05 21.68 25.08
C2' LLP C 197 1.22 22.51 25.20
C3 LLP C 197 -0.67 21.44 23.79
O3 LLP C 197 -0.17 21.95 22.64
C4 LLP C 197 -1.86 20.59 23.73
C4' LLP C 197 -2.45 20.33 22.34
C5 LLP C 197 -2.37 20.06 25.00
C6 LLP C 197 -1.69 20.37 26.15
C5' LLP C 197 -3.62 19.17 25.03
OP4 LLP C 197 -3.22 17.86 24.57
P LLP C 197 -4.38 16.76 24.26
OP1 LLP C 197 -3.58 15.56 23.98
OP2 LLP C 197 -5.16 16.63 25.55
OP3 LLP C 197 -5.20 17.34 23.07
N LLP C 197 2.31 16.27 18.66
CA LLP C 197 2.93 17.44 18.09
CB LLP C 197 3.12 18.54 19.15
CG LLP C 197 1.81 19.29 19.40
CD LLP C 197 0.79 18.74 20.40
CE LLP C 197 -0.12 19.83 21.01
NZ LLP C 197 -1.52 19.54 21.47
C LLP C 197 4.23 17.12 17.46
O LLP C 197 4.42 17.37 16.27
N ASN C 198 5.14 16.51 18.22
CA ASN C 198 6.51 16.35 17.75
C ASN C 198 7.04 14.93 17.62
N VAL C 199 6.37 13.89 18.17
CA VAL C 199 6.97 12.55 18.21
C VAL C 199 6.11 11.35 17.77
N GLY C 200 4.94 11.60 17.21
CA GLY C 200 4.06 10.51 16.77
C GLY C 200 2.66 11.02 16.48
N PRO C 201 1.73 10.10 16.31
CA PRO C 201 0.34 10.44 16.13
C PRO C 201 -0.36 10.65 17.45
N SER C 202 -1.59 11.17 17.37
CA SER C 202 -2.41 11.33 18.55
CA SER C 202 -2.41 11.33 18.56
C SER C 202 -2.82 9.97 19.10
N GLY C 203 -3.05 9.92 20.39
CA GLY C 203 -3.49 8.71 21.10
C GLY C 203 -2.46 8.18 22.10
N VAL C 204 -1.26 8.75 22.12
CA VAL C 204 -0.19 8.40 23.04
C VAL C 204 0.25 9.66 23.77
N THR C 205 0.34 9.58 25.10
CA THR C 205 0.90 10.62 25.95
C THR C 205 2.08 10.03 26.71
N ILE C 206 3.18 10.77 26.82
CA ILE C 206 4.35 10.32 27.51
C ILE C 206 4.52 11.04 28.84
N VAL C 207 4.76 10.30 29.90
CA VAL C 207 5.06 10.88 31.20
C VAL C 207 6.40 10.36 31.69
N ILE C 208 7.30 11.29 32.02
CA ILE C 208 8.59 10.97 32.59
C ILE C 208 8.54 11.45 34.03
N ILE C 209 8.63 10.55 35.00
CA ILE C 209 8.35 10.90 36.40
C ILE C 209 9.40 10.31 37.35
N ARG C 210 9.97 11.14 38.20
CA ARG C 210 10.96 10.67 39.15
C ARG C 210 10.34 9.55 40.04
N LYS C 211 11.05 8.44 40.23
CA LYS C 211 10.46 7.26 40.84
C LYS C 211 10.02 7.51 42.28
N ASP C 212 10.71 8.40 42.96
CA ASP C 212 10.32 8.72 44.33
C ASP C 212 9.05 9.53 44.48
N LEU C 213 8.45 9.94 43.35
CA LEU C 213 7.19 10.67 43.38
C LEU C 213 5.98 9.80 43.06
N ILE C 214 6.23 8.54 42.69
CA ILE C 214 5.20 7.60 42.29
C ILE C 214 4.60 6.96 43.53
N GLY C 215 3.27 6.88 43.55
CA GLY C 215 2.56 6.25 44.64
C GLY C 215 1.75 7.24 45.47
N ASN C 216 0.93 6.70 46.35
CA ASN C 216 0.12 7.52 47.22
C ASN C 216 -0.78 8.53 46.50
N ALA C 217 -1.39 8.10 45.39
CA ALA C 217 -2.43 8.91 44.77
C ALA C 217 -3.64 9.06 45.70
N GLN C 218 -4.46 10.09 45.48
CA GLN C 218 -5.71 10.26 46.20
C GLN C 218 -6.61 9.06 45.94
N ASP C 219 -7.42 8.69 46.95
CA ASP C 219 -8.25 7.50 46.81
C ASP C 219 -9.25 7.53 45.64
N ILE C 220 -9.64 8.74 45.22
CA ILE C 220 -10.59 8.91 44.09
C ILE C 220 -9.93 8.83 42.71
N THR C 221 -8.63 8.61 42.69
CA THR C 221 -7.92 8.48 41.40
C THR C 221 -8.35 7.24 40.62
N PRO C 222 -8.84 7.43 39.38
CA PRO C 222 -9.19 6.23 38.59
C PRO C 222 -7.96 5.35 38.45
N VAL C 223 -8.14 4.05 38.38
CA VAL C 223 -6.98 3.15 38.21
C VAL C 223 -6.21 3.55 36.94
N MET C 224 -6.91 4.02 35.91
CA MET C 224 -6.26 4.37 34.62
C MET C 224 -5.48 5.70 34.67
N LEU C 225 -5.62 6.42 35.78
CA LEU C 225 -4.85 7.66 36.00
C LEU C 225 -3.75 7.51 37.03
N ASP C 226 -3.57 6.33 37.58
CA ASP C 226 -2.70 6.10 38.75
C ASP C 226 -1.29 5.75 38.31
N TYR C 227 -0.31 6.61 38.59
CA TYR C 227 1.05 6.38 38.13
C TYR C 227 1.64 5.10 38.65
N LYS C 228 1.36 4.73 39.90
CA LYS C 228 1.96 3.53 40.40
C LYS C 228 1.44 2.28 39.66
N ILE C 229 0.15 2.27 39.32
CA ILE C 229 -0.41 1.18 38.49
C ILE C 229 0.34 1.09 37.17
N HIS C 230 0.51 2.22 36.50
CA HIS C 230 1.17 2.22 35.21
C HIS C 230 2.65 1.83 35.32
N ASP C 231 3.33 2.39 36.31
CA ASP C 231 4.74 2.07 36.53
C ASP C 231 4.98 0.58 36.86
N GLU C 232 4.21 0.04 37.78
CA GLU C 232 4.48 -1.33 38.16
C GLU C 232 4.11 -2.36 37.08
N ASN C 233 3.26 -1.95 36.13
CA ASN C 233 2.87 -2.79 35.00
C ASN C 233 3.53 -2.38 33.66
N SER C 234 4.50 -1.47 33.72
CA SER C 234 5.27 -1.01 32.59
C SER C 234 4.38 -0.58 31.43
N SER C 235 3.34 0.19 31.75
CA SER C 235 2.42 0.77 30.76
C SER C 235 1.51 -0.28 30.12
N LEU C 236 1.46 -1.46 30.70
CA LEU C 236 0.68 -2.58 30.20
C LEU C 236 -0.39 -3.08 31.22
N TYR C 237 -0.92 -2.18 32.06
CA TYR C 237 -1.94 -2.60 33.01
C TYR C 237 -3.19 -3.04 32.24
N ASN C 238 -3.60 -2.18 31.31
CA ASN C 238 -4.67 -2.51 30.38
C ASN C 238 -4.08 -2.55 28.98
N THR C 239 -4.96 -2.55 27.98
CA THR C 239 -4.48 -2.60 26.59
C THR C 239 -3.93 -1.22 26.21
N PRO C 240 -2.62 -1.10 25.92
CA PRO C 240 -2.08 0.19 25.57
C PRO C 240 -2.40 0.60 24.11
N PRO C 241 -2.04 1.82 23.72
CA PRO C 241 -2.25 2.27 22.31
C PRO C 241 -1.08 1.71 21.47
N CYS C 242 -1.17 0.44 21.14
CA CYS C 242 -0.06 -0.31 20.53
C CYS C 242 0.50 0.37 19.27
N PHE C 243 -0.35 0.67 18.32
CA PHE C 243 0.15 1.22 17.06
C PHE C 243 0.75 2.60 17.29
N GLY C 244 0.12 3.40 18.14
CA GLY C 244 0.70 4.69 18.50
C GLY C 244 2.09 4.59 19.09
N ILE C 245 2.27 3.67 20.02
CA ILE C 245 3.59 3.50 20.65
C ILE C 245 4.62 3.01 19.59
N TYR C 246 4.20 2.11 18.73
CA TYR C 246 5.03 1.65 17.57
C TYR C 246 5.49 2.85 16.76
N MET C 247 4.56 3.75 16.43
CA MET C 247 4.89 4.92 15.59
C MET C 247 5.85 5.85 16.33
N CYS C 248 5.60 6.06 17.61
CA CYS C 248 6.55 6.89 18.42
C CYS C 248 7.95 6.26 18.37
N GLY C 249 7.99 4.94 18.52
CA GLY C 249 9.27 4.22 18.48
C GLY C 249 9.99 4.42 17.14
N LEU C 250 9.26 4.42 16.02
CA LEU C 250 9.90 4.74 14.71
C LEU C 250 10.50 6.14 14.71
N VAL C 251 9.75 7.10 15.25
CA VAL C 251 10.24 8.45 15.32
C VAL C 251 11.50 8.56 16.19
N PHE C 252 11.49 7.93 17.37
CA PHE C 252 12.68 8.00 18.24
C PHE C 252 13.92 7.40 17.56
N GLU C 253 13.72 6.26 16.93
CA GLU C 253 14.81 5.61 16.22
CA GLU C 253 14.78 5.59 16.19
C GLU C 253 15.38 6.54 15.16
N ASP C 254 14.51 7.24 14.43
CA ASP C 254 14.96 8.16 13.37
C ASP C 254 15.65 9.38 13.96
N LEU C 255 15.20 9.89 15.11
CA LEU C 255 15.92 11.02 15.76
C LEU C 255 17.33 10.62 16.17
N LEU C 256 17.49 9.37 16.59
CA LEU C 256 18.82 8.88 16.92
C LEU C 256 19.66 8.80 15.66
N GLU C 257 19.07 8.32 14.58
CA GLU C 257 19.77 8.27 13.31
C GLU C 257 20.25 9.66 12.86
N GLN C 258 19.44 10.68 13.09
CA GLN C 258 19.78 12.04 12.71
C GLN C 258 20.95 12.60 13.52
N GLY C 259 21.39 11.90 14.55
CA GLY C 259 22.48 12.37 15.40
C GLY C 259 22.06 12.75 16.81
N GLY C 260 20.79 12.58 17.16
CA GLY C 260 20.33 12.92 18.50
C GLY C 260 19.88 14.35 18.65
N LEU C 261 19.49 14.71 19.88
CA LEU C 261 18.81 15.99 20.10
C LEU C 261 19.69 17.23 19.96
N LYS C 262 21.00 17.10 20.10
CA LYS C 262 21.84 18.26 19.78
C LYS C 262 21.76 18.67 18.34
N GLU C 263 21.69 17.70 17.45
CA GLU C 263 21.55 17.96 16.02
C GLU C 263 20.17 18.41 15.67
N VAL C 264 19.17 17.77 16.26
CA VAL C 264 17.80 18.21 16.07
C VAL C 264 17.65 19.67 16.43
N GLU C 265 18.22 20.08 17.58
CA GLU C 265 18.06 21.46 18.03
C GLU C 265 18.72 22.41 17.02
N LYS C 266 19.90 22.04 16.51
CA LYS C 266 20.58 22.86 15.50
C LYS C 266 19.74 23.11 14.28
N LYS C 267 19.09 22.06 13.78
CA LYS C 267 18.23 22.20 12.61
C LYS C 267 17.00 23.03 12.94
N ASN C 268 16.46 22.83 14.14
CA ASN C 268 15.29 23.60 14.56
C ASN C 268 15.62 25.09 14.67
N GLN C 269 16.80 25.39 15.20
CA GLN C 269 17.21 26.77 15.36
C GLN C 269 17.40 27.39 13.99
N ARG C 270 17.98 26.65 13.05
CA ARG C 270 18.29 27.19 11.73
C ARG C 270 17.01 27.57 11.01
N LYS C 271 16.05 26.66 10.95
CA LYS C 271 14.86 26.92 10.17
C LYS C 271 13.93 27.95 10.86
N ALA C 272 13.89 27.97 12.20
CA ALA C 272 13.14 29.02 12.91
C ALA C 272 13.73 30.40 12.62
N ASP C 273 15.06 30.46 12.62
CA ASP C 273 15.76 31.73 12.37
C ASP C 273 15.43 32.32 11.00
N LEU C 274 15.33 31.46 9.98
CA LEU C 274 14.95 31.94 8.65
C LEU C 274 13.62 32.70 8.73
N LEU C 275 12.64 32.13 9.46
CA LEU C 275 11.32 32.70 9.52
C LEU C 275 11.30 33.97 10.36
N TYR C 276 11.89 33.91 11.56
CA TYR C 276 11.92 35.10 12.43
C TYR C 276 12.69 36.28 11.77
N ASN C 277 13.79 35.97 11.08
CA ASN C 277 14.58 37.01 10.38
C ASN C 277 13.76 37.63 9.25
N ALA C 278 12.99 36.80 8.56
CA ALA C 278 12.16 37.32 7.49
C ALA C 278 11.13 38.31 8.08
N ILE C 279 10.58 37.97 9.24
CA ILE C 279 9.62 38.85 9.89
C ILE C 279 10.28 40.16 10.31
N GLU C 280 11.42 40.03 10.97
CA GLU C 280 12.09 41.18 11.54
C GLU C 280 12.65 42.13 10.46
N GLU C 281 13.01 41.58 9.32
CA GLU C 281 13.53 42.36 8.20
C GLU C 281 12.44 42.97 7.35
N SER C 282 11.18 42.80 7.72
CA SER C 282 10.09 43.17 6.85
C SER C 282 9.67 44.62 7.00
N ASN C 283 10.39 45.39 7.81
CA ASN C 283 10.04 46.79 8.06
C ASN C 283 8.60 46.91 8.58
N GLY C 284 8.16 45.98 9.43
CA GLY C 284 6.85 46.07 10.07
C GLY C 284 5.68 45.46 9.29
N PHE C 285 5.93 44.94 8.09
CA PHE C 285 4.85 44.37 7.26
C PHE C 285 4.27 43.11 7.91
N PHE C 286 5.17 42.23 8.34
CA PHE C 286 4.87 41.10 9.23
C PHE C 286 5.32 41.44 10.65
N ARG C 287 4.61 40.93 11.66
CA ARG C 287 4.97 41.21 13.04
C ARG C 287 4.82 39.98 13.88
N CYS C 288 5.79 39.76 14.74
CA CYS C 288 5.66 38.72 15.81
C CYS C 288 5.58 39.40 17.17
N PRO C 289 4.54 39.11 17.96
CA PRO C 289 4.35 39.83 19.20
C PRO C 289 5.23 39.36 20.35
N VAL C 290 5.83 38.18 20.22
CA VAL C 290 6.50 37.56 21.35
C VAL C 290 7.87 38.21 21.58
N GLU C 291 8.23 38.41 22.85
CA GLU C 291 9.56 38.93 23.23
C GLU C 291 10.70 38.05 22.71
N LYS C 292 11.74 38.66 22.15
CA LYS C 292 12.72 37.90 21.36
C LYS C 292 13.37 36.72 22.06
N SER C 293 13.74 36.87 23.33
CA SER C 293 14.49 35.82 24.04
C SER C 293 13.66 34.59 24.30
N VAL C 294 12.35 34.71 24.20
CA VAL C 294 11.47 33.53 24.44
C VAL C 294 10.66 33.09 23.25
N ARG C 295 11.05 33.52 22.05
CA ARG C 295 10.36 33.07 20.86
C ARG C 295 10.55 31.56 20.66
N SER C 296 9.41 30.86 20.49
CA SER C 296 9.39 29.42 20.29
C SER C 296 10.05 29.02 18.98
N LEU C 297 10.81 27.93 19.01
CA LEU C 297 11.34 27.32 17.79
C LEU C 297 10.32 26.45 17.07
N MET C 298 9.20 26.16 17.74
CA MET C 298 8.19 25.24 17.23
C MET C 298 6.94 25.91 16.67
N ASN C 299 6.46 26.96 17.33
CA ASN C 299 5.25 27.61 16.90
C ASN C 299 5.50 29.09 16.74
N VAL C 300 5.28 29.62 15.53
CA VAL C 300 5.59 31.02 15.19
C VAL C 300 4.31 31.79 14.87
N PRO C 301 3.79 32.54 15.83
CA PRO C 301 2.64 33.38 15.54
C PRO C 301 3.09 34.71 14.92
N PHE C 302 2.37 35.15 13.90
CA PHE C 302 2.67 36.44 13.29
C PHE C 302 1.46 37.03 12.60
N THR C 303 1.46 38.34 12.48
CA THR C 303 0.34 39.08 11.89
C THR C 303 0.86 40.00 10.82
N LEU C 304 -0.07 40.58 10.07
CA LEU C 304 0.23 41.61 9.09
C LEU C 304 -0.15 42.96 9.63
N GLU C 305 0.65 43.97 9.33
CA GLU C 305 0.24 45.33 9.64
C GLU C 305 -1.13 45.68 9.02
N LYS C 306 -1.35 45.23 7.80
CA LYS C 306 -2.66 45.34 7.17
C LYS C 306 -3.45 44.07 7.45
N SER C 307 -4.20 44.08 8.55
CA SER C 307 -4.91 42.91 9.06
C SER C 307 -5.85 42.35 8.06
N GLU C 308 -6.42 43.23 7.24
CA GLU C 308 -7.43 42.83 6.25
C GLU C 308 -6.87 41.91 5.17
N LEU C 309 -5.55 41.87 5.01
CA LEU C 309 -4.89 40.98 4.05
C LEU C 309 -4.58 39.55 4.56
N GLU C 310 -4.84 39.28 5.83
CA GLU C 310 -4.52 37.96 6.42
C GLU C 310 -5.29 36.80 5.77
N ALA C 311 -6.58 36.98 5.53
CA ALA C 311 -7.39 35.93 4.89
C ALA C 311 -6.82 35.56 3.51
N GLU C 312 -6.50 36.57 2.72
CA GLU C 312 -5.86 36.35 1.43
C GLU C 312 -4.50 35.68 1.55
N PHE C 313 -3.68 36.13 2.49
CA PHE C 313 -2.37 35.47 2.72
C PHE C 313 -2.51 33.96 2.96
N ILE C 314 -3.44 33.60 3.81
CA ILE C 314 -3.60 32.19 4.18
C ILE C 314 -4.14 31.38 3.00
N LYS C 315 -5.12 31.95 2.30
CA LYS C 315 -5.76 31.28 1.18
C LYS C 315 -4.76 31.06 0.04
N GLU C 316 -4.03 32.12 -0.31
CA GLU C 316 -3.00 32.01 -1.31
C GLU C 316 -1.85 31.09 -0.94
N ALA C 317 -1.45 31.06 0.34
CA ALA C 317 -0.43 30.10 0.80
C ALA C 317 -0.87 28.63 0.60
N ALA C 318 -2.13 28.38 0.93
CA ALA C 318 -2.73 27.05 0.75
C ALA C 318 -2.75 26.61 -0.71
N LYS C 319 -3.09 27.51 -1.62
CA LYS C 319 -2.98 27.22 -3.04
C LYS C 319 -1.55 26.83 -3.43
N GLU C 320 -0.55 27.40 -2.73
CA GLU C 320 0.87 27.05 -2.91
C GLU C 320 1.36 25.88 -2.01
N LYS C 321 0.43 25.04 -1.58
CA LYS C 321 0.73 23.80 -0.85
C LYS C 321 1.33 24.06 0.52
N MET C 322 0.98 25.20 1.12
CA MET C 322 1.37 25.49 2.53
C MET C 322 0.11 25.67 3.34
N VAL C 323 -0.23 24.65 4.11
CA VAL C 323 -1.58 24.56 4.68
C VAL C 323 -1.58 24.68 6.19
N GLN C 324 -2.74 25.03 6.74
N GLN C 324 -2.75 25.03 6.73
CA GLN C 324 -2.97 25.11 8.20
CA GLN C 324 -3.00 25.16 8.15
C GLN C 324 -2.17 26.26 8.84
C GLN C 324 -2.08 26.21 8.78
N LEU C 325 -2.04 27.37 8.11
CA LEU C 325 -1.33 28.56 8.63
C LEU C 325 -2.24 29.53 9.40
N LYS C 326 -3.54 29.32 9.45
CA LYS C 326 -4.43 30.29 10.10
C LYS C 326 -4.08 30.36 11.60
N GLY C 327 -3.99 31.59 12.11
CA GLY C 327 -3.75 31.84 13.51
C GLY C 327 -4.95 31.62 14.40
N HIS C 328 -4.78 31.85 15.68
CA HIS C 328 -5.84 31.60 16.66
C HIS C 328 -6.88 32.68 16.59
N ARG C 329 -8.12 32.23 16.78
CA ARG C 329 -9.32 33.05 16.84
C ARG C 329 -9.06 34.41 17.52
N SER C 330 -8.39 34.38 18.66
CA SER C 330 -8.13 35.57 19.49
C SER C 330 -7.28 36.70 18.87
N VAL C 331 -6.36 36.36 17.96
CA VAL C 331 -5.39 37.34 17.44
C VAL C 331 -5.42 37.51 15.94
N GLY C 332 -6.06 36.56 15.26
CA GLY C 332 -6.01 36.52 13.82
C GLY C 332 -4.62 36.18 13.40
N GLY C 333 -4.26 36.70 12.25
CA GLY C 333 -2.97 36.45 11.69
C GLY C 333 -2.79 34.97 11.42
N MET C 334 -1.55 34.57 11.58
CA MET C 334 -1.06 33.31 11.12
C MET C 334 -0.31 32.62 12.27
N ARG C 335 -0.22 31.30 12.17
CA ARG C 335 0.62 30.51 13.05
C ARG C 335 1.31 29.46 12.20
N ALA C 336 2.62 29.58 12.09
CA ALA C 336 3.44 28.57 11.41
C ALA C 336 4.03 27.60 12.43
N SER C 337 3.46 26.40 12.52
CA SER C 337 4.03 25.37 13.37
C SER C 337 5.09 24.66 12.54
N ILE C 338 6.31 24.64 13.09
CA ILE C 338 7.53 24.21 12.40
C ILE C 338 8.29 23.18 13.24
N TYR C 339 7.62 22.04 13.43
CA TYR C 339 8.11 20.96 14.34
C TYR C 339 9.32 20.24 13.72
N ASN C 340 9.89 19.29 14.47
CA ASN C 340 11.09 18.57 14.04
C ASN C 340 10.93 18.13 12.60
N ALA C 341 9.79 17.53 12.26
CA ALA C 341 9.62 16.92 10.93
C ALA C 341 9.24 17.84 9.79
N MET C 342 9.02 19.13 10.06
CA MET C 342 8.80 20.11 9.00
C MET C 342 10.07 20.28 8.17
N PRO C 343 10.03 19.91 6.88
CA PRO C 343 11.26 20.07 6.11
C PRO C 343 11.73 21.52 6.08
N LEU C 344 13.03 21.70 6.13
CA LEU C 344 13.65 23.01 5.86
C LEU C 344 13.07 23.66 4.59
N ALA C 345 12.79 22.86 3.57
CA ALA C 345 12.24 23.42 2.31
C ALA C 345 10.82 23.99 2.45
N GLY C 346 10.05 23.49 3.43
CA GLY C 346 8.79 24.08 3.76
C GLY C 346 8.98 25.48 4.31
N VAL C 347 9.93 25.63 5.22
CA VAL C 347 10.14 26.96 5.81
C VAL C 347 10.65 27.89 4.72
N GLU C 348 11.57 27.40 3.91
CA GLU C 348 12.08 28.19 2.78
C GLU C 348 10.99 28.67 1.82
N LYS C 349 10.04 27.80 1.50
CA LYS C 349 8.96 28.18 0.62
C LYS C 349 8.07 29.23 1.28
N LEU C 350 7.82 29.10 2.59
CA LEU C 350 7.04 30.12 3.28
C LEU C 350 7.72 31.47 3.27
N VAL C 351 9.01 31.49 3.55
CA VAL C 351 9.74 32.75 3.54
C VAL C 351 9.73 33.41 2.13
N ALA C 352 9.86 32.61 1.09
CA ALA C 352 9.82 33.11 -0.30
C ALA C 352 8.45 33.68 -0.61
N PHE C 353 7.43 32.96 -0.16
CA PHE C 353 6.04 33.38 -0.34
C PHE C 353 5.83 34.71 0.36
N MET C 354 6.31 34.82 1.61
CA MET C 354 6.18 36.05 2.38
C MET C 354 6.86 37.23 1.66
N LYS C 355 8.05 37.00 1.15
CA LYS C 355 8.74 38.05 0.41
C LYS C 355 8.01 38.49 -0.85
N ASP C 356 7.44 37.55 -1.61
CA ASP C 356 6.66 37.87 -2.80
CA ASP C 356 6.65 37.90 -2.80
C ASP C 356 5.39 38.64 -2.40
N PHE C 357 4.72 38.17 -1.34
CA PHE C 357 3.48 38.79 -0.83
C PHE C 357 3.70 40.24 -0.40
N GLN C 358 4.82 40.47 0.26
CA GLN C 358 5.16 41.79 0.71
C GLN C 358 5.41 42.71 -0.50
N ALA C 359 6.13 42.19 -1.47
CA ALA C 359 6.43 42.97 -2.70
C ALA C 359 5.13 43.34 -3.41
N LYS C 360 4.17 42.42 -3.41
CA LYS C 360 2.93 42.61 -4.11
C LYS C 360 2.04 43.64 -3.43
N HIS C 361 2.10 43.69 -2.10
CA HIS C 361 1.16 44.49 -1.28
C HIS C 361 1.72 45.66 -0.48
N ALA C 362 3.03 45.73 -0.30
CA ALA C 362 3.58 46.82 0.52
C ALA C 362 3.64 48.06 -0.37
N ASN D 2 7.48 -14.57 5.46
CA ASN D 2 6.43 -15.63 5.50
C ASN D 2 5.03 -14.98 5.52
N ALA D 3 4.03 -15.84 5.47
CA ALA D 3 2.64 -15.50 5.34
C ALA D 3 1.98 -15.07 6.65
N ARG D 4 0.84 -14.40 6.52
CA ARG D 4 0.02 -14.12 7.67
C ARG D 4 -0.49 -15.41 8.30
N VAL D 5 -0.56 -15.40 9.63
CA VAL D 5 -1.06 -16.52 10.40
C VAL D 5 -2.56 -16.36 10.74
N PHE D 6 -3.18 -17.47 11.15
CA PHE D 6 -4.50 -17.39 11.76
C PHE D 6 -4.27 -17.02 13.23
N ASN D 7 -4.79 -15.88 13.63
CA ASN D 7 -4.44 -15.23 14.90
C ASN D 7 -5.68 -15.29 15.82
N PHE D 8 -5.65 -16.23 16.76
CA PHE D 8 -6.77 -16.48 17.66
C PHE D 8 -6.70 -15.63 18.96
N ALA D 9 -5.89 -14.59 18.95
CA ALA D 9 -5.74 -13.70 20.12
C ALA D 9 -7.07 -13.05 20.54
N ALA D 10 -7.22 -12.90 21.86
CA ALA D 10 -8.41 -12.33 22.48
C ALA D 10 -8.52 -10.80 22.48
N GLY D 11 -7.45 -10.07 22.14
CA GLY D 11 -7.50 -8.58 22.14
C GLY D 11 -6.17 -7.98 22.56
N PRO D 12 -5.56 -7.13 21.75
CA PRO D 12 -5.99 -6.85 20.37
C PRO D 12 -6.07 -8.12 19.58
N ALA D 13 -6.63 -8.01 18.38
CA ALA D 13 -7.08 -9.18 17.67
C ALA D 13 -6.99 -9.01 16.19
N THR D 14 -7.32 -10.07 15.48
CA THR D 14 -7.25 -10.05 14.01
C THR D 14 -8.18 -9.03 13.36
N LEU D 15 -7.71 -8.45 12.24
CA LEU D 15 -8.47 -7.46 11.49
C LEU D 15 -8.66 -7.91 10.02
N PRO D 16 -9.68 -7.37 9.31
CA PRO D 16 -9.92 -7.84 7.93
C PRO D 16 -8.73 -7.45 7.05
N GLU D 17 -8.26 -8.38 6.23
CA GLU D 17 -7.14 -8.10 5.34
C GLU D 17 -7.43 -6.94 4.40
N ASN D 18 -8.63 -6.88 3.84
CA ASN D 18 -8.99 -5.77 2.92
C ASN D 18 -8.93 -4.40 3.62
N VAL D 19 -9.32 -4.38 4.91
CA VAL D 19 -9.23 -3.21 5.73
C VAL D 19 -7.78 -2.82 5.96
N LEU D 20 -6.94 -3.79 6.31
CA LEU D 20 -5.55 -3.48 6.50
C LEU D 20 -4.92 -2.91 5.24
N LEU D 21 -5.27 -3.51 4.11
CA LEU D 21 -4.67 -3.06 2.82
C LEU D 21 -5.18 -1.67 2.41
N LYS D 22 -6.44 -1.35 2.71
CA LYS D 22 -6.94 -0.01 2.48
C LYS D 22 -6.14 1.01 3.29
N ALA D 23 -5.92 0.69 4.55
CA ALA D 23 -5.14 1.57 5.44
C ALA D 23 -3.73 1.74 4.89
N GLN D 24 -3.13 0.64 4.42
CA GLN D 24 -1.80 0.71 3.86
C GLN D 24 -1.77 1.64 2.68
N ALA D 25 -2.75 1.54 1.83
CA ALA D 25 -2.81 2.35 0.60
C ALA D 25 -3.07 3.82 0.83
N ASP D 26 -3.79 4.13 1.91
CA ASP D 26 -4.10 5.51 2.32
C ASP D 26 -3.02 6.15 3.22
N LEU D 27 -2.07 5.38 3.76
CA LEU D 27 -1.26 5.83 4.90
CA LEU D 27 -1.25 5.82 4.89
C LEU D 27 -0.40 7.04 4.63
N TYR D 28 0.28 7.08 3.50
CA TYR D 28 1.21 8.22 3.19
C TYR D 28 0.50 9.49 2.79
N ASN D 29 -0.64 9.36 2.16
CA ASN D 29 -1.40 10.47 1.58
C ASN D 29 -2.84 9.99 1.43
N TRP D 30 -3.70 10.41 2.33
CA TRP D 30 -5.09 9.99 2.33
C TRP D 30 -5.87 10.77 1.25
N ARG D 31 -6.35 10.04 0.27
CA ARG D 31 -7.15 10.61 -0.82
C ARG D 31 -6.68 11.90 -1.44
N GLY D 32 -5.38 12.00 -1.74
CA GLY D 32 -4.84 13.26 -2.29
C GLY D 32 -4.97 14.53 -1.47
N SER D 33 -5.28 14.39 -0.16
CA SER D 33 -5.33 15.48 0.78
C SER D 33 -3.95 16.03 1.03
N GLY D 34 -2.90 15.30 0.66
CA GLY D 34 -1.54 15.74 0.89
C GLY D 34 -0.86 15.32 2.19
N MET D 35 -1.54 14.51 2.99
CA MET D 35 -0.95 14.07 4.26
C MET D 35 -1.62 12.78 4.71
N SER D 36 -1.02 12.14 5.69
CA SER D 36 -1.58 10.94 6.33
C SER D 36 -2.74 11.34 7.26
N VAL D 37 -3.64 10.43 7.52
CA VAL D 37 -4.61 10.59 8.66
C VAL D 37 -3.87 10.90 9.95
N MET D 38 -2.70 10.28 10.11
CA MET D 38 -1.85 10.50 11.31
C MET D 38 -1.30 11.93 11.48
N GLU D 39 -1.39 12.74 10.42
CA GLU D 39 -0.90 14.11 10.40
C GLU D 39 -2.02 15.15 10.32
N MET D 40 -3.28 14.73 10.24
CA MET D 40 -4.41 15.65 10.06
C MET D 40 -4.77 16.41 11.33
N SER D 41 -5.16 17.68 11.18
CA SER D 41 -5.81 18.40 12.25
C SER D 41 -7.17 17.77 12.53
N HIS D 42 -7.44 17.50 13.81
CA HIS D 42 -8.73 16.98 14.21
C HIS D 42 -9.88 17.98 14.01
N ARG D 43 -9.54 19.25 13.77
CA ARG D 43 -10.55 20.25 13.50
C ARG D 43 -10.68 20.56 12.00
N GLY D 44 -9.90 19.88 11.16
CA GLY D 44 -9.92 20.08 9.72
C GLY D 44 -11.00 19.31 9.02
N LYS D 45 -11.31 19.73 7.79
CA LYS D 45 -12.47 19.14 7.14
C LYS D 45 -12.28 17.64 6.83
N GLU D 46 -11.06 17.22 6.53
CA GLU D 46 -10.85 15.82 6.17
C GLU D 46 -11.14 14.91 7.40
N PHE D 47 -10.53 15.22 8.53
CA PHE D 47 -10.82 14.41 9.71
C PHE D 47 -12.29 14.50 10.12
N LEU D 48 -12.91 15.68 10.05
CA LEU D 48 -14.33 15.75 10.37
C LEU D 48 -15.17 14.80 9.53
N SER D 49 -14.84 14.68 8.25
CA SER D 49 -15.58 13.78 7.37
C SER D 49 -15.40 12.34 7.84
N ILE D 50 -14.18 12.02 8.28
CA ILE D 50 -13.88 10.65 8.72
C ILE D 50 -14.65 10.26 9.99
N ILE D 51 -14.59 11.14 10.98
CA ILE D 51 -15.23 10.83 12.25
C ILE D 51 -16.75 10.84 12.09
N GLN D 52 -17.28 11.75 11.27
CA GLN D 52 -18.72 11.82 11.08
C GLN D 52 -19.23 10.59 10.38
N LYS D 53 -18.47 10.09 9.40
CA LYS D 53 -18.88 8.91 8.64
C LYS D 53 -18.77 7.69 9.56
N ALA D 54 -17.71 7.62 10.36
CA ALA D 54 -17.61 6.50 11.29
C ALA D 54 -18.82 6.42 12.23
N GLU D 55 -19.26 7.56 12.73
CA GLU D 55 -20.41 7.60 13.61
C GLU D 55 -21.69 7.19 12.88
N SER D 56 -21.90 7.74 11.69
CA SER D 56 -23.08 7.43 10.92
CA SER D 56 -23.13 7.42 10.97
C SER D 56 -23.14 5.95 10.60
N ASP D 57 -21.99 5.38 10.18
CA ASP D 57 -21.94 3.97 9.82
C ASP D 57 -22.24 3.09 11.04
N LEU D 58 -21.67 3.42 12.19
CA LEU D 58 -21.99 2.67 13.41
C LEU D 58 -23.48 2.78 13.77
N ARG D 59 -24.05 3.97 13.63
CA ARG D 59 -25.48 4.18 13.94
C ARG D 59 -26.31 3.30 13.01
N GLN D 60 -25.93 3.25 11.74
CA GLN D 60 -26.66 2.38 10.80
C GLN D 60 -26.52 0.90 11.20
N LEU D 61 -25.30 0.46 11.50
CA LEU D 61 -25.08 -0.96 11.81
C LEU D 61 -25.91 -1.43 12.98
N LEU D 62 -25.87 -0.69 14.08
CA LEU D 62 -26.57 -1.08 15.30
C LEU D 62 -28.03 -0.55 15.37
N GLU D 63 -28.44 0.21 14.38
CA GLU D 63 -29.76 0.85 14.38
C GLU D 63 -29.93 1.66 15.64
N ILE D 64 -28.96 2.51 15.90
CA ILE D 64 -28.96 3.32 17.10
C ILE D 64 -30.08 4.38 17.02
N PRO D 65 -31.00 4.42 18.01
CA PRO D 65 -32.05 5.48 17.96
C PRO D 65 -31.49 6.89 18.04
N GLN D 66 -32.25 7.87 17.56
CA GLN D 66 -31.75 9.23 17.48
C GLN D 66 -31.41 9.82 18.85
N GLU D 67 -32.12 9.35 19.87
CA GLU D 67 -32.00 9.91 21.22
C GLU D 67 -30.78 9.35 22.00
N TYR D 68 -29.86 8.69 21.29
CA TYR D 68 -28.59 8.21 21.83
C TYR D 68 -27.44 8.97 21.21
N SER D 69 -26.45 9.28 22.05
CA SER D 69 -25.17 9.78 21.58
C SER D 69 -24.17 8.67 21.35
N VAL D 70 -23.21 8.96 20.49
CA VAL D 70 -22.08 8.05 20.17
C VAL D 70 -20.79 8.82 20.38
N LEU D 71 -19.98 8.34 21.32
CA LEU D 71 -18.72 8.98 21.72
C LEU D 71 -17.53 8.10 21.35
N PHE D 72 -16.47 8.71 20.81
CA PHE D 72 -15.22 7.97 20.46
C PHE D 72 -14.15 8.52 21.40
N LEU D 73 -13.71 7.69 22.30
CA LEU D 73 -12.86 8.13 23.44
C LEU D 73 -11.57 7.33 23.56
N GLN D 74 -10.60 7.86 24.31
CA GLN D 74 -9.42 7.13 24.72
C GLN D 74 -9.60 6.55 26.13
N GLY D 75 -8.62 5.69 26.47
CA GLY D 75 -8.49 5.20 27.85
C GLY D 75 -8.88 3.76 28.07
N GLY D 76 -9.42 3.12 27.05
CA GLY D 76 -9.88 1.77 27.18
C GLY D 76 -11.21 1.62 27.90
N ALA D 77 -11.75 0.40 27.88
CA ALA D 77 -12.91 0.11 28.70
C ALA D 77 -12.63 0.31 30.19
N THR D 78 -11.38 0.16 30.61
CA THR D 78 -11.03 0.27 32.01
C THR D 78 -11.27 1.71 32.48
N THR D 79 -11.08 2.69 31.60
CA THR D 79 -11.38 4.09 31.95
C THR D 79 -12.88 4.23 32.20
N GLN D 80 -13.69 3.52 31.41
CA GLN D 80 -15.13 3.56 31.59
C GLN D 80 -15.60 2.96 32.93
N PHE D 81 -14.85 2.00 33.47
CA PHE D 81 -15.15 1.47 34.78
C PHE D 81 -15.24 2.59 35.82
N ALA D 82 -14.44 3.64 35.65
CA ALA D 82 -14.53 4.83 36.48
C ALA D 82 -15.55 5.84 35.95
N ALA D 83 -15.53 6.08 34.66
CA ALA D 83 -16.42 7.12 34.10
C ALA D 83 -17.90 6.86 34.34
N LEU D 84 -18.32 5.60 34.31
CA LEU D 84 -19.72 5.27 34.44
C LEU D 84 -20.29 5.79 35.75
N PRO D 85 -19.73 5.37 36.88
CA PRO D 85 -20.31 5.86 38.15
C PRO D 85 -20.01 7.32 38.39
N LEU D 86 -18.85 7.83 37.91
CA LEU D 86 -18.57 9.27 38.05
C LEU D 86 -19.64 10.12 37.36
N ASN D 87 -20.06 9.70 36.19
CA ASN D 87 -21.05 10.44 35.43
C ASN D 87 -22.49 10.20 35.87
N LEU D 88 -22.81 8.98 36.32
CA LEU D 88 -24.19 8.54 36.40
C LEU D 88 -24.72 8.41 37.81
N CYS D 89 -23.83 8.51 38.79
CA CYS D 89 -24.15 8.26 40.17
C CYS D 89 -23.69 9.43 41.03
N LYS D 90 -24.43 9.64 42.12
CA LYS D 90 -23.89 10.36 43.26
C LYS D 90 -23.10 9.38 44.12
N SER D 91 -22.26 9.89 45.00
CA SER D 91 -21.46 8.99 45.83
C SER D 91 -22.25 8.04 46.74
N ASP D 92 -23.52 8.36 47.07
CA ASP D 92 -24.31 7.46 47.89
C ASP D 92 -25.39 6.72 47.10
N ASP D 93 -25.34 6.80 45.77
CA ASP D 93 -26.20 5.97 44.95
C ASP D 93 -25.70 4.52 44.97
N THR D 94 -26.56 3.59 44.62
CA THR D 94 -26.18 2.21 44.50
C THR D 94 -26.26 1.73 43.05
N VAL D 95 -25.24 0.99 42.62
CA VAL D 95 -25.26 0.29 41.33
C VAL D 95 -25.34 -1.21 41.57
N ASP D 96 -26.19 -1.93 40.83
CA ASP D 96 -26.22 -3.38 40.96
C ASP D 96 -25.33 -3.97 39.87
N PHE D 97 -24.63 -5.04 40.20
CA PHE D 97 -23.85 -5.84 39.23
C PHE D 97 -24.28 -7.31 39.16
N VAL D 98 -24.37 -7.86 37.93
CA VAL D 98 -24.44 -9.27 37.70
C VAL D 98 -23.07 -9.65 37.18
N VAL D 99 -22.32 -10.48 37.93
CA VAL D 99 -20.93 -10.76 37.59
C VAL D 99 -20.84 -12.18 37.03
N THR D 100 -20.58 -12.28 35.72
CA THR D 100 -20.50 -13.52 34.98
C THR D 100 -19.08 -13.89 34.57
N GLY D 101 -18.10 -13.09 34.98
CA GLY D 101 -16.71 -13.35 34.69
C GLY D 101 -15.82 -12.29 35.30
N SER D 102 -14.53 -12.37 35.00
CA SER D 102 -13.56 -11.51 35.64
C SER D 102 -13.58 -10.05 35.15
N TRP D 103 -14.08 -9.76 33.96
CA TRP D 103 -14.19 -8.35 33.58
C TRP D 103 -15.25 -7.60 34.40
N GLY D 104 -16.39 -8.22 34.63
CA GLY D 104 -17.39 -7.60 35.48
C GLY D 104 -16.89 -7.40 36.89
N ASP D 105 -16.08 -8.33 37.37
CA ASP D 105 -15.47 -8.21 38.69
C ASP D 105 -14.53 -6.98 38.76
N LYS D 106 -13.79 -6.73 37.68
CA LYS D 106 -12.94 -5.54 37.67
C LYS D 106 -13.78 -4.25 37.63
N ALA D 107 -14.94 -4.27 36.96
CA ALA D 107 -15.83 -3.10 36.95
C ALA D 107 -16.40 -2.81 38.37
N VAL D 108 -16.74 -3.88 39.12
CA VAL D 108 -17.20 -3.71 40.51
C VAL D 108 -16.16 -3.00 41.32
N LYS D 109 -14.91 -3.45 41.24
CA LYS D 109 -13.87 -2.98 42.12
C LYS D 109 -13.58 -1.50 41.88
N GLU D 110 -13.64 -1.09 40.62
CA GLU D 110 -13.37 0.33 40.32
C GLU D 110 -14.57 1.20 40.75
N ALA D 111 -15.79 0.72 40.52
CA ALA D 111 -16.98 1.49 40.89
C ALA D 111 -17.08 1.79 42.39
N LYS D 112 -16.52 0.90 43.21
CA LYS D 112 -16.55 1.06 44.67
C LYS D 112 -15.91 2.35 45.10
N LYS D 113 -15.03 2.90 44.26
CA LYS D 113 -14.36 4.15 44.59
C LYS D 113 -15.32 5.33 44.55
N TYR D 114 -16.45 5.18 43.84
CA TYR D 114 -17.26 6.30 43.44
C TYR D 114 -18.73 6.26 43.84
N CYS D 115 -19.20 5.09 44.25
CA CYS D 115 -20.58 4.96 44.71
C CYS D 115 -20.70 3.62 45.44
N LYS D 116 -21.90 3.27 45.89
CA LYS D 116 -22.12 1.97 46.49
C LYS D 116 -22.41 0.88 45.44
N THR D 117 -21.91 -0.32 45.69
CA THR D 117 -22.06 -1.41 44.75
C THR D 117 -22.74 -2.60 45.42
N ASN D 118 -23.63 -3.24 44.68
CA ASN D 118 -24.30 -4.46 45.16
CA ASN D 118 -24.22 -4.45 45.16
C ASN D 118 -24.10 -5.53 44.08
N VAL D 119 -23.33 -6.58 44.38
CA VAL D 119 -23.25 -7.72 43.49
C VAL D 119 -24.43 -8.62 43.79
N ILE D 120 -25.42 -8.57 42.94
CA ILE D 120 -26.65 -9.31 43.15
C ILE D 120 -26.58 -10.72 42.64
N TRP D 121 -25.59 -11.06 41.82
CA TRP D 121 -25.38 -12.42 41.43
C TRP D 121 -23.96 -12.55 40.92
N SER D 122 -23.29 -13.62 41.32
CA SER D 122 -21.96 -13.91 40.83
C SER D 122 -21.87 -15.36 40.38
N GLY D 123 -21.23 -15.59 39.25
CA GLY D 123 -21.00 -16.94 38.77
C GLY D 123 -19.74 -17.61 39.31
N LYS D 124 -19.02 -16.91 40.18
CA LYS D 124 -17.70 -17.35 40.56
C LYS D 124 -17.71 -18.75 41.21
N SER D 125 -18.76 -19.07 41.96
CA SER D 125 -18.83 -20.38 42.66
C SER D 125 -18.84 -21.56 41.70
N GLU D 126 -19.25 -21.37 40.46
CA GLU D 126 -19.22 -22.42 39.45
C GLU D 126 -18.26 -22.13 38.30
N LYS D 127 -17.21 -21.38 38.61
CA LYS D 127 -16.12 -21.12 37.69
C LYS D 127 -16.57 -20.32 36.45
N TYR D 128 -17.59 -19.47 36.66
CA TYR D 128 -18.06 -18.56 35.64
C TYR D 128 -18.45 -19.30 34.37
N THR D 129 -19.52 -20.09 34.48
CA THR D 129 -19.99 -20.88 33.40
C THR D 129 -21.44 -20.66 33.05
N LYS D 130 -22.12 -19.75 33.76
CA LYS D 130 -23.57 -19.60 33.63
C LYS D 130 -24.00 -18.14 33.64
N VAL D 131 -25.21 -17.91 33.16
CA VAL D 131 -25.91 -16.61 33.31
C VAL D 131 -27.08 -16.88 34.26
N PRO D 132 -27.37 -15.96 35.19
CA PRO D 132 -28.52 -16.17 36.08
C PRO D 132 -29.88 -16.23 35.41
N SER D 133 -30.81 -16.92 36.05
CA SER D 133 -32.21 -16.74 35.72
C SER D 133 -32.63 -15.32 36.13
N PHE D 134 -33.16 -14.55 35.19
CA PHE D 134 -33.38 -13.15 35.44
C PHE D 134 -34.49 -12.87 36.45
N GLU D 135 -35.54 -13.69 36.39
CA GLU D 135 -36.72 -13.44 37.23
C GLU D 135 -36.39 -13.65 38.69
N GLU D 136 -35.40 -14.46 38.99
CA GLU D 136 -35.01 -14.68 40.36
C GLU D 136 -33.96 -13.69 40.91
N LEU D 137 -33.45 -12.78 40.07
CA LEU D 137 -32.52 -11.77 40.57
C LEU D 137 -33.21 -10.87 41.60
N GLU D 138 -32.51 -10.58 42.69
CA GLU D 138 -32.96 -9.65 43.72
C GLU D 138 -32.35 -8.29 43.50
N GLN D 139 -33.04 -7.42 42.78
CA GLN D 139 -32.49 -6.12 42.41
C GLN D 139 -32.80 -5.06 43.44
N THR D 140 -31.86 -4.13 43.61
CA THR D 140 -32.00 -3.08 44.59
C THR D 140 -33.11 -2.11 44.12
N PRO D 141 -34.07 -1.80 45.00
CA PRO D 141 -35.29 -1.10 44.51
C PRO D 141 -35.04 0.33 44.02
N ASP D 142 -33.98 0.99 44.50
CA ASP D 142 -33.61 2.31 44.02
C ASP D 142 -32.23 2.35 43.33
N ALA D 143 -31.82 1.23 42.74
CA ALA D 143 -30.55 1.17 41.97
C ALA D 143 -30.54 2.23 40.88
N LYS D 144 -29.40 2.86 40.68
CA LYS D 144 -29.22 3.79 39.57
C LYS D 144 -29.10 3.07 38.24
N TYR D 145 -28.37 1.98 38.22
CA TYR D 145 -28.26 1.16 37.01
C TYR D 145 -27.81 -0.24 37.36
N LEU D 146 -27.97 -1.14 36.39
CA LEU D 146 -27.60 -2.54 36.50
C LEU D 146 -26.50 -2.79 35.47
N HIS D 147 -25.35 -3.25 35.94
CA HIS D 147 -24.18 -3.49 35.04
C HIS D 147 -23.97 -4.96 34.73
N ILE D 148 -23.84 -5.26 33.44
CA ILE D 148 -23.44 -6.57 32.95
C ILE D 148 -22.23 -6.45 32.04
N CYS D 149 -21.49 -7.55 31.92
CA CYS D 149 -20.51 -7.71 30.82
C CYS D 149 -21.16 -8.70 29.87
N ALA D 150 -21.52 -8.20 28.70
CA ALA D 150 -22.36 -8.97 27.77
C ALA D 150 -21.62 -10.20 27.27
N ASN D 151 -20.30 -10.10 27.16
CA ASN D 151 -19.47 -11.21 26.68
C ASN D 151 -18.23 -11.24 27.51
N GLU D 152 -18.11 -12.23 28.38
CA GLU D 152 -16.96 -12.36 29.27
C GLU D 152 -15.82 -13.08 28.53
N THR D 153 -14.85 -12.30 28.15
CA THR D 153 -13.86 -12.65 27.15
C THR D 153 -12.98 -13.82 27.53
N ILE D 154 -12.64 -13.92 28.82
CA ILE D 154 -11.82 -15.03 29.34
C ILE D 154 -12.67 -16.31 29.54
N HIS D 155 -13.88 -16.15 30.05
CA HIS D 155 -14.74 -17.27 30.44
C HIS D 155 -15.72 -17.82 29.39
N GLY D 156 -15.89 -17.10 28.28
CA GLY D 156 -16.72 -17.58 27.18
C GLY D 156 -18.22 -17.57 27.45
N VAL D 157 -18.68 -16.70 28.36
CA VAL D 157 -20.09 -16.61 28.75
C VAL D 157 -20.66 -15.37 28.10
N GLU D 158 -21.73 -15.54 27.32
CA GLU D 158 -22.36 -14.44 26.56
C GLU D 158 -23.86 -14.40 26.82
N PHE D 159 -24.34 -13.24 27.19
CA PHE D 159 -25.76 -12.97 27.23
C PHE D 159 -26.39 -13.03 25.81
N LYS D 160 -27.49 -13.77 25.70
CA LYS D 160 -28.24 -13.80 24.45
C LYS D 160 -29.46 -12.92 24.64
N ASP D 161 -30.16 -13.07 25.76
CA ASP D 161 -31.25 -12.17 26.17
CA ASP D 161 -31.18 -12.08 26.09
C ASP D 161 -30.70 -11.30 27.30
N TYR D 162 -31.37 -10.18 27.56
CA TYR D 162 -30.90 -9.25 28.57
C TYR D 162 -31.89 -9.07 29.71
N PRO D 163 -31.38 -8.90 30.94
CA PRO D 163 -32.24 -8.61 32.09
C PRO D 163 -32.89 -7.27 31.99
N VAL D 164 -34.06 -7.14 32.63
CA VAL D 164 -34.78 -5.88 32.71
C VAL D 164 -34.52 -5.25 34.06
N PRO D 165 -33.87 -4.06 34.05
CA PRO D 165 -33.63 -3.42 35.33
C PRO D 165 -34.93 -3.09 36.07
N LYS D 166 -35.01 -3.45 37.33
CA LYS D 166 -36.23 -3.21 38.11
C LYS D 166 -36.45 -1.69 38.31
N ASN D 167 -35.35 -1.01 38.64
CA ASN D 167 -35.27 0.44 38.60
C ASN D 167 -34.08 0.81 37.73
N GLY D 168 -34.02 2.07 37.30
CA GLY D 168 -32.82 2.57 36.60
C GLY D 168 -32.73 1.99 35.21
N PHE D 169 -31.49 1.87 34.70
CA PHE D 169 -31.23 1.49 33.32
C PHE D 169 -30.13 0.46 33.23
N LEU D 170 -30.00 -0.16 32.06
CA LEU D 170 -29.04 -1.25 31.82
C LEU D 170 -27.76 -0.69 31.20
N VAL D 171 -26.62 -1.10 31.76
CA VAL D 171 -25.31 -0.75 31.23
C VAL D 171 -24.61 -2.05 30.88
N ALA D 172 -24.10 -2.15 29.64
CA ALA D 172 -23.37 -3.33 29.23
C ALA D 172 -22.00 -3.01 28.63
N ASP D 173 -20.99 -3.71 29.17
CA ASP D 173 -19.68 -3.82 28.56
C ASP D 173 -19.77 -4.85 27.41
N MET D 174 -19.77 -4.33 26.18
CA MET D 174 -19.82 -5.17 24.96
C MET D 174 -18.46 -5.19 24.25
N SER D 175 -17.36 -4.89 24.97
CA SER D 175 -16.05 -4.89 24.34
C SER D 175 -15.80 -6.07 23.38
N SER D 176 -16.03 -7.28 23.86
CA SER D 176 -15.63 -8.44 23.07
C SER D 176 -16.73 -9.06 22.20
N ASN D 177 -17.91 -8.43 22.13
CA ASN D 177 -18.89 -8.83 21.13
C ASN D 177 -19.52 -7.65 20.41
N PHE D 178 -18.84 -6.52 20.45
CA PHE D 178 -19.35 -5.27 19.85
C PHE D 178 -19.48 -5.40 18.34
N CYS D 179 -20.67 -5.11 17.83
CA CYS D 179 -20.97 -5.25 16.42
C CYS D 179 -20.78 -6.68 15.90
N SER D 180 -21.06 -7.68 16.75
CA SER D 180 -21.13 -9.08 16.31
C SER D 180 -22.54 -9.49 15.92
N LYS D 181 -23.51 -8.67 16.25
CA LYS D 181 -24.92 -9.02 16.07
C LYS D 181 -25.84 -7.82 16.32
N PRO D 182 -27.08 -7.88 15.84
CA PRO D 182 -28.01 -6.81 16.25
C PRO D 182 -28.15 -6.72 17.75
N VAL D 183 -28.39 -5.49 18.22
CA VAL D 183 -28.73 -5.23 19.61
C VAL D 183 -29.87 -4.24 19.63
N ASP D 184 -30.89 -4.51 20.43
CA ASP D 184 -31.95 -3.51 20.65
C ASP D 184 -31.43 -2.45 21.61
N VAL D 185 -30.83 -1.42 21.03
CA VAL D 185 -30.15 -0.39 21.80
C VAL D 185 -31.10 0.35 22.79
N SER D 186 -32.37 0.46 22.44
CA SER D 186 -33.38 1.12 23.30
C SER D 186 -33.54 0.45 24.66
N LYS D 187 -33.12 -0.80 24.77
CA LYS D 187 -33.18 -1.51 26.05
C LYS D 187 -32.12 -1.05 27.05
N PHE D 188 -31.14 -0.26 26.58
CA PHE D 188 -29.96 0.09 27.37
C PHE D 188 -29.84 1.57 27.65
N GLY D 189 -29.31 1.90 28.82
CA GLY D 189 -28.84 3.26 29.08
C GLY D 189 -27.48 3.57 28.45
N VAL D 190 -26.55 2.62 28.62
CA VAL D 190 -25.23 2.74 28.06
C VAL D 190 -24.78 1.39 27.53
N ILE D 191 -24.17 1.43 26.37
CA ILE D 191 -23.38 0.33 25.78
C ILE D 191 -21.97 0.85 25.59
N TYR D 192 -20.96 0.14 26.12
CA TYR D 192 -19.58 0.58 25.89
C TYR D 192 -18.63 -0.54 25.54
N GLY D 193 -17.52 -0.21 24.89
CA GLY D 193 -16.50 -1.23 24.64
C GLY D 193 -15.23 -0.69 24.04
N GLY D 194 -14.09 -1.29 24.42
CA GLY D 194 -12.84 -1.02 23.70
C GLY D 194 -12.96 -1.50 22.28
N ALA D 195 -12.40 -0.77 21.32
CA ALA D 195 -12.46 -1.20 19.90
C ALA D 195 -11.65 -2.43 19.55
N GLN D 196 -10.64 -2.71 20.36
CA GLN D 196 -9.56 -3.58 19.95
C GLN D 196 -9.97 -5.01 19.73
N1 LLP D 197 -13.99 -5.65 29.17
C2 LLP D 197 -13.84 -6.72 28.39
C2' LLP D 197 -15.01 -7.62 28.15
C3 LLP D 197 -12.56 -7.03 27.78
O3 LLP D 197 -12.41 -8.11 26.98
C4 LLP D 197 -11.42 -6.14 28.03
C4' LLP D 197 -10.09 -6.42 27.35
C5 LLP D 197 -11.69 -5.01 28.91
C6 LLP D 197 -12.96 -4.83 29.43
C5' LLP D 197 -10.56 -4.03 29.23
OP4 LLP D 197 -10.35 -3.18 28.08
P LLP D 197 -9.09 -2.13 28.08
OP1 LLP D 197 -9.37 -1.39 26.81
OP2 LLP D 197 -9.25 -1.24 29.30
OP3 LLP D 197 -7.87 -2.99 28.05
N LLP D 197 -11.04 -5.47 20.35
CA LLP D 197 -11.40 -6.87 20.26
CB LLP D 197 -12.28 -7.33 21.44
CG LLP D 197 -11.49 -7.44 22.79
CD LLP D 197 -11.14 -6.19 23.52
CE LLP D 197 -11.32 -6.09 25.04
NZ LLP D 197 -10.26 -6.66 25.89
C LLP D 197 -12.03 -7.14 18.93
O LLP D 197 -11.52 -7.96 18.18
N ASN D 198 -13.10 -6.42 18.60
CA ASN D 198 -13.95 -6.81 17.46
C ASN D 198 -14.01 -5.78 16.35
N VAL D 199 -13.61 -4.50 16.55
CA VAL D 199 -13.86 -3.44 15.58
C VAL D 199 -12.76 -2.43 15.25
N GLY D 200 -11.53 -2.70 15.66
CA GLY D 200 -10.44 -1.79 15.33
C GLY D 200 -9.20 -2.11 16.11
N PRO D 201 -8.24 -1.20 16.09
CA PRO D 201 -7.05 -1.31 16.91
C PRO D 201 -7.27 -0.75 18.28
N SER D 202 -6.34 -1.03 19.19
CA SER D 202 -6.40 -0.48 20.55
CA SER D 202 -6.43 -0.49 20.55
C SER D 202 -6.17 1.02 20.51
N GLY D 203 -6.74 1.72 21.48
CA GLY D 203 -6.59 3.19 21.59
C GLY D 203 -7.89 3.97 21.43
N VAL D 204 -8.94 3.29 21.03
CA VAL D 204 -10.27 3.86 20.91
C VAL D 204 -11.26 3.03 21.73
N THR D 205 -12.17 3.72 22.43
CA THR D 205 -13.26 3.12 23.21
C THR D 205 -14.54 3.79 22.71
N ILE D 206 -15.61 3.02 22.49
CA ILE D 206 -16.85 3.58 22.03
C ILE D 206 -17.89 3.55 23.15
N VAL D 207 -18.59 4.66 23.35
CA VAL D 207 -19.67 4.77 24.33
C VAL D 207 -20.93 5.21 23.63
N ILE D 208 -22.00 4.40 23.75
CA ILE D 208 -23.34 4.70 23.24
C ILE D 208 -24.19 4.98 24.45
N ILE D 209 -24.69 6.19 24.57
CA ILE D 209 -25.35 6.62 25.79
C ILE D 209 -26.62 7.39 25.51
N ARG D 210 -27.67 7.07 26.26
CA ARG D 210 -28.95 7.79 26.09
C ARG D 210 -28.75 9.25 26.43
N LYS D 211 -29.23 10.14 25.57
CA LYS D 211 -28.97 11.57 25.73
C LYS D 211 -29.51 12.09 27.08
N ASP D 212 -30.64 11.55 27.53
CA ASP D 212 -31.20 12.03 28.79
C ASP D 212 -30.40 11.59 30.02
N LEU D 213 -29.37 10.76 29.85
CA LEU D 213 -28.48 10.40 30.94
C LEU D 213 -27.19 11.23 31.01
N ILE D 214 -26.98 12.08 30.02
CA ILE D 214 -25.74 12.87 29.93
C ILE D 214 -25.83 14.12 30.81
N GLY D 215 -24.77 14.37 31.59
CA GLY D 215 -24.69 15.52 32.49
C GLY D 215 -24.74 15.11 33.94
N ASN D 216 -24.58 16.10 34.78
CA ASN D 216 -24.62 15.91 36.23
C ASN D 216 -23.55 14.92 36.73
N ALA D 217 -22.36 14.95 36.11
CA ALA D 217 -21.23 14.19 36.65
C ALA D 217 -20.80 14.70 38.03
N GLN D 218 -20.24 13.80 38.81
CA GLN D 218 -19.67 14.18 40.10
C GLN D 218 -18.62 15.29 39.90
N ASP D 219 -18.51 16.17 40.90
CA ASP D 219 -17.59 17.30 40.81
CA ASP D 219 -17.56 17.28 40.94
C ASP D 219 -16.13 16.88 40.56
N ILE D 220 -15.72 15.71 41.07
CA ILE D 220 -14.37 15.19 40.94
C ILE D 220 -14.12 14.49 39.58
N THR D 221 -15.11 14.46 38.69
CA THR D 221 -14.90 13.82 37.43
C THR D 221 -13.87 14.60 36.56
N PRO D 222 -12.76 13.95 36.12
CA PRO D 222 -11.82 14.60 35.17
C PRO D 222 -12.54 15.07 33.93
N VAL D 223 -12.13 16.21 33.39
CA VAL D 223 -12.82 16.73 32.22
C VAL D 223 -12.76 15.65 31.13
N MET D 224 -11.67 14.87 31.07
CA MET D 224 -11.54 13.84 30.04
C MET D 224 -12.41 12.61 30.27
N LEU D 225 -13.05 12.50 31.45
CA LEU D 225 -13.99 11.41 31.69
C LEU D 225 -15.45 11.89 31.68
N ASP D 226 -15.69 13.19 31.40
CA ASP D 226 -17.04 13.76 31.50
C ASP D 226 -17.84 13.59 30.19
N TYR D 227 -18.93 12.85 30.26
CA TYR D 227 -19.68 12.57 29.06
C TYR D 227 -20.28 13.83 28.43
N LYS D 228 -20.73 14.80 29.25
CA LYS D 228 -21.31 16.03 28.69
C LYS D 228 -20.28 16.81 27.88
N ILE D 229 -19.06 16.89 28.38
CA ILE D 229 -17.99 17.52 27.64
C ILE D 229 -17.79 16.84 26.30
N HIS D 230 -17.72 15.51 26.30
CA HIS D 230 -17.45 14.80 25.07
C HIS D 230 -18.62 14.91 24.10
N ASP D 231 -19.84 14.83 24.62
CA ASP D 231 -21.02 14.98 23.76
C ASP D 231 -21.14 16.37 23.14
N GLU D 232 -20.99 17.41 23.95
CA GLU D 232 -21.19 18.74 23.40
C GLU D 232 -20.08 19.15 22.41
N ASN D 233 -18.91 18.49 22.52
CA ASN D 233 -17.80 18.73 21.58
C ASN D 233 -17.65 17.63 20.54
N SER D 234 -18.62 16.72 20.45
CA SER D 234 -18.64 15.67 19.44
C SER D 234 -17.33 14.84 19.41
N SER D 235 -16.83 14.53 20.61
CA SER D 235 -15.58 13.77 20.79
C SER D 235 -14.31 14.50 20.38
N LEU D 236 -14.41 15.81 20.20
CA LEU D 236 -13.29 16.63 19.80
C LEU D 236 -12.95 17.69 20.84
N TYR D 237 -13.23 17.40 22.12
CA TYR D 237 -12.87 18.35 23.15
C TYR D 237 -11.36 18.56 23.23
N ASN D 238 -10.62 17.47 23.23
CA ASN D 238 -9.17 17.50 23.08
C ASN D 238 -8.81 16.75 21.81
N THR D 239 -7.54 16.39 21.65
CA THR D 239 -7.11 15.69 20.44
C THR D 239 -7.56 14.24 20.51
N PRO D 240 -8.41 13.78 19.56
CA PRO D 240 -8.91 12.41 19.67
C PRO D 240 -7.89 11.46 19.10
N PRO D 241 -8.13 10.15 19.23
CA PRO D 241 -7.24 9.12 18.61
C PRO D 241 -7.60 9.00 17.14
N CYS D 242 -7.10 9.94 16.36
CA CYS D 242 -7.56 10.12 14.96
C CYS D 242 -7.38 8.86 14.15
N PHE D 243 -6.20 8.28 14.17
CA PHE D 243 -5.96 7.13 13.30
C PHE D 243 -6.79 5.94 13.75
N GLY D 244 -6.90 5.73 15.06
CA GLY D 244 -7.79 4.66 15.51
C GLY D 244 -9.24 4.82 15.13
N ILE D 245 -9.74 6.06 15.19
CA ILE D 245 -11.11 6.36 14.74
C ILE D 245 -11.28 6.06 13.23
N TYR D 246 -10.30 6.49 12.48
CA TYR D 246 -10.24 6.16 11.04
C TYR D 246 -10.29 4.67 10.78
N MET D 247 -9.49 3.90 11.52
CA MET D 247 -9.50 2.45 11.39
C MET D 247 -10.87 1.85 11.71
N CYS D 248 -11.47 2.26 12.83
CA CYS D 248 -12.82 1.83 13.15
C CYS D 248 -13.79 2.17 12.00
N GLY D 249 -13.68 3.39 11.45
CA GLY D 249 -14.48 3.77 10.30
C GLY D 249 -14.35 2.78 9.15
N LEU D 250 -13.12 2.36 8.86
CA LEU D 250 -12.93 1.36 7.80
C LEU D 250 -13.64 0.05 8.13
N VAL D 251 -13.54 -0.40 9.36
CA VAL D 251 -14.22 -1.62 9.77
C VAL D 251 -15.73 -1.50 9.65
N PHE D 252 -16.27 -0.39 10.13
CA PHE D 252 -17.73 -0.20 10.06
C PHE D 252 -18.22 -0.16 8.61
N GLU D 253 -17.54 0.58 7.74
CA GLU D 253 -17.90 0.66 6.30
C GLU D 253 -17.91 -0.73 5.70
N ASP D 254 -16.91 -1.53 6.08
CA ASP D 254 -16.83 -2.89 5.56
C ASP D 254 -17.92 -3.80 6.13
N LEU D 255 -18.28 -3.67 7.41
CA LEU D 255 -19.42 -4.44 7.93
C LEU D 255 -20.74 -4.10 7.21
N LEU D 256 -20.92 -2.85 6.82
CA LEU D 256 -22.08 -2.46 6.00
C LEU D 256 -22.01 -3.17 4.65
N GLU D 257 -20.82 -3.20 4.05
CA GLU D 257 -20.64 -3.85 2.75
C GLU D 257 -20.97 -5.36 2.83
N GLN D 258 -20.69 -5.99 3.98
CA GLN D 258 -20.99 -7.40 4.18
C GLN D 258 -22.51 -7.71 4.33
N GLY D 259 -23.34 -6.68 4.41
CA GLY D 259 -24.78 -6.79 4.58
C GLY D 259 -25.30 -6.43 5.95
N GLY D 260 -24.45 -5.83 6.80
CA GLY D 260 -24.90 -5.39 8.09
C GLY D 260 -24.90 -6.50 9.12
N LEU D 261 -25.34 -6.15 10.32
CA LEU D 261 -25.17 -7.06 11.48
C LEU D 261 -26.03 -8.30 11.47
N LYS D 262 -27.16 -8.32 10.76
CA LYS D 262 -27.88 -9.61 10.62
C LYS D 262 -27.05 -10.65 9.89
N GLU D 263 -26.32 -10.24 8.85
CA GLU D 263 -25.44 -11.15 8.11
C GLU D 263 -24.16 -11.49 8.87
N VAL D 264 -23.60 -10.50 9.53
CA VAL D 264 -22.43 -10.72 10.38
C VAL D 264 -22.77 -11.79 11.44
N GLU D 265 -23.96 -11.67 12.04
CA GLU D 265 -24.38 -12.62 13.06
C GLU D 265 -24.50 -14.02 12.47
N LYS D 266 -25.09 -14.11 11.28
CA LYS D 266 -25.21 -15.43 10.62
C LYS D 266 -23.86 -16.07 10.41
N LYS D 267 -22.86 -15.28 9.98
CA LYS D 267 -21.53 -15.86 9.73
C LYS D 267 -20.83 -16.22 11.05
N ASN D 268 -21.03 -15.41 12.07
CA ASN D 268 -20.50 -15.73 13.41
C ASN D 268 -21.11 -16.99 14.02
N GLN D 269 -22.43 -17.17 13.83
CA GLN D 269 -23.08 -18.36 14.36
C GLN D 269 -22.57 -19.60 13.62
N ARG D 270 -22.46 -19.51 12.30
CA ARG D 270 -22.02 -20.63 11.47
CA ARG D 270 -22.02 -20.64 11.48
C ARG D 270 -20.63 -21.12 11.89
N LYS D 271 -19.68 -20.19 12.03
CA LYS D 271 -18.31 -20.61 12.31
C LYS D 271 -18.14 -21.06 13.75
N ALA D 272 -18.82 -20.40 14.69
CA ALA D 272 -18.83 -20.87 16.08
C ALA D 272 -19.43 -22.29 16.17
N ASP D 273 -20.53 -22.53 15.46
CA ASP D 273 -21.16 -23.87 15.46
C ASP D 273 -20.18 -24.96 14.99
N LEU D 274 -19.34 -24.66 14.00
CA LEU D 274 -18.35 -25.63 13.57
C LEU D 274 -17.47 -26.06 14.70
N LEU D 275 -16.99 -25.08 15.47
CA LEU D 275 -16.07 -25.38 16.53
C LEU D 275 -16.81 -26.06 17.69
N TYR D 276 -17.92 -25.51 18.13
CA TYR D 276 -18.69 -26.11 19.23
C TYR D 276 -19.17 -27.53 18.90
N ASN D 277 -19.58 -27.75 17.66
CA ASN D 277 -20.01 -29.10 17.24
C ASN D 277 -18.84 -30.07 17.24
N ALA D 278 -17.66 -29.63 16.77
CA ALA D 278 -16.44 -30.45 16.85
C ALA D 278 -16.14 -30.87 18.30
N ILE D 279 -16.20 -29.92 19.23
CA ILE D 279 -16.03 -30.25 20.64
C ILE D 279 -17.10 -31.24 21.16
N GLU D 280 -18.36 -30.98 20.89
CA GLU D 280 -19.40 -31.86 21.45
C GLU D 280 -19.37 -33.24 20.85
N GLU D 281 -18.95 -33.35 19.60
CA GLU D 281 -18.93 -34.65 18.93
C GLU D 281 -17.67 -35.46 19.28
N SER D 282 -16.79 -34.89 20.10
CA SER D 282 -15.47 -35.47 20.32
C SER D 282 -15.48 -36.60 21.37
N ASN D 283 -16.66 -37.02 21.82
CA ASN D 283 -16.75 -38.08 22.82
CA ASN D 283 -16.75 -38.09 22.83
C ASN D 283 -15.89 -37.73 24.04
N GLY D 284 -15.98 -36.46 24.45
CA GLY D 284 -15.25 -35.95 25.60
C GLY D 284 -13.78 -35.62 25.45
N PHE D 285 -13.16 -35.89 24.30
CA PHE D 285 -11.71 -35.63 24.13
C PHE D 285 -11.42 -34.13 24.36
N PHE D 286 -12.33 -33.28 23.86
CA PHE D 286 -12.31 -31.83 24.11
C PHE D 286 -13.59 -31.51 24.94
N ARG D 287 -13.52 -30.52 25.82
CA ARG D 287 -14.66 -30.13 26.64
C ARG D 287 -14.76 -28.62 26.75
N CYS D 288 -16.00 -28.13 26.65
CA CYS D 288 -16.32 -26.73 26.92
CA CYS D 288 -16.36 -26.72 26.91
C CYS D 288 -17.09 -26.65 28.24
N PRO D 289 -16.57 -25.87 29.21
CA PRO D 289 -17.19 -25.78 30.54
C PRO D 289 -18.48 -24.96 30.61
N VAL D 290 -18.71 -24.12 29.63
CA VAL D 290 -19.81 -23.14 29.70
C VAL D 290 -21.14 -23.83 29.42
N GLU D 291 -22.17 -23.45 30.17
CA GLU D 291 -23.53 -23.91 29.90
C GLU D 291 -23.96 -23.57 28.45
N LYS D 292 -24.55 -24.55 27.80
CA LYS D 292 -24.75 -24.50 26.38
C LYS D 292 -25.51 -23.26 25.85
N SER D 293 -26.55 -22.81 26.53
CA SER D 293 -27.36 -21.71 26.03
C SER D 293 -26.65 -20.35 26.09
N VAL D 294 -25.55 -20.28 26.81
CA VAL D 294 -24.81 -19.01 26.94
C VAL D 294 -23.38 -19.08 26.40
N ARG D 295 -23.10 -20.04 25.53
CA ARG D 295 -21.76 -20.16 24.96
C ARG D 295 -21.53 -18.99 23.99
N SER D 296 -20.44 -18.28 24.22
CA SER D 296 -20.04 -17.12 23.42
C SER D 296 -19.72 -17.51 21.98
N LEU D 297 -20.19 -16.68 21.06
CA LEU D 297 -19.80 -16.83 19.66
C LEU D 297 -18.40 -16.28 19.33
N MET D 298 -17.86 -15.49 20.26
CA MET D 298 -16.59 -14.80 20.05
C MET D 298 -15.37 -15.46 20.72
N ASN D 299 -15.55 -15.98 21.93
CA ASN D 299 -14.43 -16.54 22.69
C ASN D 299 -14.85 -17.95 23.17
N VAL D 300 -14.12 -18.95 22.71
CA VAL D 300 -14.42 -20.34 22.94
C VAL D 300 -13.38 -21.02 23.80
N PRO D 301 -13.63 -21.14 25.12
CA PRO D 301 -12.71 -21.85 26.03
C PRO D 301 -12.97 -23.34 25.95
N PHE D 302 -11.90 -24.12 25.89
CA PHE D 302 -12.06 -25.55 25.94
C PHE D 302 -10.81 -26.18 26.53
N THR D 303 -11.00 -27.37 27.08
CA THR D 303 -9.93 -28.16 27.64
C THR D 303 -9.82 -29.51 26.97
N LEU D 304 -8.68 -30.15 27.20
CA LEU D 304 -8.38 -31.52 26.78
CA LEU D 304 -8.46 -31.51 26.75
C LEU D 304 -8.62 -32.47 27.95
N GLU D 305 -9.35 -33.54 27.71
CA GLU D 305 -9.50 -34.63 28.66
CA GLU D 305 -9.51 -34.57 28.71
C GLU D 305 -8.14 -35.14 29.05
N LYS D 306 -7.28 -35.30 28.06
CA LYS D 306 -5.89 -35.71 28.28
C LYS D 306 -5.02 -34.47 28.27
N SER D 307 -5.05 -33.76 29.38
CA SER D 307 -4.38 -32.47 29.48
C SER D 307 -2.87 -32.56 29.40
N GLU D 308 -2.30 -33.74 29.59
CA GLU D 308 -0.88 -33.94 29.26
C GLU D 308 -0.49 -33.55 27.84
N LEU D 309 -1.47 -33.52 26.94
CA LEU D 309 -1.25 -33.21 25.51
C LEU D 309 -1.28 -31.72 25.16
N GLU D 310 -1.46 -30.84 26.15
CA GLU D 310 -1.57 -29.40 25.87
C GLU D 310 -0.40 -28.82 25.15
N ALA D 311 0.81 -29.14 25.61
CA ALA D 311 2.00 -28.56 24.97
C ALA D 311 2.08 -28.97 23.52
N GLU D 312 1.79 -30.24 23.21
CA GLU D 312 1.89 -30.67 21.82
CA GLU D 312 1.87 -30.71 21.85
C GLU D 312 0.79 -29.99 21.01
N PHE D 313 -0.39 -29.84 21.60
CA PHE D 313 -1.52 -29.26 20.87
C PHE D 313 -1.14 -27.86 20.44
N ILE D 314 -0.63 -27.06 21.36
CA ILE D 314 -0.27 -25.69 21.01
C ILE D 314 0.89 -25.59 20.01
N LYS D 315 1.94 -26.39 20.27
CA LYS D 315 3.13 -26.39 19.43
C LYS D 315 2.82 -26.81 18.01
N GLU D 316 2.02 -27.86 17.84
CA GLU D 316 1.66 -28.33 16.55
C GLU D 316 0.67 -27.40 15.86
N ALA D 317 -0.18 -26.73 16.64
CA ALA D 317 -1.08 -25.76 16.01
C ALA D 317 -0.29 -24.59 15.44
N ALA D 318 0.74 -24.13 16.15
CA ALA D 318 1.55 -23.00 15.69
C ALA D 318 2.34 -23.33 14.44
N LYS D 319 2.83 -24.56 14.33
CA LYS D 319 3.45 -25.00 13.09
C LYS D 319 2.50 -24.95 11.92
N GLU D 320 1.21 -25.19 12.19
CA GLU D 320 0.19 -25.10 11.18
C GLU D 320 -0.44 -23.68 11.10
N LYS D 321 0.29 -22.69 11.60
CA LYS D 321 -0.04 -21.27 11.46
C LYS D 321 -1.32 -20.85 12.20
N MET D 322 -1.57 -21.50 13.33
CA MET D 322 -2.67 -21.10 14.21
C MET D 322 -2.04 -20.75 15.56
N VAL D 323 -2.16 -19.49 15.95
CA VAL D 323 -1.41 -18.96 17.06
C VAL D 323 -2.36 -18.33 18.09
N GLN D 324 -1.85 -18.22 19.31
CA GLN D 324 -2.58 -17.60 20.44
C GLN D 324 -3.83 -18.34 20.83
N LEU D 325 -3.70 -19.67 20.92
CA LEU D 325 -4.79 -20.53 21.31
C LEU D 325 -4.75 -20.92 22.80
N LYS D 326 -3.67 -20.57 23.52
CA LYS D 326 -3.56 -20.98 24.90
C LYS D 326 -4.61 -20.24 25.74
N GLY D 327 -5.22 -20.95 26.67
CA GLY D 327 -6.21 -20.35 27.52
C GLY D 327 -5.60 -19.39 28.51
N HIS D 328 -6.41 -18.48 28.99
CA HIS D 328 -5.95 -17.47 29.91
C HIS D 328 -5.41 -18.18 31.16
N ARG D 329 -4.40 -17.61 31.79
CA ARG D 329 -3.72 -18.24 32.93
C ARG D 329 -4.67 -18.59 34.08
N SER D 330 -5.59 -17.65 34.34
CA SER D 330 -6.57 -17.79 35.41
C SER D 330 -7.49 -19.00 35.20
N VAL D 331 -7.52 -19.54 33.98
CA VAL D 331 -8.39 -20.67 33.64
C VAL D 331 -7.65 -21.96 33.24
N GLY D 332 -6.57 -21.86 32.45
CA GLY D 332 -5.98 -23.09 31.83
C GLY D 332 -6.56 -23.44 30.44
N GLY D 333 -6.21 -24.60 29.91
CA GLY D 333 -6.71 -25.15 28.64
C GLY D 333 -6.45 -24.26 27.43
N MET D 334 -7.45 -24.17 26.54
N MET D 334 -7.42 -24.19 26.52
CA MET D 334 -7.36 -23.45 25.27
CA MET D 334 -7.32 -23.41 25.29
C MET D 334 -8.48 -22.41 25.18
C MET D 334 -8.50 -22.44 25.13
N ARG D 335 -8.19 -21.36 24.41
CA ARG D 335 -9.22 -20.36 24.17
C ARG D 335 -9.08 -19.96 22.74
N ALA D 336 -10.05 -20.29 21.92
CA ALA D 336 -10.05 -19.84 20.52
C ALA D 336 -10.92 -18.60 20.42
N SER D 337 -10.30 -17.44 20.18
CA SER D 337 -11.10 -16.24 19.93
C SER D 337 -11.35 -16.17 18.41
N ILE D 338 -12.62 -16.03 18.04
CA ILE D 338 -13.10 -16.16 16.68
C ILE D 338 -14.01 -14.99 16.36
N TYR D 339 -13.41 -13.81 16.40
CA TYR D 339 -14.10 -12.54 16.20
C TYR D 339 -14.61 -12.38 14.76
N ASN D 340 -15.36 -11.29 14.51
CA ASN D 340 -15.91 -11.04 13.17
C ASN D 340 -14.90 -11.32 12.07
N ALA D 341 -13.69 -10.79 12.23
CA ALA D 341 -12.68 -10.81 11.17
C ALA D 341 -11.89 -12.12 11.05
N MET D 342 -12.07 -13.07 11.97
CA MET D 342 -11.44 -14.37 11.84
C MET D 342 -12.05 -15.06 10.62
N PRO D 343 -11.21 -15.35 9.59
CA PRO D 343 -11.83 -16.00 8.44
C PRO D 343 -12.49 -17.36 8.76
N LEU D 344 -13.58 -17.67 8.09
CA LEU D 344 -14.19 -19.01 8.17
C LEU D 344 -13.11 -20.09 7.99
N ALA D 345 -12.18 -19.88 7.04
CA ALA D 345 -11.11 -20.87 6.76
C ALA D 345 -10.21 -21.14 7.97
N GLY D 346 -10.03 -20.14 8.83
CA GLY D 346 -9.24 -20.30 10.01
C GLY D 346 -9.92 -21.21 11.02
N VAL D 347 -11.23 -21.05 11.19
CA VAL D 347 -11.99 -21.95 12.07
C VAL D 347 -12.01 -23.36 11.47
N GLU D 348 -12.23 -23.45 10.16
CA GLU D 348 -12.15 -24.75 9.45
C GLU D 348 -10.79 -25.42 9.64
N LYS D 349 -9.70 -24.67 9.58
CA LYS D 349 -8.38 -25.23 9.81
C LYS D 349 -8.24 -25.76 11.25
N LEU D 350 -8.68 -24.96 12.21
CA LEU D 350 -8.65 -25.40 13.60
C LEU D 350 -9.48 -26.65 13.82
N VAL D 351 -10.69 -26.72 13.29
CA VAL D 351 -11.52 -27.90 13.47
C VAL D 351 -10.86 -29.14 12.85
N ALA D 352 -10.30 -28.98 11.66
CA ALA D 352 -9.61 -30.14 11.01
C ALA D 352 -8.41 -30.59 11.83
N PHE D 353 -7.69 -29.61 12.39
CA PHE D 353 -6.55 -29.91 13.23
C PHE D 353 -6.99 -30.70 14.46
N MET D 354 -8.08 -30.26 15.08
CA MET D 354 -8.60 -30.93 16.28
C MET D 354 -9.00 -32.35 15.97
N LYS D 355 -9.69 -32.52 14.85
CA LYS D 355 -10.09 -33.88 14.45
C LYS D 355 -8.90 -34.81 14.20
N ASP D 356 -7.86 -34.30 13.57
CA ASP D 356 -6.67 -35.10 13.32
CA ASP D 356 -6.66 -35.11 13.31
C ASP D 356 -5.95 -35.43 14.63
N PHE D 357 -5.91 -34.43 15.53
CA PHE D 357 -5.21 -34.55 16.81
C PHE D 357 -5.92 -35.60 17.63
N GLN D 358 -7.23 -35.54 17.62
CA GLN D 358 -8.00 -36.55 18.35
C GLN D 358 -7.77 -37.96 17.77
N ALA D 359 -7.74 -38.09 16.44
CA ALA D 359 -7.47 -39.40 15.83
C ALA D 359 -6.11 -39.92 16.21
N LYS D 360 -5.11 -39.05 16.20
CA LYS D 360 -3.76 -39.43 16.61
C LYS D 360 -3.66 -39.87 18.04
N HIS D 361 -4.41 -39.26 18.97
CA HIS D 361 -4.14 -39.37 20.42
C HIS D 361 -5.27 -40.03 21.23
N ALA D 362 -6.28 -40.49 20.52
CA ALA D 362 -7.44 -41.09 21.18
C ALA D 362 -7.05 -42.35 21.93
S SO4 E . 14.83 -23.60 -37.24
O1 SO4 E . 14.99 -22.95 -38.56
O2 SO4 E . 16.12 -24.13 -36.76
O3 SO4 E . 13.83 -24.69 -37.35
O4 SO4 E . 14.33 -22.60 -36.29
S SO4 F . -2.40 -12.07 -52.10
O1 SO4 F . -1.11 -11.37 -52.41
O2 SO4 F . -2.31 -13.40 -52.73
O3 SO4 F . -2.55 -12.16 -50.62
O4 SO4 F . -3.52 -11.26 -52.62
S SO4 G . -13.47 -3.28 -41.32
O1 SO4 G . -12.30 -2.43 -40.93
O2 SO4 G . -13.75 -3.13 -42.77
O3 SO4 G . -13.12 -4.67 -41.04
O4 SO4 G . -14.62 -2.76 -40.56
S SO4 H . -5.20 -15.25 -5.28
O1 SO4 H . -5.79 -13.89 -5.27
O2 SO4 H . -4.63 -15.55 -6.64
O3 SO4 H . -4.17 -15.32 -4.21
O4 SO4 H . -6.28 -16.24 -4.98
S SO4 I . -10.84 0.38 -36.33
O1 SO4 I . -9.38 0.24 -36.51
O2 SO4 I . -11.50 -0.79 -36.93
O3 SO4 I . -11.16 0.46 -34.88
O4 SO4 I . -11.31 1.60 -37.04
C1 PEG J . -5.28 -30.52 -37.66
O1 PEG J . -6.61 -30.42 -38.18
C2 PEG J . -4.37 -31.19 -38.67
O2 PEG J . -3.20 -30.40 -38.87
C3 PEG J . -2.35 -30.84 -39.93
C4 PEG J . -2.37 -29.76 -41.01
O4 PEG J . -1.06 -29.46 -41.50
S SO4 K . 6.14 4.85 -44.84
O1 SO4 K . 7.14 5.93 -44.63
O2 SO4 K . 6.67 3.88 -45.82
O3 SO4 K . 5.90 4.11 -43.58
O4 SO4 K . 4.87 5.46 -45.30
S SO4 L . -12.48 8.71 -21.20
O1 SO4 L . -12.05 9.89 -21.95
O2 SO4 L . -12.43 7.50 -22.07
O3 SO4 L . -11.58 8.51 -20.04
O4 SO4 L . -13.85 8.89 -20.70
C1 PEG M . 35.22 5.31 -15.08
O1 PEG M . 36.45 5.00 -15.74
C2 PEG M . 35.09 4.58 -13.76
O2 PEG M . 35.50 5.44 -12.70
C3 PEG M . 36.65 5.00 -12.00
C4 PEG M . 37.89 5.15 -12.88
O4 PEG M . 38.16 3.94 -13.60
C1 MRD N . -9.97 -0.43 -31.33
C2 MRD N . -8.98 0.44 -30.55
O2 MRD N . -7.69 0.36 -31.17
CM MRD N . -9.48 1.87 -30.57
C3 MRD N . -8.88 -0.14 -29.14
C4 MRD N . -8.03 -1.42 -29.12
O4 MRD N . -8.41 -2.22 -27.99
C5 MRD N . -6.56 -1.11 -29.04
S SO4 O . -0.42 3.32 46.55
O1 SO4 O . 0.90 3.95 46.79
O2 SO4 O . -0.75 3.45 45.12
O3 SO4 O . -0.36 1.91 46.93
O4 SO4 O . -1.45 4.00 47.35
S SO4 P . -8.38 27.74 45.25
O1 SO4 P . -8.84 29.03 44.67
O2 SO4 P . -7.69 26.89 44.22
O3 SO4 P . -7.53 27.99 46.44
O4 SO4 P . -9.60 27.01 45.72
S SO4 Q . -6.78 32.36 28.24
O1 SO4 Q . -6.43 33.00 26.94
O2 SO4 Q . -5.63 31.73 28.90
O3 SO4 Q . -7.81 31.32 27.99
O4 SO4 Q . -7.38 33.38 29.15
S SO4 R . -9.02 28.26 23.54
O1 SO4 R . -10.15 29.11 23.11
O2 SO4 R . -8.33 27.69 22.37
O3 SO4 R . -9.54 27.19 24.41
O4 SO4 R . -8.06 29.06 24.35
C1 PEG S . 10.65 17.15 46.11
O1 PEG S . 9.59 17.76 46.85
C2 PEG S . 11.80 18.13 45.90
O2 PEG S . 12.31 17.99 44.57
C3 PEG S . 13.61 18.54 44.40
C4 PEG S . 13.79 18.98 42.95
O4 PEG S . 13.46 20.35 42.80
C1 MRD T . -4.21 -10.64 31.84
C2 MRD T . -4.98 -10.00 30.70
O2 MRD T . -4.20 -10.08 29.50
CM MRD T . -6.31 -10.68 30.46
C3 MRD T . -5.25 -8.52 30.88
C4 MRD T . -5.79 -7.95 29.55
O4 MRD T . -5.49 -8.79 28.45
C5 MRD T . -5.28 -6.58 29.16
S SO4 U . -23.10 19.41 34.10
O1 SO4 U . -21.89 18.84 33.47
O2 SO4 U . -23.33 20.76 33.54
O3 SO4 U . -22.85 19.46 35.56
O4 SO4 U . -24.28 18.56 33.84
#